data_2LOP
#
_entry.id   2LOP
#
_entity_poly.entity_id   1
_entity_poly.type   'polypeptide(L)'
_entity_poly.pdbx_seq_one_letter_code
;MTSLYKKVGMDLIGFGYAALVTFGSIFGYKRRGGVPSLIAGLFVGCLAGYGAYRVSNDKRDVKVSLFTAFFLATIMGVRF
KRSKKIMPAGLVAGLSLMMILRLVLLLL
;
_entity_poly.pdbx_strand_id   A
#
# COMPACT_ATOMS: atom_id res chain seq x y z
N MET A 10 5.79 -6.18 24.57
CA MET A 10 6.37 -7.46 24.94
C MET A 10 7.87 -7.32 25.21
N ASP A 11 8.25 -7.62 26.45
CA ASP A 11 9.64 -7.52 26.84
C ASP A 11 10.12 -6.08 26.72
N LEU A 12 10.62 -5.55 27.83
CA LEU A 12 11.11 -4.19 27.86
C LEU A 12 12.64 -4.20 27.80
N ILE A 13 13.15 -4.49 26.61
CA ILE A 13 14.59 -4.53 26.42
C ILE A 13 15.00 -3.49 25.37
N GLY A 14 16.29 -3.35 25.19
CA GLY A 14 16.82 -2.39 24.23
C GLY A 14 15.94 -2.35 22.97
N PHE A 15 15.49 -1.15 22.65
CA PHE A 15 14.65 -0.97 21.47
C PHE A 15 15.49 -0.77 20.22
N GLY A 16 16.36 0.24 20.28
CA GLY A 16 17.22 0.55 19.16
C GLY A 16 17.70 -0.73 18.46
N TYR A 17 18.28 -1.62 19.25
CA TYR A 17 18.78 -2.87 18.73
C TYR A 17 17.72 -3.56 17.86
N ALA A 18 16.53 -3.68 18.42
CA ALA A 18 15.43 -4.32 17.70
C ALA A 18 15.19 -3.57 16.40
N ALA A 19 15.41 -2.26 16.44
CA ALA A 19 15.22 -1.43 15.26
C ALA A 19 16.32 -1.73 14.24
N LEU A 20 17.47 -2.12 14.77
CA LEU A 20 18.61 -2.43 13.92
C LEU A 20 18.34 -3.75 13.18
N VAL A 21 18.18 -4.80 13.96
CA VAL A 21 17.91 -6.12 13.39
C VAL A 21 16.72 -6.03 12.45
N THR A 22 15.73 -5.25 12.85
CA THR A 22 14.53 -5.06 12.06
C THR A 22 14.88 -4.48 10.69
N PHE A 23 15.61 -3.38 10.72
CA PHE A 23 16.02 -2.72 9.49
C PHE A 23 16.76 -3.69 8.57
N GLY A 24 17.78 -4.31 9.12
CA GLY A 24 18.57 -5.26 8.36
C GLY A 24 17.71 -6.40 7.83
N SER A 25 17.23 -7.23 8.76
CA SER A 25 16.39 -8.36 8.40
C SER A 25 15.39 -7.94 7.33
N ILE A 26 14.65 -6.89 7.63
CA ILE A 26 13.65 -6.38 6.70
C ILE A 26 14.27 -6.24 5.31
N PHE A 27 15.44 -5.61 5.28
CA PHE A 27 16.15 -5.41 4.03
C PHE A 27 16.42 -6.74 3.33
N GLY A 28 16.69 -7.75 4.14
CA GLY A 28 16.97 -9.08 3.61
C GLY A 28 15.68 -9.79 3.22
N TYR A 29 14.57 -9.31 3.77
CA TYR A 29 13.27 -9.88 3.48
C TYR A 29 13.36 -11.40 3.39
N LYS A 30 13.14 -12.06 4.52
CA LYS A 30 13.18 -13.51 4.58
C LYS A 30 12.70 -13.97 5.95
N ARG A 31 11.51 -13.52 6.31
CA ARG A 31 10.91 -13.87 7.58
C ARG A 31 9.38 -13.85 7.48
N ARG A 32 8.87 -12.70 7.09
CA ARG A 32 7.43 -12.53 6.95
C ARG A 32 6.84 -13.67 6.13
N GLY A 33 5.51 -13.70 6.08
CA GLY A 33 4.81 -14.74 5.34
C GLY A 33 3.39 -14.92 5.86
N GLY A 34 2.60 -13.88 5.68
CA GLY A 34 1.21 -13.92 6.14
C GLY A 34 0.25 -13.66 4.97
N VAL A 35 0.61 -12.70 4.13
CA VAL A 35 -0.20 -12.35 2.98
C VAL A 35 -1.65 -12.14 3.43
N PRO A 36 -1.84 -11.09 4.28
CA PRO A 36 -3.16 -10.78 4.78
C PRO A 36 -4.01 -10.10 3.71
N SER A 37 -3.42 -9.12 3.03
CA SER A 37 -4.10 -8.41 1.98
C SER A 37 -3.22 -7.28 1.45
N LEU A 38 -2.59 -6.57 2.38
CA LEU A 38 -1.72 -5.48 2.01
C LEU A 38 -0.87 -5.88 0.80
N ILE A 39 -0.30 -7.07 0.89
CA ILE A 39 0.53 -7.59 -0.18
C ILE A 39 -0.22 -7.45 -1.51
N ALA A 40 -1.43 -7.97 -1.53
CA ALA A 40 -2.26 -7.92 -2.72
C ALA A 40 -2.44 -6.45 -3.14
N GLY A 41 -2.45 -5.58 -2.14
CA GLY A 41 -2.61 -4.16 -2.39
C GLY A 41 -1.36 -3.56 -3.02
N LEU A 42 -0.23 -4.17 -2.69
CA LEU A 42 1.05 -3.71 -3.22
C LEU A 42 1.17 -4.13 -4.68
N PHE A 43 0.79 -5.37 -4.94
CA PHE A 43 0.85 -5.90 -6.29
C PHE A 43 -0.10 -5.13 -7.23
N VAL A 44 -1.34 -5.02 -6.80
CA VAL A 44 -2.35 -4.32 -7.59
C VAL A 44 -1.92 -2.87 -7.77
N GLY A 45 -1.75 -2.19 -6.64
CA GLY A 45 -1.35 -0.79 -6.66
C GLY A 45 -0.09 -0.59 -7.52
N CYS A 46 0.82 -1.55 -7.40
CA CYS A 46 2.06 -1.50 -8.16
C CYS A 46 1.71 -1.41 -9.65
N LEU A 47 1.15 -2.50 -10.16
CA LEU A 47 0.78 -2.55 -11.56
C LEU A 47 0.13 -1.23 -11.97
N ALA A 48 -0.69 -0.71 -11.06
CA ALA A 48 -1.37 0.55 -11.30
C ALA A 48 -0.35 1.64 -11.60
N GLY A 49 0.41 1.99 -10.56
CA GLY A 49 1.43 3.01 -10.70
C GLY A 49 2.40 2.67 -11.84
N TYR A 50 3.16 1.62 -11.63
CA TYR A 50 4.14 1.18 -12.62
C TYR A 50 3.57 1.35 -14.04
N GLY A 51 2.45 0.68 -14.28
CA GLY A 51 1.81 0.74 -15.57
C GLY A 51 1.64 2.19 -16.04
N ALA A 52 1.05 2.99 -15.16
CA ALA A 52 0.82 4.40 -15.46
C ALA A 52 2.15 5.05 -15.87
N TYR A 53 3.23 4.55 -15.28
CA TYR A 53 4.55 5.07 -15.57
C TYR A 53 5.06 4.54 -16.92
N ARG A 54 4.61 3.35 -17.27
CA ARG A 54 5.00 2.73 -18.52
C ARG A 54 4.47 3.54 -19.70
N VAL A 55 3.21 3.94 -19.58
CA VAL A 55 2.57 4.72 -20.64
C VAL A 55 2.41 3.84 -21.88
N SER A 56 1.41 2.98 -21.85
CA SER A 56 1.14 2.08 -22.96
C SER A 56 -0.30 2.27 -23.44
N ASN A 57 -1.21 2.25 -22.48
CA ASN A 57 -2.62 2.41 -22.79
C ASN A 57 -3.38 2.84 -21.53
N ASP A 58 -3.15 2.10 -20.46
CA ASP A 58 -3.79 2.40 -19.19
C ASP A 58 -3.79 3.91 -18.96
N LYS A 59 -4.72 4.36 -18.14
CA LYS A 59 -4.83 5.77 -17.83
C LYS A 59 -3.50 6.27 -17.27
N ARG A 60 -3.49 7.55 -16.92
CA ARG A 60 -2.29 8.16 -16.37
C ARG A 60 -2.19 7.89 -14.87
N ASP A 61 -1.03 8.22 -14.32
CA ASP A 61 -0.80 8.02 -12.90
C ASP A 61 -1.87 8.76 -12.10
N VAL A 62 -1.79 8.61 -10.78
CA VAL A 62 -2.74 9.25 -9.90
C VAL A 62 -4.13 8.63 -10.10
N LYS A 63 -4.75 9.00 -11.21
CA LYS A 63 -6.08 8.49 -11.55
C LYS A 63 -6.10 6.98 -11.31
N VAL A 64 -5.05 6.32 -11.77
CA VAL A 64 -4.94 4.88 -11.63
C VAL A 64 -5.39 4.48 -10.22
N SER A 65 -4.73 5.07 -9.23
CA SER A 65 -5.05 4.79 -7.84
C SER A 65 -6.56 4.87 -7.63
N LEU A 66 -7.14 5.93 -8.16
CA LEU A 66 -8.58 6.15 -8.04
C LEU A 66 -9.32 4.91 -8.57
N PHE A 67 -8.82 4.40 -9.68
CA PHE A 67 -9.43 3.22 -10.29
C PHE A 67 -9.13 1.97 -9.48
N THR A 68 -8.05 2.04 -8.70
CA THR A 68 -7.66 0.92 -7.87
C THR A 68 -8.59 0.77 -6.68
N ALA A 69 -8.84 1.89 -6.02
CA ALA A 69 -9.73 1.90 -4.87
C ALA A 69 -11.16 1.64 -5.32
N PHE A 70 -11.50 2.24 -6.46
CA PHE A 70 -12.84 2.08 -7.01
C PHE A 70 -13.14 0.62 -7.32
N PHE A 71 -12.21 -0.01 -8.03
CA PHE A 71 -12.37 -1.40 -8.40
C PHE A 71 -12.44 -2.30 -7.16
N LEU A 72 -11.51 -2.05 -6.25
CA LEU A 72 -11.44 -2.82 -5.01
C LEU A 72 -12.80 -2.74 -4.30
N ALA A 73 -13.18 -1.51 -3.98
CA ALA A 73 -14.45 -1.28 -3.30
C ALA A 73 -15.57 -2.00 -4.06
N THR A 74 -15.60 -1.76 -5.36
CA THR A 74 -16.62 -2.37 -6.20
C THR A 74 -16.59 -3.89 -6.05
N ILE A 75 -15.39 -4.40 -5.80
CA ILE A 75 -15.22 -5.84 -5.63
C ILE A 75 -15.71 -6.25 -4.24
N MET A 76 -15.61 -5.32 -3.31
CA MET A 76 -16.05 -5.57 -1.94
C MET A 76 -17.57 -5.62 -1.85
N GLY A 77 -18.20 -4.57 -2.35
CA GLY A 77 -19.65 -4.49 -2.34
C GLY A 77 -20.13 -3.43 -1.34
N VAL A 78 -19.77 -3.63 -0.09
CA VAL A 78 -20.16 -2.70 0.97
C VAL A 78 -19.16 -1.54 1.00
N ARG A 79 -19.57 -0.44 0.41
CA ARG A 79 -18.73 0.75 0.36
C ARG A 79 -18.28 1.13 1.77
N PHE A 80 -17.19 1.88 1.83
CA PHE A 80 -16.65 2.32 3.10
C PHE A 80 -17.77 2.67 4.08
N LYS A 81 -17.54 2.32 5.34
CA LYS A 81 -18.52 2.60 6.38
C LYS A 81 -17.88 2.37 7.75
N ARG A 82 -17.88 3.42 8.55
CA ARG A 82 -17.30 3.35 9.89
C ARG A 82 -17.92 2.17 10.66
N SER A 83 -17.05 1.25 11.06
CA SER A 83 -17.49 0.08 11.80
C SER A 83 -16.27 -0.65 12.39
N LYS A 84 -16.56 -1.73 13.09
CA LYS A 84 -15.51 -2.53 13.71
C LYS A 84 -14.47 -2.90 12.65
N LYS A 85 -13.39 -3.49 13.13
CA LYS A 85 -12.31 -3.92 12.23
C LYS A 85 -11.79 -2.70 11.46
N ILE A 86 -10.81 -2.96 10.62
CA ILE A 86 -10.22 -1.90 9.82
C ILE A 86 -10.12 -2.36 8.36
N MET A 87 -10.92 -3.36 8.03
CA MET A 87 -10.94 -3.90 6.69
C MET A 87 -11.32 -2.83 5.67
N PRO A 88 -12.44 -2.13 5.96
CA PRO A 88 -12.91 -1.07 5.08
C PRO A 88 -12.06 0.19 5.22
N ALA A 89 -11.97 0.66 6.45
CA ALA A 89 -11.19 1.86 6.73
C ALA A 89 -9.77 1.69 6.16
N GLY A 90 -9.17 0.55 6.49
CA GLY A 90 -7.82 0.25 6.03
C GLY A 90 -7.65 0.67 4.57
N LEU A 91 -8.60 0.26 3.74
CA LEU A 91 -8.55 0.59 2.33
C LEU A 91 -8.33 2.09 2.16
N VAL A 92 -9.15 2.86 2.86
CA VAL A 92 -9.05 4.31 2.81
C VAL A 92 -7.64 4.73 3.24
N ALA A 93 -7.10 3.98 4.19
CA ALA A 93 -5.77 4.27 4.68
C ALA A 93 -4.74 4.00 3.59
N GLY A 94 -5.08 3.05 2.73
CA GLY A 94 -4.19 2.69 1.63
C GLY A 94 -4.17 3.77 0.56
N LEU A 95 -5.36 4.13 0.10
CA LEU A 95 -5.49 5.15 -0.93
C LEU A 95 -4.82 6.44 -0.45
N SER A 96 -5.09 6.79 0.81
CA SER A 96 -4.53 7.98 1.40
C SER A 96 -2.99 7.91 1.37
N LEU A 97 -2.48 6.82 1.93
CA LEU A 97 -1.04 6.61 1.97
C LEU A 97 -0.46 6.83 0.57
N MET A 98 -1.20 6.36 -0.43
CA MET A 98 -0.77 6.50 -1.80
C MET A 98 -0.64 7.97 -2.19
N MET A 99 -1.73 8.70 -1.99
CA MET A 99 -1.75 10.11 -2.33
C MET A 99 -0.54 10.83 -1.72
N ILE A 100 -0.38 10.66 -0.41
CA ILE A 100 0.73 11.29 0.28
C ILE A 100 2.04 10.96 -0.43
N LEU A 101 2.25 9.67 -0.64
CA LEU A 101 3.46 9.21 -1.32
C LEU A 101 3.57 9.92 -2.67
N ARG A 102 2.42 10.24 -3.24
CA ARG A 102 2.38 10.91 -4.53
C ARG A 102 2.79 12.38 -4.37
N LEU A 103 2.45 12.93 -3.22
CA LEU A 103 2.76 14.33 -2.93
C LEU A 103 4.27 14.54 -3.06
N VAL A 104 5.02 13.52 -2.64
CA VAL A 104 6.46 13.58 -2.69
C VAL A 104 6.94 13.08 -4.06
N LEU A 105 6.25 12.04 -4.54
CA LEU A 105 6.60 11.47 -5.83
C LEU A 105 6.73 12.58 -6.87
N LEU A 106 5.79 13.51 -6.82
CA LEU A 106 5.79 14.63 -7.75
C LEU A 106 7.22 15.14 -7.91
N LEU A 107 7.86 15.40 -6.78
CA LEU A 107 9.22 15.90 -6.78
C LEU A 107 10.15 14.83 -7.36
N LEU A 108 10.11 13.66 -6.74
CA LEU A 108 10.95 12.55 -7.18
C LEU A 108 10.94 12.49 -8.71
N MET A 10 15.24 -12.16 21.23
CA MET A 10 16.57 -11.58 21.34
C MET A 10 16.70 -10.73 22.62
N ASP A 11 17.75 -11.02 23.38
CA ASP A 11 17.99 -10.30 24.61
C ASP A 11 19.50 -10.13 24.80
N LEU A 12 19.86 -9.06 25.49
CA LEU A 12 21.26 -8.77 25.76
C LEU A 12 22.08 -9.05 24.49
N ILE A 13 21.84 -8.24 23.48
CA ILE A 13 22.54 -8.39 22.21
C ILE A 13 22.62 -7.03 21.51
N GLY A 14 23.82 -6.68 21.08
CA GLY A 14 24.04 -5.43 20.39
C GLY A 14 22.87 -5.10 19.45
N PHE A 15 22.20 -3.99 19.75
CA PHE A 15 21.07 -3.56 18.94
C PHE A 15 21.50 -3.31 17.49
N GLY A 16 22.47 -2.43 17.34
CA GLY A 16 22.98 -2.09 16.02
C GLY A 16 22.99 -3.33 15.11
N TYR A 17 23.67 -4.37 15.59
CA TYR A 17 23.77 -5.61 14.83
C TYR A 17 22.40 -6.06 14.32
N ALA A 18 21.45 -6.09 15.24
CA ALA A 18 20.09 -6.50 14.91
C ALA A 18 19.55 -5.58 13.81
N ALA A 19 19.96 -4.34 13.86
CA ALA A 19 19.52 -3.36 12.88
C ALA A 19 20.18 -3.66 11.54
N LEU A 20 21.38 -4.24 11.62
CA LEU A 20 22.12 -4.60 10.42
C LEU A 20 21.41 -5.73 9.69
N VAL A 21 21.12 -6.79 10.45
CA VAL A 21 20.44 -7.94 9.89
C VAL A 21 19.04 -7.54 9.45
N THR A 22 18.26 -7.04 10.40
CA THR A 22 16.90 -6.62 10.12
C THR A 22 16.86 -5.80 8.83
N PHE A 23 17.59 -4.70 8.84
CA PHE A 23 17.64 -3.82 7.69
C PHE A 23 18.06 -4.59 6.44
N GLY A 24 19.14 -5.34 6.58
CA GLY A 24 19.66 -6.14 5.47
C GLY A 24 18.57 -7.03 4.88
N SER A 25 18.32 -8.14 5.57
CA SER A 25 17.32 -9.09 5.13
C SER A 25 16.10 -8.35 4.58
N ILE A 26 15.64 -7.37 5.36
CA ILE A 26 14.49 -6.58 4.96
C ILE A 26 14.68 -6.12 3.51
N PHE A 27 15.79 -5.45 3.27
CA PHE A 27 16.09 -4.94 1.95
C PHE A 27 16.14 -6.08 0.93
N GLY A 28 16.52 -7.26 1.41
CA GLY A 28 16.60 -8.43 0.55
C GLY A 28 15.21 -8.95 0.19
N TYR A 29 14.27 -8.69 1.09
CA TYR A 29 12.90 -9.12 0.88
C TYR A 29 12.02 -8.73 2.08
N LYS A 30 12.51 -9.05 3.27
CA LYS A 30 11.78 -8.74 4.48
C LYS A 30 12.56 -9.27 5.69
N ARG A 31 11.82 -9.58 6.74
CA ARG A 31 12.43 -10.10 7.96
C ARG A 31 11.90 -11.50 8.26
N ARG A 32 10.60 -11.66 8.13
CA ARG A 32 9.97 -12.94 8.39
C ARG A 32 8.93 -13.24 7.30
N GLY A 33 8.11 -12.24 7.01
CA GLY A 33 7.08 -12.38 6.01
C GLY A 33 6.23 -11.11 5.90
N GLY A 34 4.97 -11.30 5.54
CA GLY A 34 4.05 -10.19 5.40
C GLY A 34 2.62 -10.68 5.18
N VAL A 35 1.70 -10.08 5.93
CA VAL A 35 0.31 -10.44 5.83
C VAL A 35 -0.11 -10.49 4.35
N PRO A 36 -1.05 -11.42 4.05
CA PRO A 36 -1.53 -11.57 2.68
C PRO A 36 -2.47 -10.42 2.30
N SER A 37 -2.96 -10.49 1.06
CA SER A 37 -3.86 -9.48 0.56
C SER A 37 -3.07 -8.20 0.23
N LEU A 38 -2.55 -7.58 1.28
CA LEU A 38 -1.78 -6.36 1.13
C LEU A 38 -0.86 -6.50 -0.09
N ILE A 39 -0.14 -7.61 -0.13
CA ILE A 39 0.77 -7.88 -1.23
C ILE A 39 0.05 -7.64 -2.56
N ALA A 40 -1.11 -8.27 -2.69
CA ALA A 40 -1.90 -8.15 -3.90
C ALA A 40 -2.20 -6.67 -4.15
N GLY A 41 -2.38 -5.95 -3.06
CA GLY A 41 -2.68 -4.52 -3.15
C GLY A 41 -1.46 -3.75 -3.64
N LEU A 42 -0.29 -4.27 -3.31
CA LEU A 42 0.95 -3.62 -3.73
C LEU A 42 1.18 -3.87 -5.22
N PHE A 43 0.96 -5.11 -5.63
CA PHE A 43 1.14 -5.49 -7.02
C PHE A 43 0.19 -4.71 -7.92
N VAL A 44 -1.08 -4.70 -7.53
CA VAL A 44 -2.10 -3.99 -8.29
C VAL A 44 -1.77 -2.50 -8.29
N GLY A 45 -1.44 -1.99 -7.12
CA GLY A 45 -1.11 -0.58 -6.98
C GLY A 45 0.04 -0.19 -7.90
N CYS A 46 1.00 -1.09 -8.01
CA CYS A 46 2.16 -0.85 -8.86
C CYS A 46 1.72 -0.93 -10.32
N LEU A 47 1.25 -2.11 -10.70
CA LEU A 47 0.79 -2.32 -12.06
C LEU A 47 0.01 -1.10 -12.53
N ALA A 48 -0.90 -0.65 -11.68
CA ALA A 48 -1.71 0.52 -11.99
C ALA A 48 -0.80 1.72 -12.26
N GLY A 49 0.00 2.05 -11.26
CA GLY A 49 0.92 3.17 -11.39
C GLY A 49 1.93 2.93 -12.51
N TYR A 50 2.93 2.12 -12.20
CA TYR A 50 3.96 1.79 -13.18
C TYR A 50 3.35 1.58 -14.56
N GLY A 51 2.42 0.64 -14.63
CA GLY A 51 1.77 0.33 -15.89
C GLY A 51 1.19 1.59 -16.53
N ALA A 52 0.42 2.32 -15.74
CA ALA A 52 -0.20 3.55 -16.22
C ALA A 52 0.88 4.45 -16.83
N TYR A 53 2.09 4.32 -16.30
CA TYR A 53 3.21 5.11 -16.77
C TYR A 53 3.86 4.46 -17.99
N ARG A 54 3.77 3.14 -18.05
CA ARG A 54 4.35 2.40 -19.14
C ARG A 54 3.31 2.22 -20.26
N VAL A 55 2.33 1.37 -19.99
CA VAL A 55 1.28 1.11 -20.96
C VAL A 55 0.68 2.44 -21.42
N SER A 56 0.64 3.39 -20.51
CA SER A 56 0.10 4.70 -20.81
C SER A 56 -1.35 4.56 -21.28
N ASN A 57 -2.27 4.90 -20.38
CA ASN A 57 -3.68 4.83 -20.69
C ASN A 57 -4.49 5.22 -19.46
N ASP A 58 -4.94 6.47 -19.47
CA ASP A 58 -5.71 6.99 -18.35
C ASP A 58 -4.81 7.21 -17.14
N LYS A 59 -4.31 8.43 -17.03
CA LYS A 59 -3.42 8.78 -15.93
C LYS A 59 -3.49 10.29 -15.68
N ARG A 60 -4.03 10.64 -14.53
CA ARG A 60 -4.17 12.04 -14.16
C ARG A 60 -3.10 12.42 -13.14
N ASP A 61 -3.16 11.76 -11.99
CA ASP A 61 -2.21 12.01 -10.92
C ASP A 61 -2.24 10.86 -9.93
N VAL A 62 -3.40 10.67 -9.31
CA VAL A 62 -3.57 9.60 -8.34
C VAL A 62 -5.00 9.08 -8.42
N LYS A 63 -5.58 9.19 -9.61
CA LYS A 63 -6.93 8.73 -9.83
C LYS A 63 -6.94 7.21 -9.95
N VAL A 64 -6.12 6.71 -10.86
CA VAL A 64 -6.01 5.28 -11.08
C VAL A 64 -6.05 4.55 -9.73
N SER A 65 -5.22 5.03 -8.82
CA SER A 65 -5.14 4.44 -7.50
C SER A 65 -6.55 4.27 -6.92
N LEU A 66 -7.29 5.38 -6.93
CA LEU A 66 -8.64 5.38 -6.40
C LEU A 66 -9.46 4.31 -7.13
N PHE A 67 -9.15 4.15 -8.41
CA PHE A 67 -9.85 3.17 -9.23
C PHE A 67 -9.48 1.75 -8.83
N THR A 68 -8.26 1.62 -8.32
CA THR A 68 -7.77 0.31 -7.89
C THR A 68 -8.44 -0.10 -6.58
N ALA A 69 -8.48 0.83 -5.64
CA ALA A 69 -9.08 0.58 -4.35
C ALA A 69 -10.58 0.35 -4.53
N PHE A 70 -11.16 1.09 -5.47
CA PHE A 70 -12.58 0.98 -5.76
C PHE A 70 -12.92 -0.41 -6.31
N PHE A 71 -12.39 -0.69 -7.48
CA PHE A 71 -12.63 -1.97 -8.12
C PHE A 71 -12.19 -3.13 -7.23
N LEU A 72 -11.03 -2.93 -6.59
CA LEU A 72 -10.48 -3.94 -5.71
C LEU A 72 -11.53 -4.30 -4.65
N ALA A 73 -11.88 -3.30 -3.85
CA ALA A 73 -12.86 -3.49 -2.80
C ALA A 73 -14.10 -4.16 -3.37
N THR A 74 -14.59 -3.59 -4.46
CA THR A 74 -15.77 -4.13 -5.12
C THR A 74 -15.57 -5.61 -5.46
N ILE A 75 -14.33 -5.94 -5.76
CA ILE A 75 -13.98 -7.32 -6.11
C ILE A 75 -13.96 -8.17 -4.83
N MET A 76 -13.61 -7.51 -3.73
CA MET A 76 -13.55 -8.20 -2.45
C MET A 76 -14.89 -8.14 -1.73
N GLY A 77 -15.16 -6.98 -1.14
CA GLY A 77 -16.40 -6.78 -0.41
C GLY A 77 -16.66 -7.93 0.57
N VAL A 78 -15.57 -8.60 0.94
CA VAL A 78 -15.66 -9.71 1.86
C VAL A 78 -14.32 -9.88 2.58
N ARG A 79 -14.01 -8.93 3.43
CA ARG A 79 -12.76 -8.95 4.18
C ARG A 79 -12.93 -8.25 5.53
N PHE A 80 -14.02 -8.60 6.20
CA PHE A 80 -14.31 -8.02 7.51
C PHE A 80 -14.37 -6.50 7.42
N LYS A 81 -15.08 -6.01 6.42
CA LYS A 81 -15.21 -4.58 6.22
C LYS A 81 -16.50 -4.10 6.89
N ARG A 82 -16.85 -2.85 6.60
CA ARG A 82 -18.05 -2.25 7.18
C ARG A 82 -17.78 -1.80 8.60
N SER A 83 -17.30 -2.73 9.42
CA SER A 83 -17.01 -2.44 10.80
C SER A 83 -16.38 -1.05 10.93
N LYS A 84 -16.82 -0.33 11.95
CA LYS A 84 -16.31 1.01 12.19
C LYS A 84 -16.48 1.85 10.92
N LYS A 85 -17.52 2.67 10.93
CA LYS A 85 -17.80 3.53 9.79
C LYS A 85 -18.15 2.67 8.58
N ILE A 86 -19.16 3.12 7.85
CA ILE A 86 -19.60 2.40 6.67
C ILE A 86 -18.61 2.62 5.53
N MET A 87 -17.43 2.03 5.70
CA MET A 87 -16.38 2.15 4.69
C MET A 87 -15.10 1.47 5.14
N PRO A 88 -14.28 1.06 4.15
CA PRO A 88 -13.02 0.39 4.44
C PRO A 88 -11.97 1.39 4.94
N ALA A 89 -11.73 1.34 6.24
CA ALA A 89 -10.76 2.24 6.86
C ALA A 89 -9.36 1.92 6.30
N GLY A 90 -8.94 0.69 6.52
CA GLY A 90 -7.64 0.25 6.05
C GLY A 90 -7.36 0.79 4.64
N LEU A 91 -8.28 0.53 3.74
CA LEU A 91 -8.15 0.98 2.37
C LEU A 91 -7.78 2.47 2.36
N VAL A 92 -8.53 3.23 3.14
CA VAL A 92 -8.29 4.66 3.23
C VAL A 92 -6.86 4.91 3.67
N ALA A 93 -6.39 4.06 4.57
CA ALA A 93 -5.03 4.17 5.07
C ALA A 93 -4.04 3.86 3.95
N GLY A 94 -4.48 3.01 3.04
CA GLY A 94 -3.65 2.62 1.91
C GLY A 94 -3.57 3.75 0.87
N LEU A 95 -4.74 4.18 0.43
CA LEU A 95 -4.81 5.25 -0.56
C LEU A 95 -4.03 6.46 -0.06
N SER A 96 -4.18 6.73 1.24
CA SER A 96 -3.49 7.86 1.84
C SER A 96 -1.98 7.64 1.79
N LEU A 97 -1.54 6.54 2.39
CA LEU A 97 -0.13 6.21 2.41
C LEU A 97 0.48 6.52 1.05
N MET A 98 -0.20 6.05 0.01
CA MET A 98 0.27 6.26 -1.35
C MET A 98 0.34 7.75 -1.67
N MET A 99 -0.74 8.45 -1.36
CA MET A 99 -0.80 9.88 -1.61
C MET A 99 0.43 10.60 -1.05
N ILE A 100 0.59 10.48 0.26
CA ILE A 100 1.72 11.10 0.92
C ILE A 100 3.02 10.72 0.19
N LEU A 101 3.15 9.43 -0.07
CA LEU A 101 4.33 8.93 -0.76
C LEU A 101 4.52 9.71 -2.05
N ARG A 102 3.42 10.04 -2.70
CA ARG A 102 3.47 10.79 -3.94
C ARG A 102 3.83 12.25 -3.67
N LEU A 103 3.44 12.72 -2.49
CA LEU A 103 3.72 14.08 -2.10
C LEU A 103 5.17 14.43 -2.46
N VAL A 104 6.09 13.71 -1.83
CA VAL A 104 7.50 13.93 -2.09
C VAL A 104 7.85 13.45 -3.49
N LEU A 105 7.26 12.33 -3.87
CA LEU A 105 7.49 11.75 -5.19
C LEU A 105 7.53 12.87 -6.22
N LEU A 106 6.68 13.86 -6.02
CA LEU A 106 6.61 15.00 -6.92
C LEU A 106 8.02 15.40 -7.34
N LEU A 107 8.90 15.46 -6.35
CA LEU A 107 10.28 15.83 -6.59
C LEU A 107 10.89 14.87 -7.63
N LEU A 108 10.69 13.58 -7.37
CA LEU A 108 11.21 12.56 -8.26
C LEU A 108 10.80 12.89 -9.70
N MET A 10 8.64 -12.49 23.19
CA MET A 10 9.55 -11.46 22.70
C MET A 10 8.92 -10.07 22.79
N ASP A 11 9.36 -9.32 23.79
CA ASP A 11 8.83 -7.98 24.00
C ASP A 11 9.67 -7.28 25.08
N LEU A 12 9.74 -7.93 26.23
CA LEU A 12 10.51 -7.38 27.34
C LEU A 12 12.00 -7.40 27.00
N ILE A 13 12.37 -6.55 26.07
CA ILE A 13 13.76 -6.46 25.64
C ILE A 13 13.96 -5.16 24.86
N GLY A 14 15.22 -4.71 24.82
CA GLY A 14 15.56 -3.50 24.12
C GLY A 14 14.80 -3.38 22.81
N PHE A 15 14.33 -2.18 22.53
CA PHE A 15 13.59 -1.92 21.31
C PHE A 15 14.52 -1.59 20.14
N GLY A 16 15.36 -0.59 20.37
CA GLY A 16 16.30 -0.16 19.35
C GLY A 16 16.86 -1.36 18.58
N TYR A 17 17.44 -2.29 19.33
CA TYR A 17 18.00 -3.48 18.73
C TYR A 17 17.02 -4.13 17.75
N ALA A 18 15.80 -4.31 18.22
CA ALA A 18 14.76 -4.91 17.40
C ALA A 18 14.60 -4.09 16.11
N ALA A 19 14.76 -2.78 16.25
CA ALA A 19 14.63 -1.89 15.11
C ALA A 19 15.83 -2.09 14.19
N LEU A 20 16.95 -2.47 14.78
CA LEU A 20 18.17 -2.70 14.03
C LEU A 20 17.98 -3.92 13.12
N VAL A 21 17.66 -5.03 13.75
CA VAL A 21 17.44 -6.27 13.01
C VAL A 21 16.30 -6.08 12.01
N THR A 22 15.33 -5.26 12.42
CA THR A 22 14.18 -4.99 11.57
C THR A 22 14.63 -4.34 10.26
N PHE A 23 15.36 -3.24 10.40
CA PHE A 23 15.85 -2.52 9.24
C PHE A 23 16.76 -3.41 8.37
N GLY A 24 17.82 -3.88 8.99
CA GLY A 24 18.77 -4.74 8.30
C GLY A 24 18.05 -5.93 7.66
N SER A 25 17.54 -6.79 8.51
CA SER A 25 16.83 -7.98 8.04
C SER A 25 15.94 -7.61 6.85
N ILE A 26 15.13 -6.59 7.05
CA ILE A 26 14.23 -6.13 6.01
C ILE A 26 15.00 -5.98 4.69
N PHE A 27 16.12 -5.28 4.78
CA PHE A 27 16.97 -5.07 3.61
C PHE A 27 17.43 -6.39 3.02
N GLY A 28 17.63 -7.36 3.90
CA GLY A 28 18.08 -8.68 3.47
C GLY A 28 16.92 -9.49 2.90
N TYR A 29 15.72 -9.06 3.24
CA TYR A 29 14.52 -9.74 2.76
C TYR A 29 14.72 -11.26 2.74
N LYS A 30 14.34 -11.89 3.85
CA LYS A 30 14.47 -13.33 3.97
C LYS A 30 13.11 -13.93 4.35
N ARG A 31 12.08 -13.13 4.19
CA ARG A 31 10.73 -13.56 4.50
C ARG A 31 9.72 -12.49 4.11
N ARG A 32 8.45 -12.90 4.08
CA ARG A 32 7.38 -11.98 3.73
C ARG A 32 6.70 -11.44 4.98
N GLY A 33 5.94 -10.38 4.80
CA GLY A 33 5.23 -9.75 5.90
C GLY A 33 4.25 -10.73 6.55
N GLY A 34 2.97 -10.43 6.39
CA GLY A 34 1.93 -11.29 6.95
C GLY A 34 0.55 -10.77 6.56
N VAL A 35 0.27 -9.54 6.98
CA VAL A 35 -1.01 -8.92 6.68
C VAL A 35 -1.44 -9.28 5.26
N PRO A 36 -2.35 -10.28 5.17
CA PRO A 36 -2.84 -10.73 3.88
C PRO A 36 -3.84 -9.73 3.28
N SER A 37 -3.29 -8.60 2.84
CA SER A 37 -4.12 -7.55 2.26
C SER A 37 -3.23 -6.46 1.66
N LEU A 38 -2.51 -5.77 2.53
CA LEU A 38 -1.62 -4.70 2.10
C LEU A 38 -0.87 -5.16 0.85
N ILE A 39 -0.31 -6.35 0.93
CA ILE A 39 0.44 -6.91 -0.19
C ILE A 39 -0.39 -6.78 -1.47
N ALA A 40 -1.62 -7.26 -1.37
CA ALA A 40 -2.53 -7.20 -2.52
C ALA A 40 -2.67 -5.76 -2.98
N GLY A 41 -2.63 -4.85 -2.02
CA GLY A 41 -2.75 -3.43 -2.31
C GLY A 41 -1.50 -2.92 -3.04
N LEU A 42 -0.38 -3.54 -2.74
CA LEU A 42 0.88 -3.17 -3.35
C LEU A 42 0.92 -3.66 -4.80
N PHE A 43 0.52 -4.91 -4.97
CA PHE A 43 0.50 -5.51 -6.29
C PHE A 43 -0.49 -4.79 -7.20
N VAL A 44 -1.62 -4.41 -6.63
CA VAL A 44 -2.65 -3.71 -7.38
C VAL A 44 -2.14 -2.31 -7.74
N GLY A 45 -1.94 -1.50 -6.71
CA GLY A 45 -1.47 -0.14 -6.91
C GLY A 45 -0.26 -0.11 -7.85
N CYS A 46 0.69 -0.99 -7.57
CA CYS A 46 1.89 -1.08 -8.38
C CYS A 46 1.48 -1.35 -9.82
N LEU A 47 0.82 -2.48 -10.01
CA LEU A 47 0.35 -2.86 -11.34
C LEU A 47 -0.18 -1.63 -12.07
N ALA A 48 -0.91 -0.81 -11.33
CA ALA A 48 -1.49 0.40 -11.90
C ALA A 48 -0.36 1.30 -12.38
N GLY A 49 0.35 1.88 -11.42
CA GLY A 49 1.46 2.76 -11.74
C GLY A 49 2.43 2.12 -12.72
N TYR A 50 3.17 1.14 -12.22
CA TYR A 50 4.14 0.43 -13.04
C TYR A 50 3.56 0.14 -14.43
N GLY A 51 2.40 -0.50 -14.43
CA GLY A 51 1.73 -0.85 -15.68
C GLY A 51 1.66 0.37 -16.61
N ALA A 52 1.08 1.44 -16.09
CA ALA A 52 0.94 2.66 -16.86
C ALA A 52 2.31 3.10 -17.37
N TYR A 53 3.33 2.76 -16.59
CA TYR A 53 4.69 3.11 -16.96
C TYR A 53 5.21 2.22 -18.08
N ARG A 54 4.71 0.99 -18.10
CA ARG A 54 5.11 0.03 -19.12
C ARG A 54 4.19 0.14 -20.34
N VAL A 55 2.90 -0.07 -20.09
CA VAL A 55 1.92 0.00 -21.16
C VAL A 55 1.75 1.46 -21.59
N SER A 56 1.24 2.27 -20.68
CA SER A 56 1.03 3.68 -20.96
C SER A 56 -0.25 3.86 -21.78
N ASN A 57 -0.96 4.94 -21.49
CA ASN A 57 -2.20 5.25 -22.19
C ASN A 57 -2.85 6.47 -21.55
N ASP A 58 -2.70 6.57 -20.24
CA ASP A 58 -3.27 7.68 -19.50
C ASP A 58 -2.48 7.88 -18.20
N LYS A 59 -1.34 8.54 -18.35
CA LYS A 59 -0.48 8.82 -17.20
C LYS A 59 -0.75 10.23 -16.69
N ARG A 60 0.20 10.75 -15.94
CA ARG A 60 0.08 12.08 -15.38
C ARG A 60 -1.09 12.13 -14.39
N ASP A 61 -0.82 12.71 -13.22
CA ASP A 61 -1.83 12.84 -12.19
C ASP A 61 -2.15 11.45 -11.63
N VAL A 62 -2.07 11.34 -10.32
CA VAL A 62 -2.36 10.08 -9.65
C VAL A 62 -3.85 9.79 -9.73
N LYS A 63 -4.33 9.66 -10.96
CA LYS A 63 -5.74 9.39 -11.19
C LYS A 63 -5.96 7.88 -11.23
N VAL A 64 -5.07 7.20 -11.92
CA VAL A 64 -5.16 5.75 -12.05
C VAL A 64 -5.51 5.16 -10.68
N SER A 65 -4.69 5.49 -9.70
CA SER A 65 -4.90 4.99 -8.34
C SER A 65 -6.36 5.20 -7.93
N LEU A 66 -6.85 6.40 -8.20
CA LEU A 66 -8.22 6.75 -7.87
C LEU A 66 -9.17 5.75 -8.53
N PHE A 67 -8.83 5.37 -9.76
CA PHE A 67 -9.64 4.43 -10.51
C PHE A 67 -9.45 3.02 -9.98
N THR A 68 -8.31 2.80 -9.31
CA THR A 68 -8.01 1.50 -8.76
C THR A 68 -8.82 1.25 -7.49
N ALA A 69 -8.92 2.30 -6.68
CA ALA A 69 -9.67 2.21 -5.44
C ALA A 69 -11.16 2.16 -5.74
N PHE A 70 -11.59 3.05 -6.62
CA PHE A 70 -12.98 3.12 -7.01
C PHE A 70 -13.44 1.81 -7.65
N PHE A 71 -12.65 1.35 -8.61
CA PHE A 71 -12.96 0.12 -9.31
C PHE A 71 -12.97 -1.07 -8.35
N LEU A 72 -11.83 -1.27 -7.70
CA LEU A 72 -11.68 -2.37 -6.74
C LEU A 72 -12.94 -2.45 -5.88
N ALA A 73 -13.27 -1.33 -5.24
CA ALA A 73 -14.44 -1.27 -4.40
C ALA A 73 -15.66 -1.78 -5.16
N THR A 74 -15.84 -1.23 -6.36
CA THR A 74 -16.96 -1.62 -7.20
C THR A 74 -16.96 -3.13 -7.43
N ILE A 75 -15.75 -3.70 -7.42
CA ILE A 75 -15.60 -5.13 -7.61
C ILE A 75 -15.96 -5.86 -6.31
N MET A 76 -15.71 -5.18 -5.20
CA MET A 76 -16.00 -5.74 -3.89
C MET A 76 -17.48 -5.61 -3.56
N GLY A 77 -17.95 -4.36 -3.58
CA GLY A 77 -19.34 -4.08 -3.27
C GLY A 77 -19.57 -4.01 -1.76
N VAL A 78 -18.91 -3.05 -1.14
CA VAL A 78 -19.02 -2.87 0.29
C VAL A 78 -18.74 -1.40 0.64
N ARG A 79 -19.31 -0.97 1.75
CA ARG A 79 -19.13 0.40 2.21
C ARG A 79 -17.65 0.67 2.52
N PHE A 80 -17.28 1.93 2.39
CA PHE A 80 -15.90 2.32 2.64
C PHE A 80 -15.57 2.20 4.14
N LYS A 81 -16.34 2.92 4.94
CA LYS A 81 -16.13 2.90 6.38
C LYS A 81 -17.48 3.05 7.08
N ARG A 82 -17.66 2.25 8.13
CA ARG A 82 -18.89 2.29 8.89
C ARG A 82 -18.83 1.29 10.05
N SER A 83 -18.38 0.08 9.73
CA SER A 83 -18.26 -0.97 10.73
C SER A 83 -17.08 -0.68 11.66
N LYS A 84 -17.40 -0.53 12.93
CA LYS A 84 -16.40 -0.25 13.94
C LYS A 84 -15.48 -1.47 14.08
N LYS A 85 -14.28 -1.34 13.52
CA LYS A 85 -13.31 -2.41 13.59
C LYS A 85 -13.82 -3.61 12.78
N ILE A 86 -12.96 -4.61 12.65
CA ILE A 86 -13.31 -5.80 11.89
C ILE A 86 -13.66 -5.42 10.46
N MET A 87 -12.67 -4.85 9.78
CA MET A 87 -12.86 -4.44 8.40
C MET A 87 -11.53 -4.02 7.77
N PRO A 88 -11.49 -4.06 6.40
CA PRO A 88 -10.29 -3.69 5.68
C PRO A 88 -10.10 -2.17 5.67
N ALA A 89 -10.12 -1.60 6.85
CA ALA A 89 -9.95 -0.16 7.00
C ALA A 89 -8.51 0.21 6.68
N GLY A 90 -7.60 -0.38 7.44
CA GLY A 90 -6.17 -0.12 7.24
C GLY A 90 -5.85 0.02 5.75
N LEU A 91 -6.29 -0.95 4.98
CA LEU A 91 -6.05 -0.96 3.55
C LEU A 91 -6.32 0.45 3.00
N VAL A 92 -7.52 0.93 3.26
CA VAL A 92 -7.91 2.26 2.79
C VAL A 92 -6.93 3.29 3.32
N ALA A 93 -6.51 3.10 4.57
CA ALA A 93 -5.57 4.00 5.20
C ALA A 93 -4.25 3.98 4.42
N GLY A 94 -3.96 2.82 3.85
CA GLY A 94 -2.74 2.66 3.08
C GLY A 94 -2.82 3.43 1.75
N LEU A 95 -3.78 3.04 0.94
CA LEU A 95 -3.98 3.69 -0.35
C LEU A 95 -3.90 5.20 -0.17
N SER A 96 -4.59 5.69 0.85
CA SER A 96 -4.61 7.10 1.14
C SER A 96 -3.19 7.61 1.39
N LEU A 97 -2.58 7.06 2.42
CA LEU A 97 -1.22 7.43 2.78
C LEU A 97 -0.37 7.53 1.51
N MET A 98 -0.46 6.48 0.70
CA MET A 98 0.30 6.43 -0.54
C MET A 98 0.07 7.71 -1.36
N MET A 99 -1.18 7.95 -1.70
CA MET A 99 -1.54 9.11 -2.49
C MET A 99 -0.86 10.37 -1.93
N ILE A 100 -1.08 10.59 -0.64
CA ILE A 100 -0.50 11.75 0.03
C ILE A 100 0.99 11.84 -0.31
N LEU A 101 1.71 10.80 0.06
CA LEU A 101 3.14 10.73 -0.20
C LEU A 101 3.40 11.00 -1.69
N ARG A 102 2.43 10.63 -2.49
CA ARG A 102 2.54 10.82 -3.94
C ARG A 102 2.51 12.31 -4.27
N LEU A 103 1.66 13.04 -3.56
CA LEU A 103 1.53 14.46 -3.77
C LEU A 103 2.92 15.08 -3.90
N VAL A 104 3.79 14.70 -2.98
CA VAL A 104 5.16 15.21 -2.98
C VAL A 104 5.99 14.42 -3.99
N LEU A 105 5.89 13.10 -3.90
CA LEU A 105 6.61 12.23 -4.79
C LEU A 105 6.58 12.81 -6.21
N LEU A 106 5.44 13.43 -6.53
CA LEU A 106 5.27 14.02 -7.85
C LEU A 106 6.54 14.77 -8.24
N LEU A 107 6.99 15.62 -7.32
CA LEU A 107 8.19 16.41 -7.56
C LEU A 107 9.32 15.47 -8.00
N LEU A 108 9.46 14.38 -7.28
CA LEU A 108 10.49 13.40 -7.58
C LEU A 108 10.52 13.14 -9.09
N MET A 10 5.23 0.26 23.58
CA MET A 10 6.52 0.11 22.92
C MET A 10 7.67 0.19 23.92
N ASP A 11 8.51 -0.84 23.89
CA ASP A 11 9.65 -0.91 24.79
C ASP A 11 10.59 0.27 24.52
N LEU A 12 11.30 0.68 25.55
CA LEU A 12 12.23 1.78 25.42
C LEU A 12 13.49 1.47 26.22
N ILE A 13 14.55 1.15 25.49
CA ILE A 13 15.83 0.83 26.12
C ILE A 13 16.88 0.63 25.03
N GLY A 14 16.51 -0.16 24.03
CA GLY A 14 17.42 -0.44 22.93
C GLY A 14 16.67 -0.48 21.59
N PHE A 15 16.07 0.66 21.25
CA PHE A 15 15.32 0.77 20.02
C PHE A 15 16.26 0.84 18.81
N GLY A 16 17.17 1.81 18.87
CA GLY A 16 18.13 2.00 17.79
C GLY A 16 18.58 0.67 17.22
N TYR A 17 19.10 -0.18 18.09
CA TYR A 17 19.57 -1.49 17.68
C TYR A 17 18.52 -2.21 16.82
N ALA A 18 17.29 -2.22 17.33
CA ALA A 18 16.20 -2.86 16.62
C ALA A 18 16.07 -2.25 15.23
N ALA A 19 16.34 -0.95 15.16
CA ALA A 19 16.26 -0.24 13.90
C ALA A 19 17.42 -0.66 12.99
N LEU A 20 18.53 -1.03 13.64
CA LEU A 20 19.71 -1.46 12.92
C LEU A 20 19.41 -2.78 12.21
N VAL A 21 18.98 -3.75 12.99
CA VAL A 21 18.67 -5.06 12.45
C VAL A 21 17.60 -4.92 11.36
N THR A 22 16.45 -4.39 11.78
CA THR A 22 15.35 -4.18 10.85
C THR A 22 15.86 -3.64 9.51
N PHE A 23 16.62 -2.57 9.61
CA PHE A 23 17.18 -1.94 8.42
C PHE A 23 17.96 -2.96 7.57
N GLY A 24 18.88 -3.64 8.23
CA GLY A 24 19.68 -4.65 7.55
C GLY A 24 18.80 -5.76 6.97
N SER A 25 18.24 -6.55 7.88
CA SER A 25 17.39 -7.66 7.48
C SER A 25 16.47 -7.22 6.34
N ILE A 26 15.74 -6.15 6.58
CA ILE A 26 14.82 -5.62 5.58
C ILE A 26 15.55 -5.50 4.24
N PHE A 27 16.73 -4.91 4.30
CA PHE A 27 17.54 -4.73 3.11
C PHE A 27 17.79 -6.07 2.41
N GLY A 28 18.00 -7.09 3.23
CA GLY A 28 18.25 -8.43 2.70
C GLY A 28 16.96 -9.08 2.23
N TYR A 29 15.85 -8.56 2.74
CA TYR A 29 14.54 -9.10 2.37
C TYR A 29 14.53 -10.63 2.47
N LYS A 30 14.02 -11.10 3.60
CA LYS A 30 13.94 -12.54 3.84
C LYS A 30 13.10 -12.80 5.08
N ARG A 31 11.86 -12.32 5.03
CA ARG A 31 10.94 -12.50 6.15
C ARG A 31 9.59 -11.83 5.83
N ARG A 32 9.66 -10.56 5.50
CA ARG A 32 8.47 -9.79 5.18
C ARG A 32 7.53 -10.63 4.31
N GLY A 33 6.25 -10.56 4.64
CA GLY A 33 5.24 -11.31 3.91
C GLY A 33 4.34 -12.09 4.85
N GLY A 34 3.13 -11.58 5.04
CA GLY A 34 2.17 -12.22 5.92
C GLY A 34 0.74 -11.79 5.57
N VAL A 35 0.31 -10.71 6.21
CA VAL A 35 -1.02 -10.18 5.99
C VAL A 35 -1.36 -10.29 4.49
N PRO A 36 -2.14 -11.35 4.16
CA PRO A 36 -2.53 -11.59 2.78
C PRO A 36 -3.64 -10.60 2.36
N SER A 37 -3.21 -9.39 2.05
CA SER A 37 -4.14 -8.36 1.62
C SER A 37 -3.37 -7.10 1.23
N LEU A 38 -2.84 -6.42 2.25
CA LEU A 38 -2.09 -5.20 2.02
C LEU A 38 -1.18 -5.38 0.81
N ILE A 39 -0.35 -6.42 0.89
CA ILE A 39 0.57 -6.71 -0.20
C ILE A 39 -0.18 -6.68 -1.53
N ALA A 40 -1.31 -7.36 -1.54
CA ALA A 40 -2.14 -7.43 -2.74
C ALA A 40 -2.41 -6.01 -3.24
N GLY A 41 -2.70 -5.12 -2.29
CA GLY A 41 -2.98 -3.74 -2.62
C GLY A 41 -1.73 -3.04 -3.14
N LEU A 42 -0.59 -3.49 -2.66
CA LEU A 42 0.68 -2.91 -3.06
C LEU A 42 0.95 -3.25 -4.52
N PHE A 43 0.75 -4.52 -4.85
CA PHE A 43 0.96 -4.99 -6.20
C PHE A 43 -0.05 -4.38 -7.17
N VAL A 44 -1.27 -4.21 -6.66
CA VAL A 44 -2.34 -3.64 -7.46
C VAL A 44 -1.97 -2.21 -7.85
N GLY A 45 -1.88 -1.36 -6.83
CA GLY A 45 -1.54 0.03 -7.05
C GLY A 45 -0.29 0.16 -7.91
N CYS A 46 0.69 -0.67 -7.61
CA CYS A 46 1.94 -0.66 -8.36
C CYS A 46 1.62 -0.91 -9.84
N LEU A 47 1.13 -2.10 -10.11
CA LEU A 47 0.77 -2.46 -11.47
C LEU A 47 0.11 -1.28 -12.16
N ALA A 48 -0.72 -0.58 -11.40
CA ALA A 48 -1.43 0.58 -11.93
C ALA A 48 -0.41 1.60 -12.43
N GLY A 49 0.31 2.19 -11.48
CA GLY A 49 1.32 3.18 -11.81
C GLY A 49 2.39 2.60 -12.74
N TYR A 50 3.19 1.71 -12.17
CA TYR A 50 4.25 1.07 -12.94
C TYR A 50 3.75 0.66 -14.33
N GLY A 51 2.70 -0.15 -14.33
CA GLY A 51 2.13 -0.62 -15.57
C GLY A 51 1.87 0.54 -16.54
N ALA A 52 1.16 1.54 -16.03
CA ALA A 52 0.84 2.71 -16.83
C ALA A 52 2.13 3.30 -17.40
N TYR A 53 3.21 3.15 -16.64
CA TYR A 53 4.50 3.65 -17.06
C TYR A 53 5.14 2.73 -18.09
N ARG A 54 4.82 1.45 -17.97
CA ARG A 54 5.36 0.46 -18.89
C ARG A 54 4.56 0.44 -20.19
N VAL A 55 3.25 0.28 -20.05
CA VAL A 55 2.37 0.26 -21.20
C VAL A 55 1.54 1.53 -21.24
N SER A 56 2.25 2.65 -21.34
CA SER A 56 1.59 3.94 -21.39
C SER A 56 0.60 3.99 -22.56
N ASN A 57 -0.32 4.94 -22.47
CA ASN A 57 -1.32 5.10 -23.51
C ASN A 57 -2.24 6.28 -23.17
N ASP A 58 -2.53 6.39 -21.88
CA ASP A 58 -3.39 7.46 -21.39
C ASP A 58 -3.37 7.48 -19.86
N LYS A 59 -3.96 6.45 -19.28
CA LYS A 59 -4.01 6.34 -17.84
C LYS A 59 -4.27 7.73 -17.23
N ARG A 60 -3.78 7.90 -16.01
CA ARG A 60 -3.96 9.17 -15.32
C ARG A 60 -3.21 9.15 -13.98
N ASP A 61 -2.14 9.93 -13.94
CA ASP A 61 -1.33 10.00 -12.73
C ASP A 61 -2.24 10.29 -11.53
N VAL A 62 -1.96 9.59 -10.44
CA VAL A 62 -2.74 9.77 -9.23
C VAL A 62 -4.16 9.24 -9.46
N LYS A 63 -4.90 9.95 -10.30
CA LYS A 63 -6.26 9.57 -10.60
C LYS A 63 -6.33 8.05 -10.76
N VAL A 64 -5.38 7.52 -11.50
CA VAL A 64 -5.32 6.08 -11.73
C VAL A 64 -5.64 5.35 -10.44
N SER A 65 -4.84 5.65 -9.42
CA SER A 65 -5.02 5.02 -8.12
C SER A 65 -6.49 5.09 -7.70
N LEU A 66 -7.07 6.27 -7.89
CA LEU A 66 -8.47 6.47 -7.54
C LEU A 66 -9.33 5.43 -8.26
N PHE A 67 -8.98 5.20 -9.52
CA PHE A 67 -9.72 4.24 -10.33
C PHE A 67 -9.38 2.80 -9.92
N THR A 68 -8.23 2.66 -9.28
CA THR A 68 -7.78 1.36 -8.82
C THR A 68 -8.58 0.92 -7.59
N ALA A 69 -8.60 1.79 -6.60
CA ALA A 69 -9.33 1.50 -5.37
C ALA A 69 -10.83 1.54 -5.65
N PHE A 70 -11.20 2.40 -6.58
CA PHE A 70 -12.60 2.55 -6.96
C PHE A 70 -13.14 1.26 -7.57
N PHE A 71 -12.43 0.78 -8.59
CA PHE A 71 -12.83 -0.44 -9.28
C PHE A 71 -12.78 -1.64 -8.34
N LEU A 72 -11.69 -1.71 -7.58
CA LEU A 72 -11.52 -2.81 -6.63
C LEU A 72 -12.73 -2.88 -5.70
N ALA A 73 -12.97 -1.77 -5.01
CA ALA A 73 -14.10 -1.70 -4.10
C ALA A 73 -15.37 -2.15 -4.82
N THR A 74 -15.59 -1.55 -5.97
CA THR A 74 -16.77 -1.87 -6.77
C THR A 74 -16.82 -3.38 -7.05
N ILE A 75 -15.64 -3.97 -7.15
CA ILE A 75 -15.54 -5.40 -7.41
C ILE A 75 -15.86 -6.17 -6.14
N MET A 76 -15.55 -5.55 -5.01
CA MET A 76 -15.81 -6.17 -3.72
C MET A 76 -17.27 -6.01 -3.32
N GLY A 77 -17.73 -4.76 -3.31
CA GLY A 77 -19.10 -4.47 -2.94
C GLY A 77 -19.20 -4.08 -1.47
N VAL A 78 -18.45 -3.04 -1.12
CA VAL A 78 -18.44 -2.56 0.25
C VAL A 78 -19.00 -1.14 0.30
N ARG A 79 -19.81 -0.88 1.31
CA ARG A 79 -20.41 0.44 1.47
C ARG A 79 -19.57 1.30 2.41
N PHE A 80 -19.81 2.60 2.37
CA PHE A 80 -19.08 3.53 3.21
C PHE A 80 -19.63 3.51 4.64
N LYS A 81 -18.75 3.16 5.57
CA LYS A 81 -19.13 3.11 6.97
C LYS A 81 -20.19 2.02 7.17
N ARG A 82 -19.89 1.10 8.08
CA ARG A 82 -20.80 0.01 8.36
C ARG A 82 -20.34 -0.75 9.61
N SER A 83 -19.07 -1.10 9.61
CA SER A 83 -18.50 -1.82 10.74
C SER A 83 -17.74 -0.85 11.65
N LYS A 84 -17.49 -1.32 12.87
CA LYS A 84 -16.78 -0.51 13.85
C LYS A 84 -15.50 -1.24 14.27
N LYS A 85 -14.38 -0.57 14.03
CA LYS A 85 -13.09 -1.14 14.37
C LYS A 85 -12.80 -2.33 13.47
N ILE A 86 -13.60 -3.38 13.63
CA ILE A 86 -13.44 -4.58 12.83
C ILE A 86 -13.86 -4.28 11.39
N MET A 87 -13.13 -3.38 10.76
CA MET A 87 -13.41 -3.01 9.39
C MET A 87 -12.12 -2.88 8.58
N PRO A 88 -12.25 -3.13 7.25
CA PRO A 88 -11.10 -3.04 6.36
C PRO A 88 -10.75 -1.59 6.07
N ALA A 89 -10.53 -0.84 7.15
CA ALA A 89 -10.18 0.56 7.04
C ALA A 89 -8.76 0.68 6.48
N GLY A 90 -7.89 -0.21 6.96
CA GLY A 90 -6.50 -0.21 6.52
C GLY A 90 -6.40 0.12 5.04
N LEU A 91 -7.20 -0.57 4.25
CA LEU A 91 -7.20 -0.36 2.81
C LEU A 91 -7.19 1.14 2.52
N VAL A 92 -8.19 1.83 3.07
CA VAL A 92 -8.31 3.26 2.87
C VAL A 92 -7.03 3.95 3.37
N ALA A 93 -6.50 3.39 4.46
CA ALA A 93 -5.29 3.95 5.05
C ALA A 93 -4.14 3.83 4.04
N GLY A 94 -4.21 2.79 3.22
CA GLY A 94 -3.19 2.55 2.22
C GLY A 94 -3.32 3.55 1.06
N LEU A 95 -4.53 3.61 0.51
CA LEU A 95 -4.79 4.52 -0.60
C LEU A 95 -4.30 5.91 -0.23
N SER A 96 -4.60 6.32 0.99
CA SER A 96 -4.19 7.63 1.46
C SER A 96 -2.67 7.72 1.52
N LEU A 97 -2.07 6.79 2.25
CA LEU A 97 -0.63 6.75 2.37
C LEU A 97 0.01 6.98 1.01
N MET A 98 -0.59 6.37 0.00
CA MET A 98 -0.10 6.49 -1.36
C MET A 98 -0.25 7.92 -1.88
N MET A 99 -1.46 8.45 -1.72
CA MET A 99 -1.75 9.80 -2.16
C MET A 99 -0.72 10.79 -1.61
N ILE A 100 -0.67 10.89 -0.29
CA ILE A 100 0.26 11.78 0.37
C ILE A 100 1.67 11.52 -0.16
N LEU A 101 2.03 10.24 -0.19
CA LEU A 101 3.35 9.85 -0.66
C LEU A 101 3.57 10.41 -2.06
N ARG A 102 2.48 10.49 -2.82
CA ARG A 102 2.54 11.00 -4.17
C ARG A 102 2.66 12.53 -4.15
N LEU A 103 2.08 13.12 -3.12
CA LEU A 103 2.11 14.56 -2.97
C LEU A 103 3.54 15.06 -3.18
N VAL A 104 4.46 14.45 -2.45
CA VAL A 104 5.87 14.82 -2.54
C VAL A 104 6.45 14.25 -3.83
N LEU A 105 6.08 13.01 -4.12
CA LEU A 105 6.56 12.34 -5.32
C LEU A 105 6.43 13.29 -6.52
N LEU A 106 5.35 14.07 -6.49
CA LEU A 106 5.10 15.02 -7.56
C LEU A 106 6.40 15.72 -7.94
N LEU A 107 7.19 16.04 -6.93
CA LEU A 107 8.46 16.72 -7.15
C LEU A 107 9.43 15.74 -7.82
N LEU A 108 9.48 14.54 -7.27
CA LEU A 108 10.37 13.52 -7.81
C LEU A 108 10.11 13.36 -9.31
N MET A 10 2.64 3.93 27.68
CA MET A 10 3.68 2.92 27.56
C MET A 10 3.48 2.07 26.30
N ASP A 11 4.59 1.61 25.75
CA ASP A 11 4.56 0.79 24.55
C ASP A 11 5.98 0.37 24.17
N LEU A 12 6.83 1.38 24.01
CA LEU A 12 8.21 1.14 23.65
C LEU A 12 9.12 1.53 24.82
N ILE A 13 10.41 1.28 24.64
CA ILE A 13 11.38 1.60 25.67
C ILE A 13 12.33 2.68 25.15
N GLY A 14 13.09 2.31 24.12
CA GLY A 14 14.04 3.24 23.53
C GLY A 14 13.88 3.28 22.00
N PHE A 15 14.60 4.20 21.39
CA PHE A 15 14.54 4.36 19.95
C PHE A 15 15.60 3.49 19.27
N GLY A 16 16.83 3.63 19.73
CA GLY A 16 17.93 2.86 19.18
C GLY A 16 17.48 1.44 18.80
N TYR A 17 16.98 0.73 19.80
CA TYR A 17 16.51 -0.63 19.60
C TYR A 17 15.61 -0.72 18.37
N ALA A 18 14.65 0.21 18.31
CA ALA A 18 13.71 0.24 17.21
C ALA A 18 14.48 0.35 15.89
N ALA A 19 15.57 1.12 15.94
CA ALA A 19 16.40 1.30 14.77
C ALA A 19 17.15 0.01 14.46
N LEU A 20 17.41 -0.75 15.51
CA LEU A 20 18.11 -2.01 15.36
C LEU A 20 17.22 -3.01 14.61
N VAL A 21 16.03 -3.22 15.15
CA VAL A 21 15.08 -4.13 14.56
C VAL A 21 14.84 -3.72 13.10
N THR A 22 14.54 -2.44 12.92
CA THR A 22 14.29 -1.91 11.59
C THR A 22 15.40 -2.34 10.63
N PHE A 23 16.61 -1.91 10.95
CA PHE A 23 17.77 -2.23 10.13
C PHE A 23 17.83 -3.73 9.84
N GLY A 24 17.58 -4.51 10.89
CA GLY A 24 17.61 -5.96 10.76
C GLY A 24 16.52 -6.45 9.82
N SER A 25 15.29 -6.45 10.33
CA SER A 25 14.15 -6.89 9.55
C SER A 25 14.28 -6.39 8.11
N ILE A 26 14.51 -5.10 7.99
CA ILE A 26 14.66 -4.49 6.67
C ILE A 26 15.66 -5.28 5.85
N PHE A 27 16.83 -5.52 6.44
CA PHE A 27 17.87 -6.27 5.78
C PHE A 27 17.38 -7.66 5.39
N GLY A 28 16.46 -8.18 6.19
CA GLY A 28 15.91 -9.49 5.95
C GLY A 28 14.80 -9.45 4.89
N TYR A 29 14.26 -8.25 4.72
CA TYR A 29 13.20 -8.05 3.75
C TYR A 29 12.27 -9.26 3.68
N LYS A 30 11.64 -9.55 4.82
CA LYS A 30 10.73 -10.68 4.91
C LYS A 30 10.05 -10.67 6.27
N ARG A 31 10.88 -10.83 7.30
CA ARG A 31 10.38 -10.85 8.67
C ARG A 31 9.36 -9.72 8.87
N ARG A 32 8.68 -9.77 10.00
CA ARG A 32 7.68 -8.77 10.34
C ARG A 32 6.52 -8.83 9.34
N GLY A 33 5.57 -9.71 9.63
CA GLY A 33 4.41 -9.87 8.78
C GLY A 33 4.63 -10.99 7.76
N GLY A 34 3.55 -11.36 7.09
CA GLY A 34 3.62 -12.41 6.09
C GLY A 34 3.12 -11.91 4.73
N VAL A 35 1.96 -12.40 4.34
CA VAL A 35 1.37 -12.01 3.07
C VAL A 35 -0.13 -11.78 3.26
N PRO A 36 -0.47 -10.69 4.00
CA PRO A 36 -1.86 -10.37 4.26
C PRO A 36 -2.53 -9.77 3.01
N SER A 37 -3.78 -9.38 3.18
CA SER A 37 -4.54 -8.79 2.09
C SER A 37 -3.84 -7.53 1.57
N LEU A 38 -3.45 -6.68 2.51
CA LEU A 38 -2.76 -5.44 2.17
C LEU A 38 -1.74 -5.73 1.07
N ILE A 39 -0.88 -6.70 1.34
CA ILE A 39 0.15 -7.06 0.38
C ILE A 39 -0.48 -7.27 -0.98
N ALA A 40 -1.56 -8.04 -0.99
CA ALA A 40 -2.26 -8.33 -2.23
C ALA A 40 -2.62 -7.01 -2.93
N GLY A 41 -2.99 -6.03 -2.12
CA GLY A 41 -3.36 -4.73 -2.64
C GLY A 41 -2.13 -3.98 -3.17
N LEU A 42 -0.99 -4.28 -2.55
CA LEU A 42 0.26 -3.65 -2.94
C LEU A 42 0.72 -4.22 -4.29
N PHE A 43 0.51 -5.52 -4.45
CA PHE A 43 0.90 -6.19 -5.68
C PHE A 43 0.01 -5.73 -6.85
N VAL A 44 -1.29 -5.93 -6.68
CA VAL A 44 -2.25 -5.55 -7.71
C VAL A 44 -2.06 -4.07 -8.04
N GLY A 45 -2.07 -3.25 -7.00
CA GLY A 45 -1.91 -1.82 -7.17
C GLY A 45 -0.66 -1.50 -7.99
N CYS A 46 0.47 -1.96 -7.47
CA CYS A 46 1.75 -1.74 -8.15
C CYS A 46 1.60 -2.16 -9.61
N LEU A 47 1.00 -3.32 -9.80
CA LEU A 47 0.79 -3.86 -11.14
C LEU A 47 0.20 -2.75 -12.02
N ALA A 48 -0.97 -2.28 -11.62
CA ALA A 48 -1.65 -1.23 -12.37
C ALA A 48 -0.75 0.02 -12.43
N GLY A 49 -0.60 0.65 -11.28
CA GLY A 49 0.22 1.84 -11.18
C GLY A 49 1.46 1.73 -12.07
N TYR A 50 2.44 0.99 -11.58
CA TYR A 50 3.67 0.79 -12.32
C TYR A 50 3.40 0.63 -13.81
N GLY A 51 2.51 -0.31 -14.12
CA GLY A 51 2.16 -0.57 -15.51
C GLY A 51 1.88 0.73 -16.26
N ALA A 52 0.88 1.45 -15.77
CA ALA A 52 0.51 2.71 -16.39
C ALA A 52 1.73 3.64 -16.43
N TYR A 53 2.61 3.45 -15.46
CA TYR A 53 3.81 4.25 -15.38
C TYR A 53 4.76 3.95 -16.54
N ARG A 54 4.75 2.68 -16.94
CA ARG A 54 5.61 2.24 -18.03
C ARG A 54 5.52 3.22 -19.21
N VAL A 55 4.29 3.55 -19.57
CA VAL A 55 4.06 4.47 -20.67
C VAL A 55 2.61 4.37 -21.12
N SER A 56 2.16 3.13 -21.29
CA SER A 56 0.79 2.88 -21.71
C SER A 56 -0.19 3.47 -20.69
N ASN A 57 -1.45 3.52 -21.09
CA ASN A 57 -2.49 4.07 -20.24
C ASN A 57 -2.21 5.54 -19.96
N ASP A 58 -3.03 6.39 -20.56
CA ASP A 58 -2.88 7.82 -20.39
C ASP A 58 -3.37 8.22 -19.00
N LYS A 59 -2.67 7.73 -17.99
CA LYS A 59 -3.03 8.02 -16.61
C LYS A 59 -2.02 7.35 -15.67
N ARG A 60 -1.49 8.16 -14.76
CA ARG A 60 -0.53 7.66 -13.80
C ARG A 60 -0.10 8.77 -12.84
N ASP A 61 -0.97 9.03 -11.88
CA ASP A 61 -0.71 10.07 -10.89
C ASP A 61 -1.96 10.30 -10.04
N VAL A 62 -2.07 9.52 -8.97
CA VAL A 62 -3.21 9.63 -8.08
C VAL A 62 -4.45 9.05 -8.77
N LYS A 63 -4.78 9.63 -9.91
CA LYS A 63 -5.94 9.19 -10.68
C LYS A 63 -6.00 7.66 -10.64
N VAL A 64 -5.01 7.04 -11.26
CA VAL A 64 -4.94 5.59 -11.31
C VAL A 64 -5.33 5.02 -9.94
N SER A 65 -4.65 5.51 -8.91
CA SER A 65 -4.92 5.06 -7.55
C SER A 65 -6.42 5.13 -7.27
N LEU A 66 -7.02 6.27 -7.61
CA LEU A 66 -8.43 6.47 -7.39
C LEU A 66 -9.22 5.36 -8.10
N PHE A 67 -8.70 4.96 -9.26
CA PHE A 67 -9.33 3.91 -10.03
C PHE A 67 -9.09 2.53 -9.40
N THR A 68 -7.99 2.44 -8.66
CA THR A 68 -7.63 1.20 -8.01
C THR A 68 -8.59 0.91 -6.85
N ALA A 69 -8.77 1.92 -6.01
CA ALA A 69 -9.66 1.80 -4.86
C ALA A 69 -11.11 1.74 -5.35
N PHE A 70 -11.38 2.51 -6.39
CA PHE A 70 -12.71 2.56 -6.96
C PHE A 70 -13.16 1.18 -7.44
N PHE A 71 -12.30 0.54 -8.20
CA PHE A 71 -12.58 -0.79 -8.73
C PHE A 71 -12.62 -1.82 -7.60
N LEU A 72 -11.66 -1.71 -6.70
CA LEU A 72 -11.59 -2.63 -5.57
C LEU A 72 -12.90 -2.58 -4.79
N ALA A 73 -13.20 -1.40 -4.29
CA ALA A 73 -14.42 -1.20 -3.52
C ALA A 73 -15.62 -1.77 -4.30
N THR A 74 -15.72 -1.33 -5.54
CA THR A 74 -16.81 -1.78 -6.41
C THR A 74 -16.81 -3.31 -6.50
N ILE A 75 -15.63 -3.88 -6.37
CA ILE A 75 -15.49 -5.33 -6.44
C ILE A 75 -15.91 -5.93 -5.09
N MET A 76 -15.71 -5.16 -4.04
CA MET A 76 -16.06 -5.61 -2.70
C MET A 76 -17.57 -5.47 -2.47
N GLY A 77 -18.02 -4.22 -2.44
CA GLY A 77 -19.43 -3.94 -2.22
C GLY A 77 -19.84 -2.64 -2.92
N VAL A 78 -19.80 -1.56 -2.16
CA VAL A 78 -20.17 -0.26 -2.70
C VAL A 78 -19.27 0.81 -2.08
N ARG A 79 -19.24 0.83 -0.75
CA ARG A 79 -18.43 1.79 -0.03
C ARG A 79 -18.21 1.32 1.41
N PHE A 80 -17.04 1.65 1.94
CA PHE A 80 -16.70 1.27 3.30
C PHE A 80 -17.57 2.01 4.32
N LYS A 81 -17.66 1.44 5.50
CA LYS A 81 -18.45 2.02 6.57
C LYS A 81 -17.70 1.91 7.89
N ARG A 82 -18.27 2.53 8.92
CA ARG A 82 -17.66 2.51 10.24
C ARG A 82 -17.69 1.09 10.81
N SER A 83 -16.56 0.41 10.68
CA SER A 83 -16.43 -0.95 11.18
C SER A 83 -15.07 -1.52 10.80
N LYS A 84 -14.84 -2.75 11.24
CA LYS A 84 -13.59 -3.42 10.95
C LYS A 84 -13.86 -4.88 10.56
N LYS A 85 -14.39 -5.04 9.35
CA LYS A 85 -14.71 -6.36 8.84
C LYS A 85 -13.51 -6.91 8.07
N ILE A 86 -13.21 -6.24 6.97
CA ILE A 86 -12.08 -6.65 6.13
C ILE A 86 -11.13 -5.46 5.95
N MET A 87 -10.66 -4.95 7.08
CA MET A 87 -9.75 -3.82 7.05
C MET A 87 -10.16 -2.80 5.99
N PRO A 88 -11.37 -2.21 6.19
CA PRO A 88 -11.88 -1.23 5.26
C PRO A 88 -11.17 0.11 5.43
N ALA A 89 -11.28 0.66 6.63
CA ALA A 89 -10.65 1.94 6.92
C ALA A 89 -9.21 1.91 6.45
N GLY A 90 -8.48 0.91 6.91
CA GLY A 90 -7.08 0.77 6.55
C GLY A 90 -6.87 1.08 5.07
N LEU A 91 -7.66 0.41 4.23
CA LEU A 91 -7.57 0.61 2.79
C LEU A 91 -7.58 2.11 2.50
N VAL A 92 -8.54 2.80 3.08
CA VAL A 92 -8.67 4.23 2.89
C VAL A 92 -7.36 4.92 3.29
N ALA A 93 -6.77 4.40 4.35
CA ALA A 93 -5.52 4.95 4.85
C ALA A 93 -4.41 4.71 3.82
N GLY A 94 -4.57 3.62 3.08
CA GLY A 94 -3.59 3.27 2.07
C GLY A 94 -3.67 4.23 0.87
N LEU A 95 -4.89 4.45 0.41
CA LEU A 95 -5.11 5.34 -0.71
C LEU A 95 -4.59 6.74 -0.36
N SER A 96 -4.93 7.18 0.84
CA SER A 96 -4.51 8.49 1.31
C SER A 96 -2.98 8.59 1.28
N LEU A 97 -2.35 7.64 1.96
CA LEU A 97 -0.91 7.60 2.02
C LEU A 97 -0.34 7.70 0.61
N MET A 98 -0.99 7.02 -0.31
CA MET A 98 -0.55 7.01 -1.70
C MET A 98 -0.57 8.43 -2.27
N MET A 99 -1.71 9.09 -2.10
CA MET A 99 -1.87 10.45 -2.60
C MET A 99 -0.75 11.35 -2.08
N ILE A 100 -0.64 11.40 -0.75
CA ILE A 100 0.37 12.22 -0.11
C ILE A 100 1.74 11.93 -0.74
N LEU A 101 2.09 10.64 -0.73
CA LEU A 101 3.36 10.21 -1.29
C LEU A 101 3.46 10.68 -2.75
N ARG A 102 2.30 10.78 -3.38
CA ARG A 102 2.24 11.22 -4.76
C ARG A 102 2.52 12.71 -4.86
N LEU A 103 2.11 13.43 -3.83
CA LEU A 103 2.32 14.87 -3.79
C LEU A 103 3.82 15.17 -3.92
N VAL A 104 4.61 14.41 -3.17
CA VAL A 104 6.05 14.58 -3.20
C VAL A 104 6.62 13.93 -4.46
N LEU A 105 6.01 12.81 -4.84
CA LEU A 105 6.45 12.10 -6.02
C LEU A 105 6.59 13.07 -7.19
N LEU A 106 5.58 13.92 -7.34
CA LEU A 106 5.58 14.91 -8.41
C LEU A 106 6.99 15.49 -8.55
N LEU A 107 7.49 16.03 -7.44
CA LEU A 107 8.81 16.62 -7.42
C LEU A 107 9.83 15.61 -7.97
N LEU A 108 9.83 14.43 -7.35
CA LEU A 108 10.73 13.38 -7.76
C LEU A 108 10.79 13.31 -9.29
N MET A 10 21.35 -12.72 25.55
CA MET A 10 20.83 -11.38 25.43
C MET A 10 19.91 -11.03 26.61
N ASP A 11 20.48 -10.30 27.56
CA ASP A 11 19.73 -9.90 28.74
C ASP A 11 19.03 -8.56 28.47
N LEU A 12 19.85 -7.56 28.17
CA LEU A 12 19.32 -6.24 27.88
C LEU A 12 18.27 -6.33 26.78
N ILE A 13 17.59 -5.21 26.55
CA ILE A 13 16.57 -5.16 25.52
C ILE A 13 17.10 -4.40 24.31
N GLY A 14 17.62 -3.22 24.59
CA GLY A 14 18.17 -2.37 23.53
C GLY A 14 17.30 -2.44 22.28
N PHE A 15 16.07 -1.97 22.41
CA PHE A 15 15.14 -1.98 21.29
C PHE A 15 15.85 -1.65 19.98
N GLY A 16 16.59 -0.54 20.01
CA GLY A 16 17.32 -0.10 18.83
C GLY A 16 17.89 -1.30 18.06
N TYR A 17 18.66 -2.11 18.77
CA TYR A 17 19.27 -3.28 18.16
C TYR A 17 18.24 -4.08 17.37
N ALA A 18 17.12 -4.35 18.01
CA ALA A 18 16.04 -5.10 17.38
C ALA A 18 15.61 -4.39 16.10
N ALA A 19 15.62 -3.06 16.16
CA ALA A 19 15.25 -2.25 15.02
C ALA A 19 16.29 -2.41 13.92
N LEU A 20 17.53 -2.65 14.35
CA LEU A 20 18.62 -2.82 13.41
C LEU A 20 18.50 -4.18 12.73
N VAL A 21 18.24 -5.20 13.54
CA VAL A 21 18.09 -6.55 13.03
C VAL A 21 17.01 -6.57 11.95
N THR A 22 15.84 -6.10 12.34
CA THR A 22 14.70 -6.06 11.43
C THR A 22 15.07 -5.26 10.17
N PHE A 23 15.60 -4.08 10.39
CA PHE A 23 16.00 -3.21 9.29
C PHE A 23 16.78 -4.00 8.23
N GLY A 24 17.93 -4.51 8.65
CA GLY A 24 18.77 -5.27 7.74
C GLY A 24 18.01 -6.47 7.16
N SER A 25 17.58 -7.36 8.06
CA SER A 25 16.85 -8.53 7.65
C SER A 25 15.88 -8.19 6.52
N ILE A 26 14.92 -7.34 6.84
CA ILE A 26 13.93 -6.92 5.86
C ILE A 26 14.65 -6.53 4.56
N PHE A 27 15.72 -5.77 4.71
CA PHE A 27 16.49 -5.33 3.56
C PHE A 27 16.86 -6.51 2.67
N GLY A 28 17.28 -7.59 3.30
CA GLY A 28 17.67 -8.78 2.57
C GLY A 28 16.45 -9.60 2.17
N TYR A 29 15.34 -9.33 2.86
CA TYR A 29 14.10 -10.03 2.58
C TYR A 29 14.31 -11.54 2.55
N LYS A 30 13.91 -12.18 3.64
CA LYS A 30 14.06 -13.62 3.76
C LYS A 30 12.85 -14.19 4.51
N ARG A 31 11.69 -14.07 3.87
CA ARG A 31 10.45 -14.57 4.46
C ARG A 31 10.02 -13.67 5.61
N ARG A 32 9.14 -12.73 5.29
CA ARG A 32 8.65 -11.80 6.30
C ARG A 32 7.40 -12.37 6.98
N GLY A 33 6.38 -12.61 6.17
CA GLY A 33 5.14 -13.16 6.68
C GLY A 33 4.33 -13.83 5.57
N GLY A 34 3.38 -13.08 5.04
CA GLY A 34 2.53 -13.59 3.97
C GLY A 34 1.81 -12.45 3.26
N VAL A 35 0.50 -12.64 3.08
CA VAL A 35 -0.31 -11.63 2.41
C VAL A 35 -1.52 -11.30 3.29
N PRO A 36 -1.34 -10.26 4.15
CA PRO A 36 -2.41 -9.84 5.05
C PRO A 36 -3.49 -9.08 4.28
N SER A 37 -3.07 -7.99 3.65
CA SER A 37 -3.99 -7.16 2.89
C SER A 37 -3.25 -5.97 2.29
N LEU A 38 -2.74 -5.12 3.17
CA LEU A 38 -2.01 -3.94 2.73
C LEU A 38 -1.08 -4.32 1.58
N ILE A 39 -0.31 -5.37 1.80
CA ILE A 39 0.62 -5.85 0.79
C ILE A 39 -0.11 -6.00 -0.55
N ALA A 40 -1.25 -6.69 -0.49
CA ALA A 40 -2.05 -6.90 -1.68
C ALA A 40 -2.39 -5.57 -2.32
N GLY A 41 -2.59 -4.57 -1.46
CA GLY A 41 -2.92 -3.24 -1.92
C GLY A 41 -1.71 -2.57 -2.58
N LEU A 42 -0.53 -2.95 -2.10
CA LEU A 42 0.70 -2.39 -2.62
C LEU A 42 0.97 -2.98 -4.01
N PHE A 43 0.77 -4.28 -4.13
CA PHE A 43 0.99 -4.97 -5.38
C PHE A 43 0.00 -4.49 -6.45
N VAL A 44 -1.25 -4.37 -6.03
CA VAL A 44 -2.31 -3.92 -6.93
C VAL A 44 -1.99 -2.51 -7.41
N GLY A 45 -1.86 -1.60 -6.45
CA GLY A 45 -1.56 -0.21 -6.77
C GLY A 45 -0.36 -0.11 -7.71
N CYS A 46 0.64 -0.93 -7.43
CA CYS A 46 1.85 -0.94 -8.25
C CYS A 46 1.45 -1.32 -9.67
N LEU A 47 0.95 -2.54 -9.81
CA LEU A 47 0.53 -3.03 -11.11
C LEU A 47 -0.18 -1.92 -11.87
N ALA A 48 -1.05 -1.22 -11.16
CA ALA A 48 -1.80 -0.12 -11.75
C ALA A 48 -0.83 0.91 -12.33
N GLY A 49 -0.24 1.68 -11.42
CA GLY A 49 0.72 2.70 -11.81
C GLY A 49 1.77 2.14 -12.76
N TYR A 50 2.65 1.32 -12.22
CA TYR A 50 3.70 0.71 -13.00
C TYR A 50 3.20 0.33 -14.39
N GLY A 51 2.22 -0.56 -14.41
CA GLY A 51 1.65 -1.01 -15.66
C GLY A 51 1.32 0.17 -16.58
N ALA A 52 0.62 1.14 -16.00
CA ALA A 52 0.23 2.32 -16.75
C ALA A 52 1.47 2.91 -17.43
N TYR A 53 2.57 2.89 -16.70
CA TYR A 53 3.82 3.42 -17.23
C TYR A 53 4.42 2.48 -18.27
N ARG A 54 4.13 1.20 -18.10
CA ARG A 54 4.64 0.19 -19.03
C ARG A 54 3.91 0.30 -20.38
N VAL A 55 2.58 0.34 -20.30
CA VAL A 55 1.77 0.45 -21.49
C VAL A 55 1.76 1.90 -21.97
N SER A 56 1.43 2.79 -21.04
CA SER A 56 1.37 4.21 -21.35
C SER A 56 0.77 4.42 -22.74
N ASN A 57 -0.55 4.35 -22.78
CA ASN A 57 -1.27 4.52 -24.04
C ASN A 57 -2.35 5.60 -23.86
N ASP A 58 -3.11 5.45 -22.79
CA ASP A 58 -4.17 6.40 -22.49
C ASP A 58 -3.58 7.63 -21.80
N LYS A 59 -2.88 7.37 -20.70
CA LYS A 59 -2.26 8.43 -19.94
C LYS A 59 -1.46 7.83 -18.78
N ARG A 60 -0.96 8.71 -17.92
CA ARG A 60 -0.19 8.28 -16.77
C ARG A 60 -0.19 9.36 -15.69
N ASP A 61 -0.93 9.09 -14.63
CA ASP A 61 -1.03 10.03 -13.53
C ASP A 61 -1.59 9.30 -12.30
N VAL A 62 -1.63 10.04 -11.19
CA VAL A 62 -2.14 9.48 -9.95
C VAL A 62 -3.58 9.00 -10.16
N LYS A 63 -4.22 9.59 -11.15
CA LYS A 63 -5.60 9.24 -11.46
C LYS A 63 -5.77 7.72 -11.33
N VAL A 64 -4.80 7.00 -11.86
CA VAL A 64 -4.83 5.54 -11.80
C VAL A 64 -5.29 5.10 -10.41
N SER A 65 -4.58 5.61 -9.40
CA SER A 65 -4.90 5.27 -8.02
C SER A 65 -6.40 5.46 -7.77
N LEU A 66 -6.90 6.59 -8.24
CA LEU A 66 -8.31 6.91 -8.08
C LEU A 66 -9.16 5.79 -8.69
N PHE A 67 -8.69 5.29 -9.83
CA PHE A 67 -9.38 4.23 -10.53
C PHE A 67 -9.16 2.89 -9.84
N THR A 68 -8.11 2.83 -9.04
CA THR A 68 -7.78 1.61 -8.32
C THR A 68 -8.69 1.45 -7.11
N ALA A 69 -8.95 2.56 -6.43
CA ALA A 69 -9.80 2.55 -5.26
C ALA A 69 -11.27 2.47 -5.70
N PHE A 70 -11.56 3.19 -6.77
CA PHE A 70 -12.92 3.21 -7.31
C PHE A 70 -13.32 1.84 -7.85
N PHE A 71 -12.42 1.27 -8.65
CA PHE A 71 -12.68 -0.03 -9.23
C PHE A 71 -12.68 -1.13 -8.16
N LEU A 72 -11.65 -1.09 -7.32
CA LEU A 72 -11.52 -2.07 -6.26
C LEU A 72 -12.82 -2.11 -5.45
N ALA A 73 -13.19 -0.96 -4.93
CA ALA A 73 -14.42 -0.85 -4.14
C ALA A 73 -15.59 -1.42 -4.94
N THR A 74 -15.71 -0.96 -6.18
CA THR A 74 -16.76 -1.42 -7.06
C THR A 74 -16.74 -2.95 -7.16
N ILE A 75 -15.54 -3.50 -7.05
CA ILE A 75 -15.37 -4.94 -7.13
C ILE A 75 -15.79 -5.57 -5.80
N MET A 76 -15.61 -4.81 -4.74
CA MET A 76 -15.96 -5.30 -3.40
C MET A 76 -17.48 -5.44 -3.26
N GLY A 77 -18.18 -4.53 -3.90
CA GLY A 77 -19.64 -4.54 -3.85
C GLY A 77 -20.19 -3.14 -3.57
N VAL A 78 -20.21 -2.79 -2.30
CA VAL A 78 -20.70 -1.48 -1.89
C VAL A 78 -19.77 -0.89 -0.83
N ARG A 79 -19.44 0.37 -1.02
CA ARG A 79 -18.55 1.06 -0.09
C ARG A 79 -19.37 1.70 1.03
N PHE A 80 -19.54 0.94 2.10
CA PHE A 80 -20.29 1.41 3.25
C PHE A 80 -19.38 2.18 4.21
N LYS A 81 -18.29 1.54 4.60
CA LYS A 81 -17.35 2.15 5.51
C LYS A 81 -18.06 2.52 6.81
N ARG A 82 -18.47 1.49 7.54
CA ARG A 82 -19.15 1.69 8.81
C ARG A 82 -18.49 0.88 9.91
N SER A 83 -18.45 -0.44 9.71
CA SER A 83 -17.84 -1.33 10.68
C SER A 83 -16.34 -1.04 10.78
N LYS A 84 -15.89 -0.90 12.02
CA LYS A 84 -14.49 -0.62 12.27
C LYS A 84 -13.70 -1.94 12.29
N LYS A 85 -13.76 -2.64 11.17
CA LYS A 85 -13.07 -3.92 11.05
C LYS A 85 -11.64 -3.68 10.58
N ILE A 86 -10.87 -4.75 10.55
CA ILE A 86 -9.49 -4.66 10.12
C ILE A 86 -9.33 -5.36 8.76
N MET A 87 -9.49 -4.56 7.71
CA MET A 87 -9.37 -5.08 6.36
C MET A 87 -9.96 -4.09 5.34
N PRO A 88 -11.23 -3.68 5.62
CA PRO A 88 -11.91 -2.75 4.74
C PRO A 88 -11.37 -1.32 4.92
N ALA A 89 -11.48 -0.85 6.14
CA ALA A 89 -11.00 0.49 6.47
C ALA A 89 -9.51 0.57 6.20
N GLY A 90 -8.77 -0.34 6.82
CA GLY A 90 -7.32 -0.38 6.66
C GLY A 90 -6.93 -0.11 5.21
N LEU A 91 -7.55 -0.86 4.31
CA LEU A 91 -7.27 -0.71 2.89
C LEU A 91 -7.34 0.77 2.51
N VAL A 92 -8.43 1.41 2.92
CA VAL A 92 -8.63 2.81 2.63
C VAL A 92 -7.46 3.62 3.21
N ALA A 93 -6.98 3.16 4.36
CA ALA A 93 -5.88 3.82 5.02
C ALA A 93 -4.60 3.65 4.19
N GLY A 94 -4.56 2.54 3.47
CA GLY A 94 -3.41 2.24 2.62
C GLY A 94 -3.38 3.16 1.40
N LEU A 95 -4.49 3.16 0.68
CA LEU A 95 -4.60 3.99 -0.51
C LEU A 95 -4.34 5.44 -0.15
N SER A 96 -4.89 5.84 1.00
CA SER A 96 -4.73 7.21 1.46
C SER A 96 -3.24 7.51 1.67
N LEU A 97 -2.61 6.71 2.51
CA LEU A 97 -1.20 6.88 2.80
C LEU A 97 -0.44 7.07 1.49
N MET A 98 -0.78 6.24 0.52
CA MET A 98 -0.13 6.30 -0.78
C MET A 98 -0.29 7.70 -1.40
N MET A 99 -1.52 8.14 -1.48
CA MET A 99 -1.82 9.45 -2.05
C MET A 99 -0.95 10.53 -1.40
N ILE A 100 -1.05 10.61 -0.07
CA ILE A 100 -0.29 11.59 0.68
C ILE A 100 1.17 11.54 0.23
N LEU A 101 1.79 10.39 0.45
CA LEU A 101 3.18 10.21 0.07
C LEU A 101 3.37 10.64 -1.38
N ARG A 102 2.31 10.49 -2.16
CA ARG A 102 2.35 10.86 -3.57
C ARG A 102 2.53 12.37 -3.71
N LEU A 103 1.78 13.10 -2.90
CA LEU A 103 1.84 14.54 -2.92
C LEU A 103 3.30 14.99 -2.82
N VAL A 104 4.08 14.21 -2.08
CA VAL A 104 5.49 14.52 -1.90
C VAL A 104 6.29 13.93 -3.07
N LEU A 105 5.96 12.69 -3.41
CA LEU A 105 6.64 12.01 -4.50
C LEU A 105 6.71 12.94 -5.71
N LEU A 106 5.61 13.64 -5.94
CA LEU A 106 5.55 14.56 -7.06
C LEU A 106 6.87 15.31 -7.17
N LEU A 107 7.24 15.98 -6.09
CA LEU A 107 8.47 16.73 -6.05
C LEU A 107 9.65 15.81 -6.44
N LEU A 108 9.68 14.65 -5.79
CA LEU A 108 10.73 13.69 -6.06
C LEU A 108 10.90 13.53 -7.56
N MET A 10 10.19 -3.97 27.78
CA MET A 10 10.81 -5.26 28.05
C MET A 10 12.13 -5.40 27.28
N ASP A 11 12.93 -6.37 27.71
CA ASP A 11 14.21 -6.61 27.06
C ASP A 11 14.92 -5.28 26.84
N LEU A 12 15.63 -4.84 27.86
CA LEU A 12 16.37 -3.58 27.78
C LEU A 12 17.84 -3.84 28.10
N ILE A 13 18.41 -4.78 27.36
CA ILE A 13 19.81 -5.13 27.55
C ILE A 13 20.58 -4.85 26.26
N GLY A 14 19.93 -5.17 25.14
CA GLY A 14 20.54 -4.97 23.84
C GLY A 14 19.47 -4.76 22.77
N PHE A 15 19.09 -3.50 22.59
CA PHE A 15 18.08 -3.15 21.61
C PHE A 15 18.72 -2.88 20.25
N GLY A 16 19.70 -1.97 20.26
CA GLY A 16 20.40 -1.61 19.04
C GLY A 16 20.59 -2.83 18.13
N TYR A 17 21.23 -3.84 18.69
CA TYR A 17 21.49 -5.06 17.94
C TYR A 17 20.22 -5.56 17.25
N ALA A 18 19.15 -5.62 18.02
CA ALA A 18 17.87 -6.07 17.49
C ALA A 18 17.49 -5.20 16.30
N ALA A 19 17.81 -3.92 16.41
CA ALA A 19 17.51 -2.97 15.36
C ALA A 19 18.40 -3.25 14.15
N LEU A 20 19.58 -3.78 14.43
CA LEU A 20 20.52 -4.11 13.38
C LEU A 20 19.98 -5.27 12.54
N VAL A 21 19.83 -6.41 13.21
CA VAL A 21 19.32 -7.59 12.55
C VAL A 21 18.03 -7.25 11.80
N THR A 22 17.14 -6.56 12.51
CA THR A 22 15.88 -6.17 11.92
C THR A 22 16.10 -5.44 10.59
N PHE A 23 16.71 -4.27 10.69
CA PHE A 23 17.00 -3.48 9.50
C PHE A 23 17.63 -4.33 8.40
N GLY A 24 18.51 -5.23 8.83
CA GLY A 24 19.20 -6.12 7.90
C GLY A 24 18.20 -6.92 7.08
N SER A 25 17.56 -7.88 7.73
CA SER A 25 16.59 -8.72 7.06
C SER A 25 15.71 -7.88 6.15
N ILE A 26 15.18 -6.80 6.72
CA ILE A 26 14.32 -5.91 5.95
C ILE A 26 14.99 -5.58 4.62
N PHE A 27 16.24 -5.14 4.71
CA PHE A 27 17.00 -4.79 3.52
C PHE A 27 17.12 -5.98 2.57
N GLY A 28 17.18 -7.16 3.16
CA GLY A 28 17.30 -8.39 2.39
C GLY A 28 15.95 -8.77 1.78
N TYR A 29 14.89 -8.23 2.35
CA TYR A 29 13.55 -8.51 1.88
C TYR A 29 12.50 -7.79 2.73
N LYS A 30 12.28 -8.32 3.92
CA LYS A 30 11.31 -7.75 4.83
C LYS A 30 11.45 -8.40 6.21
N ARG A 31 10.92 -9.61 6.32
CA ARG A 31 10.98 -10.35 7.56
C ARG A 31 10.10 -11.61 7.48
N ARG A 32 8.81 -11.37 7.29
CA ARG A 32 7.87 -12.46 7.19
C ARG A 32 6.45 -11.93 6.97
N GLY A 33 5.87 -12.32 5.85
CA GLY A 33 4.52 -11.87 5.51
C GLY A 33 3.88 -12.81 4.49
N GLY A 34 2.62 -13.14 4.73
CA GLY A 34 1.89 -14.01 3.83
C GLY A 34 1.34 -13.24 2.64
N VAL A 35 0.02 -13.16 2.58
CA VAL A 35 -0.64 -12.45 1.50
C VAL A 35 -1.97 -11.87 2.01
N PRO A 36 -1.84 -10.90 2.96
CA PRO A 36 -3.02 -10.27 3.54
C PRO A 36 -3.63 -9.26 2.55
N SER A 37 -4.46 -8.39 3.09
CA SER A 37 -5.12 -7.37 2.29
C SER A 37 -4.10 -6.33 1.82
N LEU A 38 -3.38 -5.79 2.79
CA LEU A 38 -2.37 -4.79 2.51
C LEU A 38 -1.60 -5.18 1.24
N ILE A 39 -1.06 -6.39 1.27
CA ILE A 39 -0.31 -6.90 0.14
C ILE A 39 -1.10 -6.68 -1.14
N ALA A 40 -2.36 -7.07 -1.10
CA ALA A 40 -3.25 -6.91 -2.24
C ALA A 40 -3.21 -5.46 -2.71
N GLY A 41 -3.21 -4.56 -1.74
CA GLY A 41 -3.17 -3.13 -2.04
C GLY A 41 -1.83 -2.72 -2.64
N LEU A 42 -0.80 -3.46 -2.25
CA LEU A 42 0.54 -3.18 -2.75
C LEU A 42 0.64 -3.64 -4.20
N PHE A 43 0.17 -4.85 -4.44
CA PHE A 43 0.20 -5.41 -5.78
C PHE A 43 -0.57 -4.53 -6.77
N VAL A 44 -1.83 -4.29 -6.44
CA VAL A 44 -2.68 -3.47 -7.28
C VAL A 44 -2.04 -2.10 -7.47
N GLY A 45 -1.73 -1.47 -6.34
CA GLY A 45 -1.11 -0.16 -6.38
C GLY A 45 0.13 -0.15 -7.26
N CYS A 46 0.81 -1.29 -7.29
CA CYS A 46 2.01 -1.43 -8.09
C CYS A 46 1.61 -1.36 -9.56
N LEU A 47 0.83 -2.34 -9.98
CA LEU A 47 0.37 -2.41 -11.36
C LEU A 47 0.01 -0.99 -11.83
N ALA A 48 -0.70 -0.27 -10.98
CA ALA A 48 -1.10 1.09 -11.29
C ALA A 48 0.14 1.92 -11.60
N GLY A 49 0.98 2.08 -10.59
CA GLY A 49 2.21 2.86 -10.73
C GLY A 49 3.02 2.36 -11.93
N TYR A 50 3.55 1.16 -11.79
CA TYR A 50 4.35 0.57 -12.84
C TYR A 50 3.81 0.94 -14.23
N GLY A 51 2.53 0.62 -14.43
CA GLY A 51 1.88 0.91 -15.69
C GLY A 51 2.10 2.37 -16.11
N ALA A 52 1.76 3.27 -15.19
CA ALA A 52 1.92 4.69 -15.44
C ALA A 52 3.37 4.97 -15.85
N TYR A 53 4.27 4.16 -15.31
CA TYR A 53 5.69 4.31 -15.60
C TYR A 53 6.03 3.71 -16.98
N ARG A 54 5.26 2.70 -17.35
CA ARG A 54 5.47 2.04 -18.64
C ARG A 54 5.05 2.97 -19.77
N VAL A 55 4.03 3.78 -19.51
CA VAL A 55 3.53 4.70 -20.49
C VAL A 55 2.87 3.92 -21.63
N SER A 56 1.72 3.34 -21.33
CA SER A 56 0.97 2.57 -22.30
C SER A 56 -0.50 2.98 -22.29
N ASN A 57 -0.74 4.19 -21.80
CA ASN A 57 -2.10 4.71 -21.74
C ASN A 57 -2.05 6.24 -21.62
N ASP A 58 -3.22 6.82 -21.45
CA ASP A 58 -3.32 8.26 -21.32
C ASP A 58 -3.38 8.65 -19.84
N LYS A 59 -3.59 7.63 -19.01
CA LYS A 59 -3.67 7.84 -17.58
C LYS A 59 -2.37 8.47 -17.08
N ARG A 60 -2.50 9.66 -16.51
CA ARG A 60 -1.35 10.38 -15.99
C ARG A 60 -1.79 11.46 -15.01
N ASP A 61 -2.36 11.01 -13.90
CA ASP A 61 -2.83 11.94 -12.89
C ASP A 61 -3.29 11.14 -11.65
N VAL A 62 -2.50 10.13 -11.31
CA VAL A 62 -2.81 9.29 -10.17
C VAL A 62 -4.29 8.93 -10.20
N LYS A 63 -4.80 8.71 -11.40
CA LYS A 63 -6.20 8.37 -11.57
C LYS A 63 -6.37 6.85 -11.44
N VAL A 64 -5.55 6.13 -12.19
CA VAL A 64 -5.59 4.68 -12.18
C VAL A 64 -5.82 4.20 -10.73
N SER A 65 -5.01 4.75 -9.83
CA SER A 65 -5.10 4.38 -8.43
C SER A 65 -6.55 4.45 -7.97
N LEU A 66 -7.16 5.61 -8.21
CA LEU A 66 -8.54 5.83 -7.82
C LEU A 66 -9.42 4.75 -8.46
N PHE A 67 -9.02 4.33 -9.65
CA PHE A 67 -9.76 3.30 -10.38
C PHE A 67 -9.62 1.95 -9.69
N THR A 68 -8.47 1.74 -9.08
CA THR A 68 -8.19 0.49 -8.38
C THR A 68 -8.89 0.48 -7.02
N ALA A 69 -8.93 1.64 -6.39
CA ALA A 69 -9.56 1.78 -5.10
C ALA A 69 -11.07 1.60 -5.25
N PHE A 70 -11.59 2.13 -6.33
CA PHE A 70 -13.02 2.03 -6.60
C PHE A 70 -13.40 0.59 -6.96
N PHE A 71 -12.74 0.07 -7.99
CA PHE A 71 -12.99 -1.29 -8.44
C PHE A 71 -12.74 -2.29 -7.33
N LEU A 72 -11.65 -2.07 -6.61
CA LEU A 72 -11.28 -2.96 -5.52
C LEU A 72 -12.39 -2.96 -4.47
N ALA A 73 -12.72 -1.77 -3.99
CA ALA A 73 -13.76 -1.62 -2.99
C ALA A 73 -14.98 -2.43 -3.41
N THR A 74 -15.54 -2.03 -4.55
CA THR A 74 -16.71 -2.70 -5.08
C THR A 74 -16.46 -4.21 -5.21
N ILE A 75 -15.19 -4.55 -5.43
CA ILE A 75 -14.80 -5.94 -5.57
C ILE A 75 -15.04 -6.67 -4.25
N MET A 76 -14.73 -5.98 -3.16
CA MET A 76 -14.90 -6.54 -1.83
C MET A 76 -16.29 -6.23 -1.28
N GLY A 77 -16.82 -5.10 -1.72
CA GLY A 77 -18.15 -4.68 -1.28
C GLY A 77 -18.76 -3.68 -2.26
N VAL A 78 -19.06 -2.49 -1.74
CA VAL A 78 -19.64 -1.45 -2.56
C VAL A 78 -19.89 -0.22 -1.68
N ARG A 79 -18.83 0.26 -1.06
CA ARG A 79 -18.92 1.42 -0.21
C ARG A 79 -19.84 1.14 0.99
N PHE A 80 -19.20 0.80 2.10
CA PHE A 80 -19.94 0.49 3.31
C PHE A 80 -20.31 1.77 4.06
N LYS A 81 -19.31 2.36 4.70
CA LYS A 81 -19.52 3.58 5.45
C LYS A 81 -20.50 3.31 6.59
N ARG A 82 -20.01 2.63 7.61
CA ARG A 82 -20.83 2.30 8.76
C ARG A 82 -19.94 1.87 9.94
N SER A 83 -19.01 0.97 9.64
CA SER A 83 -18.11 0.47 10.65
C SER A 83 -16.66 0.67 10.21
N LYS A 84 -15.75 0.22 11.05
CA LYS A 84 -14.33 0.35 10.76
C LYS A 84 -13.53 -0.40 11.83
N LYS A 85 -12.74 -1.35 11.36
CA LYS A 85 -11.91 -2.14 12.25
C LYS A 85 -10.52 -2.33 11.64
N ILE A 86 -10.51 -2.98 10.48
CA ILE A 86 -9.26 -3.23 9.78
C ILE A 86 -9.55 -3.98 8.48
N MET A 87 -9.92 -3.21 7.46
CA MET A 87 -10.23 -3.78 6.16
C MET A 87 -10.99 -2.79 5.29
N PRO A 88 -12.10 -2.26 5.87
CA PRO A 88 -12.93 -1.29 5.16
C PRO A 88 -12.24 0.08 5.10
N ALA A 89 -12.24 0.76 6.23
CA ALA A 89 -11.62 2.07 6.32
C ALA A 89 -10.12 1.93 6.11
N GLY A 90 -9.53 0.98 6.82
CA GLY A 90 -8.10 0.75 6.72
C GLY A 90 -7.63 0.85 5.27
N LEU A 91 -8.29 0.11 4.41
CA LEU A 91 -7.96 0.10 2.99
C LEU A 91 -7.87 1.55 2.50
N VAL A 92 -8.90 2.32 2.82
CA VAL A 92 -8.94 3.72 2.42
C VAL A 92 -7.70 4.44 2.94
N ALA A 93 -7.27 4.04 4.13
CA ALA A 93 -6.10 4.64 4.75
C ALA A 93 -4.85 4.22 3.98
N GLY A 94 -4.93 3.03 3.38
CA GLY A 94 -3.82 2.52 2.61
C GLY A 94 -3.67 3.27 1.28
N LEU A 95 -4.78 3.37 0.57
CA LEU A 95 -4.79 4.05 -0.71
C LEU A 95 -4.38 5.51 -0.52
N SER A 96 -4.90 6.09 0.56
CA SER A 96 -4.58 7.48 0.88
C SER A 96 -3.08 7.64 1.11
N LEU A 97 -2.56 6.81 2.00
CA LEU A 97 -1.14 6.84 2.31
C LEU A 97 -0.33 6.79 1.02
N MET A 98 -0.74 5.90 0.13
CA MET A 98 -0.06 5.74 -1.14
C MET A 98 -0.10 7.04 -1.94
N MET A 99 -1.28 7.63 -2.00
CA MET A 99 -1.47 8.87 -2.73
C MET A 99 -0.48 9.94 -2.26
N ILE A 100 -0.52 10.21 -0.96
CA ILE A 100 0.37 11.20 -0.38
C ILE A 100 1.82 10.89 -0.79
N LEU A 101 2.22 9.65 -0.54
CA LEU A 101 3.57 9.23 -0.88
C LEU A 101 3.82 9.48 -2.38
N ARG A 102 2.74 9.41 -3.13
CA ARG A 102 2.83 9.63 -4.57
C ARG A 102 3.00 11.12 -4.87
N LEU A 103 2.42 11.93 -4.01
CA LEU A 103 2.50 13.38 -4.17
C LEU A 103 3.97 13.78 -4.30
N VAL A 104 4.67 13.71 -3.18
CA VAL A 104 6.08 14.07 -3.16
C VAL A 104 6.79 13.41 -4.35
N LEU A 105 6.45 12.16 -4.58
CA LEU A 105 7.04 11.40 -5.68
C LEU A 105 7.13 12.30 -6.91
N LEU A 106 6.09 13.12 -7.09
CA LEU A 106 6.03 14.02 -8.22
C LEU A 106 7.39 14.72 -8.37
N LEU A 107 7.88 15.25 -7.26
CA LEU A 107 9.15 15.94 -7.26
C LEU A 107 10.28 14.92 -7.48
N LEU A 108 10.13 13.77 -6.85
CA LEU A 108 11.13 12.72 -6.97
C LEU A 108 11.39 12.44 -8.45
N MET A 10 10.08 -14.91 26.55
CA MET A 10 10.35 -13.78 27.43
C MET A 10 11.85 -13.60 27.65
N ASP A 11 12.30 -12.37 27.50
CA ASP A 11 13.70 -12.06 27.68
C ASP A 11 14.52 -12.74 26.58
N LEU A 12 15.69 -12.19 26.33
CA LEU A 12 16.58 -12.73 25.31
C LEU A 12 18.00 -12.21 25.54
N ILE A 13 18.16 -10.91 25.35
CA ILE A 13 19.46 -10.28 25.53
C ILE A 13 19.31 -8.77 25.36
N GLY A 14 18.68 -8.38 24.27
CA GLY A 14 18.47 -6.98 23.98
C GLY A 14 17.46 -6.79 22.85
N PHE A 15 16.87 -5.61 22.81
CA PHE A 15 15.88 -5.30 21.79
C PHE A 15 16.56 -4.74 20.53
N GLY A 16 17.34 -3.69 20.73
CA GLY A 16 18.05 -3.07 19.63
C GLY A 16 18.53 -4.11 18.62
N TYR A 17 19.29 -5.06 19.13
CA TYR A 17 19.83 -6.11 18.30
C TYR A 17 18.74 -6.73 17.41
N ALA A 18 17.64 -7.08 18.05
CA ALA A 18 16.51 -7.67 17.35
C ALA A 18 16.06 -6.72 16.24
N ALA A 19 16.14 -5.44 16.53
CA ALA A 19 15.75 -4.42 15.57
C ALA A 19 16.75 -4.39 14.43
N LEU A 20 17.99 -4.74 14.75
CA LEU A 20 19.05 -4.75 13.76
C LEU A 20 18.79 -5.87 12.75
N VAL A 21 18.71 -7.09 13.27
CA VAL A 21 18.46 -8.25 12.43
C VAL A 21 17.20 -8.01 11.60
N THR A 22 16.16 -7.54 12.29
CA THR A 22 14.90 -7.27 11.63
C THR A 22 15.10 -6.32 10.44
N PHE A 23 15.33 -5.06 10.76
CA PHE A 23 15.55 -4.06 9.74
C PHE A 23 16.35 -4.63 8.57
N GLY A 24 17.39 -5.38 8.91
CA GLY A 24 18.24 -5.99 7.90
C GLY A 24 17.43 -6.90 6.98
N SER A 25 17.12 -8.07 7.49
CA SER A 25 16.34 -9.04 6.72
C SER A 25 15.25 -8.33 5.93
N ILE A 26 14.49 -7.50 6.64
CA ILE A 26 13.41 -6.75 6.02
C ILE A 26 13.93 -6.08 4.74
N PHE A 27 15.02 -5.34 4.90
CA PHE A 27 15.62 -4.64 3.78
C PHE A 27 16.02 -5.63 2.68
N GLY A 28 16.37 -6.83 3.10
CA GLY A 28 16.78 -7.86 2.17
C GLY A 28 15.57 -8.46 1.44
N TYR A 29 14.42 -8.34 2.09
CA TYR A 29 13.18 -8.85 1.51
C TYR A 29 12.01 -8.68 2.48
N LYS A 30 12.07 -9.44 3.57
CA LYS A 30 11.02 -9.37 4.57
C LYS A 30 11.35 -10.36 5.69
N ARG A 31 10.53 -10.31 6.74
CA ARG A 31 10.71 -11.19 7.88
C ARG A 31 9.65 -10.92 8.94
N ARG A 32 8.40 -11.15 8.55
CA ARG A 32 7.28 -10.94 9.45
C ARG A 32 6.11 -11.84 9.07
N GLY A 33 5.51 -11.52 7.93
CA GLY A 33 4.38 -12.30 7.44
C GLY A 33 3.26 -12.34 8.48
N GLY A 34 2.28 -11.46 8.30
CA GLY A 34 1.15 -11.39 9.21
C GLY A 34 -0.15 -11.63 8.47
N VAL A 35 -0.54 -10.63 7.68
CA VAL A 35 -1.78 -10.71 6.92
C VAL A 35 -1.45 -10.54 5.43
N PRO A 36 -1.53 -11.68 4.69
CA PRO A 36 -1.26 -11.67 3.27
C PRO A 36 -2.41 -11.05 2.49
N SER A 37 -2.19 -9.84 2.00
CA SER A 37 -3.20 -9.13 1.24
C SER A 37 -2.65 -7.80 0.76
N LEU A 38 -2.32 -6.94 1.73
CA LEU A 38 -1.78 -5.63 1.42
C LEU A 38 -0.78 -5.74 0.27
N ILE A 39 0.12 -6.71 0.41
CA ILE A 39 1.14 -6.94 -0.60
C ILE A 39 0.47 -7.01 -1.98
N ALA A 40 -0.54 -7.86 -2.07
CA ALA A 40 -1.27 -8.04 -3.31
C ALA A 40 -1.82 -6.69 -3.77
N GLY A 41 -2.19 -5.88 -2.79
CA GLY A 41 -2.74 -4.56 -3.08
C GLY A 41 -1.66 -3.63 -3.63
N LEU A 42 -0.42 -3.88 -3.20
CA LEU A 42 0.70 -3.08 -3.64
C LEU A 42 1.09 -3.49 -5.06
N PHE A 43 1.00 -4.79 -5.31
CA PHE A 43 1.34 -5.33 -6.62
C PHE A 43 0.34 -4.86 -7.68
N VAL A 44 -0.92 -4.89 -7.30
CA VAL A 44 -1.99 -4.48 -8.20
C VAL A 44 -1.91 -2.97 -8.43
N GLY A 45 -1.78 -2.25 -7.32
CA GLY A 45 -1.69 -0.80 -7.38
C GLY A 45 -0.51 -0.35 -8.24
N CYS A 46 0.65 -0.93 -7.96
CA CYS A 46 1.85 -0.60 -8.69
C CYS A 46 1.60 -0.90 -10.17
N LEU A 47 1.40 -2.17 -10.46
CA LEU A 47 1.16 -2.60 -11.83
C LEU A 47 0.21 -1.60 -12.51
N ALA A 48 -0.77 -1.16 -11.76
CA ALA A 48 -1.75 -0.20 -12.27
C ALA A 48 -1.01 1.05 -12.74
N GLY A 49 -0.43 1.77 -11.79
CA GLY A 49 0.30 2.98 -12.11
C GLY A 49 1.45 2.70 -13.05
N TYR A 50 2.47 2.02 -12.52
CA TYR A 50 3.64 1.68 -13.30
C TYR A 50 3.24 1.19 -14.70
N GLY A 51 2.49 0.10 -14.72
CA GLY A 51 2.03 -0.46 -15.98
C GLY A 51 1.44 0.60 -16.88
N ALA A 52 0.53 1.38 -16.30
CA ALA A 52 -0.15 2.44 -17.05
C ALA A 52 0.91 3.31 -17.71
N TYR A 53 2.01 3.53 -17.00
CA TYR A 53 3.09 4.34 -17.51
C TYR A 53 3.91 3.58 -18.56
N ARG A 54 3.94 2.26 -18.39
CA ARG A 54 4.68 1.42 -19.32
C ARG A 54 3.87 1.22 -20.61
N VAL A 55 2.56 1.21 -20.47
CA VAL A 55 1.68 1.03 -21.61
C VAL A 55 1.16 2.40 -22.05
N SER A 56 2.09 3.35 -22.12
CA SER A 56 1.75 4.70 -22.55
C SER A 56 2.93 5.64 -22.30
N ASN A 57 2.71 6.90 -22.63
CA ASN A 57 3.74 7.91 -22.44
C ASN A 57 3.13 9.14 -21.76
N ASP A 58 2.51 8.90 -20.61
CA ASP A 58 1.88 9.97 -19.87
C ASP A 58 1.01 9.37 -18.76
N LYS A 59 0.37 10.26 -18.01
CA LYS A 59 -0.49 9.84 -16.92
C LYS A 59 0.35 9.33 -15.76
N ARG A 60 0.03 9.81 -14.58
CA ARG A 60 0.76 9.42 -13.38
C ARG A 60 -0.21 8.91 -12.31
N ASP A 61 0.37 8.43 -11.22
CA ASP A 61 -0.43 7.92 -10.12
C ASP A 61 -1.22 9.06 -9.50
N VAL A 62 -2.34 9.37 -10.13
CA VAL A 62 -3.20 10.45 -9.64
C VAL A 62 -4.65 9.96 -9.62
N LYS A 63 -5.22 9.82 -10.80
CA LYS A 63 -6.59 9.37 -10.93
C LYS A 63 -6.63 7.85 -10.89
N VAL A 64 -5.67 7.23 -11.59
CA VAL A 64 -5.58 5.79 -11.64
C VAL A 64 -5.82 5.22 -10.24
N SER A 65 -5.07 5.74 -9.29
CA SER A 65 -5.20 5.29 -7.91
C SER A 65 -6.66 5.28 -7.48
N LEU A 66 -7.34 6.38 -7.78
CA LEU A 66 -8.75 6.50 -7.45
C LEU A 66 -9.53 5.36 -8.11
N PHE A 67 -9.12 5.03 -9.32
CA PHE A 67 -9.76 3.97 -10.06
C PHE A 67 -9.39 2.59 -9.49
N THR A 68 -8.27 2.55 -8.79
CA THR A 68 -7.80 1.32 -8.18
C THR A 68 -8.61 1.01 -6.92
N ALA A 69 -8.81 2.04 -6.11
CA ALA A 69 -9.56 1.88 -4.88
C ALA A 69 -11.03 1.61 -5.20
N PHE A 70 -11.56 2.43 -6.10
CA PHE A 70 -12.95 2.30 -6.51
C PHE A 70 -13.20 0.93 -7.13
N PHE A 71 -12.38 0.59 -8.11
CA PHE A 71 -12.49 -0.68 -8.80
C PHE A 71 -12.24 -1.85 -7.84
N LEU A 72 -11.29 -1.64 -6.95
CA LEU A 72 -10.95 -2.66 -5.97
C LEU A 72 -12.18 -3.01 -5.15
N ALA A 73 -12.58 -2.08 -4.29
CA ALA A 73 -13.74 -2.28 -3.45
C ALA A 73 -14.88 -2.86 -4.28
N THR A 74 -15.08 -2.27 -5.45
CA THR A 74 -16.13 -2.72 -6.35
C THR A 74 -16.04 -4.23 -6.55
N ILE A 75 -14.82 -4.69 -6.82
CA ILE A 75 -14.59 -6.10 -7.04
C ILE A 75 -14.84 -6.87 -5.74
N MET A 76 -14.60 -6.18 -4.63
CA MET A 76 -14.79 -6.78 -3.32
C MET A 76 -16.23 -7.25 -3.14
N GLY A 77 -17.15 -6.37 -3.49
CA GLY A 77 -18.57 -6.68 -3.37
C GLY A 77 -19.39 -5.43 -3.07
N VAL A 78 -19.29 -4.99 -1.83
CA VAL A 78 -20.02 -3.80 -1.40
C VAL A 78 -19.05 -2.63 -1.32
N ARG A 79 -19.56 -1.45 -1.69
CA ARG A 79 -18.76 -0.24 -1.66
C ARG A 79 -18.02 -0.13 -0.33
N PHE A 80 -18.80 -0.12 0.74
CA PHE A 80 -18.24 -0.02 2.07
C PHE A 80 -19.02 -0.89 3.07
N LYS A 81 -18.42 -2.01 3.43
CA LYS A 81 -19.04 -2.94 4.36
C LYS A 81 -19.62 -2.14 5.54
N ARG A 82 -20.53 -2.79 6.25
CA ARG A 82 -21.16 -2.16 7.40
C ARG A 82 -20.60 -2.74 8.70
N SER A 83 -19.56 -2.08 9.20
CA SER A 83 -18.91 -2.52 10.43
C SER A 83 -18.79 -1.33 11.40
N LYS A 84 -17.79 -0.51 11.14
CA LYS A 84 -17.55 0.66 11.98
C LYS A 84 -16.77 1.71 11.18
N LYS A 85 -17.51 2.44 10.36
CA LYS A 85 -16.90 3.48 9.53
C LYS A 85 -16.01 2.82 8.47
N ILE A 86 -16.64 1.99 7.65
CA ILE A 86 -15.92 1.31 6.59
C ILE A 86 -14.97 0.29 7.22
N MET A 87 -15.42 -0.95 7.28
CA MET A 87 -14.62 -2.02 7.84
C MET A 87 -13.19 -1.97 7.32
N PRO A 88 -13.07 -1.86 5.97
CA PRO A 88 -11.77 -1.79 5.33
C PRO A 88 -11.12 -0.42 5.54
N ALA A 89 -11.01 -0.04 6.80
CA ALA A 89 -10.42 1.24 7.15
C ALA A 89 -8.93 1.21 6.82
N GLY A 90 -8.23 0.28 7.46
CA GLY A 90 -6.80 0.14 7.25
C GLY A 90 -6.45 0.35 5.77
N LEU A 91 -7.10 -0.43 4.92
CA LEU A 91 -6.86 -0.34 3.49
C LEU A 91 -6.92 1.14 3.06
N VAL A 92 -7.99 1.79 3.48
CA VAL A 92 -8.18 3.21 3.14
C VAL A 92 -6.98 4.00 3.66
N ALA A 93 -6.49 3.59 4.82
CA ALA A 93 -5.36 4.26 5.43
C ALA A 93 -4.11 4.05 4.57
N GLY A 94 -4.09 2.92 3.88
CA GLY A 94 -2.98 2.58 3.02
C GLY A 94 -2.98 3.45 1.76
N LEU A 95 -4.07 3.36 1.02
CA LEU A 95 -4.21 4.13 -0.20
C LEU A 95 -3.94 5.61 0.09
N SER A 96 -4.48 6.06 1.21
CA SER A 96 -4.30 7.44 1.63
C SER A 96 -2.81 7.75 1.82
N LEU A 97 -2.17 6.93 2.63
CA LEU A 97 -0.75 7.10 2.91
C LEU A 97 0.01 7.21 1.59
N MET A 98 -0.38 6.36 0.64
CA MET A 98 0.25 6.35 -0.66
C MET A 98 0.13 7.71 -1.34
N MET A 99 -1.10 8.20 -1.42
CA MET A 99 -1.38 9.48 -2.04
C MET A 99 -0.48 10.57 -1.44
N ILE A 100 -0.55 10.70 -0.13
CA ILE A 100 0.23 11.70 0.56
C ILE A 100 1.70 11.58 0.14
N LEU A 101 2.23 10.37 0.31
CA LEU A 101 3.61 10.11 -0.05
C LEU A 101 3.83 10.51 -1.52
N ARG A 102 2.77 10.40 -2.29
CA ARG A 102 2.84 10.74 -3.71
C ARG A 102 2.95 12.26 -3.87
N LEU A 103 2.29 12.97 -2.98
CA LEU A 103 2.31 14.43 -3.03
C LEU A 103 3.75 14.92 -2.91
N VAL A 104 4.45 14.37 -1.92
CA VAL A 104 5.83 14.73 -1.69
C VAL A 104 6.71 14.16 -2.82
N LEU A 105 6.48 12.89 -3.12
CA LEU A 105 7.23 12.23 -4.16
C LEU A 105 7.37 13.16 -5.36
N LEU A 106 6.37 14.02 -5.53
CA LEU A 106 6.37 14.98 -6.62
C LEU A 106 7.78 15.54 -6.80
N LEU A 107 8.41 15.84 -5.68
CA LEU A 107 9.76 16.39 -5.70
C LEU A 107 10.74 15.29 -6.13
N LEU A 108 10.56 14.11 -5.56
CA LEU A 108 11.42 12.99 -5.88
C LEU A 108 11.62 12.93 -7.39
N MET A 10 17.85 -15.92 24.95
CA MET A 10 18.97 -16.53 25.64
C MET A 10 19.51 -15.62 26.75
N ASP A 11 19.85 -14.40 26.35
CA ASP A 11 20.37 -13.44 27.30
C ASP A 11 20.63 -12.11 26.57
N LEU A 12 20.62 -11.04 27.35
CA LEU A 12 20.85 -9.72 26.79
C LEU A 12 19.74 -9.38 25.80
N ILE A 13 19.17 -8.20 25.98
CA ILE A 13 18.10 -7.74 25.11
C ILE A 13 18.38 -6.31 24.67
N GLY A 14 18.96 -6.18 23.49
CA GLY A 14 19.28 -4.88 22.94
C GLY A 14 18.41 -4.56 21.73
N PHE A 15 17.47 -3.65 21.95
CA PHE A 15 16.56 -3.25 20.88
C PHE A 15 17.33 -2.88 19.62
N GLY A 16 18.28 -1.97 19.79
CA GLY A 16 19.09 -1.52 18.67
C GLY A 16 19.40 -2.67 17.71
N TYR A 17 20.03 -3.70 18.26
CA TYR A 17 20.39 -4.86 17.46
C TYR A 17 19.19 -5.35 16.64
N ALA A 18 18.06 -5.46 17.31
CA ALA A 18 16.85 -5.91 16.66
C ALA A 18 16.55 -5.01 15.46
N ALA A 19 16.81 -3.72 15.66
CA ALA A 19 16.58 -2.74 14.61
C ALA A 19 17.60 -2.95 13.49
N LEU A 20 18.76 -3.44 13.87
CA LEU A 20 19.82 -3.69 12.92
C LEU A 20 19.47 -4.91 12.07
N VAL A 21 19.39 -6.06 12.74
CA VAL A 21 19.06 -7.30 12.07
C VAL A 21 17.77 -7.11 11.28
N THR A 22 16.89 -6.29 11.82
CA THR A 22 15.62 -6.02 11.17
C THR A 22 15.84 -5.31 9.83
N PHE A 23 16.32 -4.08 9.93
CA PHE A 23 16.58 -3.28 8.74
C PHE A 23 17.26 -4.12 7.66
N GLY A 24 18.40 -4.70 8.03
CA GLY A 24 19.15 -5.53 7.10
C GLY A 24 18.31 -6.71 6.60
N SER A 25 17.98 -7.59 7.55
CA SER A 25 17.19 -8.76 7.22
C SER A 25 16.11 -8.40 6.21
N ILE A 26 15.21 -7.53 6.65
CA ILE A 26 14.11 -7.09 5.80
C ILE A 26 14.66 -6.74 4.42
N PHE A 27 15.75 -5.98 4.42
CA PHE A 27 16.39 -5.57 3.18
C PHE A 27 16.62 -6.77 2.26
N GLY A 28 17.13 -7.85 2.86
CA GLY A 28 17.41 -9.06 2.11
C GLY A 28 16.12 -9.85 1.85
N TYR A 29 15.11 -9.55 2.66
CA TYR A 29 13.84 -10.24 2.53
C TYR A 29 14.00 -11.75 2.66
N LYS A 30 13.46 -12.27 3.75
CA LYS A 30 13.54 -13.70 4.01
C LYS A 30 12.23 -14.17 4.64
N ARG A 31 11.15 -14.04 3.90
CA ARG A 31 9.85 -14.44 4.37
C ARG A 31 9.44 -13.60 5.57
N ARG A 32 8.41 -12.80 5.38
CA ARG A 32 7.91 -11.94 6.44
C ARG A 32 6.58 -11.28 6.02
N GLY A 33 5.90 -10.73 7.00
CA GLY A 33 4.62 -10.08 6.75
C GLY A 33 3.51 -10.69 7.61
N GLY A 34 2.51 -9.88 7.88
CA GLY A 34 1.38 -10.34 8.68
C GLY A 34 0.05 -9.96 8.03
N VAL A 35 0.07 -9.93 6.71
CA VAL A 35 -1.12 -9.59 5.94
C VAL A 35 -0.92 -9.99 4.48
N PRO A 36 -1.20 -11.30 4.20
CA PRO A 36 -1.05 -11.82 2.85
C PRO A 36 -2.20 -11.35 1.96
N SER A 37 -2.12 -10.10 1.57
CA SER A 37 -3.14 -9.50 0.71
C SER A 37 -2.67 -8.15 0.18
N LEU A 38 -2.65 -7.17 1.07
CA LEU A 38 -2.24 -5.83 0.71
C LEU A 38 -1.00 -5.93 -0.20
N ILE A 39 -0.05 -6.74 0.23
CA ILE A 39 1.18 -6.92 -0.53
C ILE A 39 0.84 -7.24 -1.97
N ALA A 40 -0.02 -8.23 -2.15
CA ALA A 40 -0.44 -8.65 -3.48
C ALA A 40 -1.05 -7.45 -4.21
N GLY A 41 -1.70 -6.58 -3.42
CA GLY A 41 -2.33 -5.40 -3.97
C GLY A 41 -1.28 -4.38 -4.42
N LEU A 42 -0.15 -4.40 -3.74
CA LEU A 42 0.93 -3.47 -4.05
C LEU A 42 1.65 -3.95 -5.32
N PHE A 43 1.79 -5.27 -5.42
CA PHE A 43 2.45 -5.87 -6.56
C PHE A 43 1.63 -5.65 -7.84
N VAL A 44 0.38 -6.07 -7.78
CA VAL A 44 -0.51 -5.94 -8.92
C VAL A 44 -0.83 -4.46 -9.14
N GLY A 45 -0.93 -3.73 -8.03
CA GLY A 45 -1.23 -2.32 -8.09
C GLY A 45 -0.05 -1.54 -8.67
N CYS A 46 1.15 -2.06 -8.45
CA CYS A 46 2.35 -1.42 -8.94
C CYS A 46 2.50 -1.77 -10.43
N LEU A 47 2.20 -3.02 -10.74
CA LEU A 47 2.30 -3.49 -12.12
C LEU A 47 1.28 -2.75 -12.97
N ALA A 48 0.02 -2.90 -12.61
CA ALA A 48 -1.06 -2.25 -13.33
C ALA A 48 -0.90 -0.74 -13.23
N GLY A 49 -0.62 -0.28 -12.02
CA GLY A 49 -0.44 1.14 -11.78
C GLY A 49 0.73 1.68 -12.59
N TYR A 50 1.93 1.44 -12.08
CA TYR A 50 3.13 1.91 -12.75
C TYR A 50 3.06 1.67 -14.26
N GLY A 51 2.79 0.42 -14.62
CA GLY A 51 2.69 0.05 -16.02
C GLY A 51 1.69 0.95 -16.75
N ALA A 52 0.50 1.05 -16.17
CA ALA A 52 -0.55 1.87 -16.75
C ALA A 52 0.00 3.29 -17.00
N TYR A 53 0.91 3.69 -16.14
CA TYR A 53 1.51 5.01 -16.25
C TYR A 53 2.66 5.00 -17.26
N ARG A 54 3.28 3.84 -17.39
CA ARG A 54 4.39 3.69 -18.31
C ARG A 54 3.88 3.42 -19.73
N VAL A 55 3.13 2.34 -19.85
CA VAL A 55 2.56 1.96 -21.13
C VAL A 55 1.84 3.16 -21.75
N SER A 56 1.27 3.98 -20.87
CA SER A 56 0.54 5.16 -21.30
C SER A 56 0.32 6.11 -20.12
N ASN A 57 -0.32 7.22 -20.40
CA ASN A 57 -0.60 8.21 -19.38
C ASN A 57 0.70 8.59 -18.67
N ASP A 58 1.35 9.62 -19.20
CA ASP A 58 2.60 10.08 -18.63
C ASP A 58 2.43 10.26 -17.12
N LYS A 59 1.34 10.91 -16.75
CA LYS A 59 1.05 11.14 -15.34
C LYS A 59 -0.31 11.82 -15.22
N ARG A 60 -0.94 11.60 -14.07
CA ARG A 60 -2.25 12.19 -13.82
C ARG A 60 -2.33 12.67 -12.37
N ASP A 61 -3.50 13.18 -12.02
CA ASP A 61 -3.72 13.68 -10.67
C ASP A 61 -4.20 12.54 -9.78
N VAL A 62 -3.30 11.60 -9.52
CA VAL A 62 -3.60 10.47 -8.69
C VAL A 62 -4.92 9.83 -9.15
N LYS A 63 -4.97 9.54 -10.45
CA LYS A 63 -6.16 8.95 -11.02
C LYS A 63 -6.10 7.42 -10.84
N VAL A 64 -5.08 6.83 -11.43
CA VAL A 64 -4.89 5.39 -11.35
C VAL A 64 -5.22 4.93 -9.93
N SER A 65 -4.59 5.57 -8.96
CA SER A 65 -4.80 5.24 -7.56
C SER A 65 -6.29 5.15 -7.28
N LEU A 66 -7.01 6.18 -7.68
CA LEU A 66 -8.45 6.23 -7.46
C LEU A 66 -9.09 4.99 -8.08
N PHE A 67 -8.55 4.59 -9.24
CA PHE A 67 -9.06 3.42 -9.93
C PHE A 67 -8.75 2.14 -9.16
N THR A 68 -7.66 2.19 -8.42
CA THR A 68 -7.23 1.04 -7.63
C THR A 68 -8.13 0.88 -6.40
N ALA A 69 -8.38 2.00 -5.73
CA ALA A 69 -9.22 2.00 -4.55
C ALA A 69 -10.65 1.58 -4.94
N PHE A 70 -11.08 2.07 -6.09
CA PHE A 70 -12.41 1.76 -6.58
C PHE A 70 -12.54 0.27 -6.89
N PHE A 71 -11.57 -0.23 -7.65
CA PHE A 71 -11.56 -1.64 -8.03
C PHE A 71 -11.54 -2.54 -6.79
N LEU A 72 -10.72 -2.14 -5.83
CA LEU A 72 -10.60 -2.90 -4.60
C LEU A 72 -11.95 -2.95 -3.89
N ALA A 73 -12.46 -1.78 -3.58
CA ALA A 73 -13.75 -1.68 -2.91
C ALA A 73 -14.77 -2.53 -3.65
N THR A 74 -14.91 -2.26 -4.94
CA THR A 74 -15.85 -3.00 -5.76
C THR A 74 -15.56 -4.50 -5.69
N ILE A 75 -14.29 -4.82 -5.46
CA ILE A 75 -13.88 -6.21 -5.37
C ILE A 75 -14.36 -6.79 -4.03
N MET A 76 -14.41 -5.91 -3.04
CA MET A 76 -14.85 -6.33 -1.71
C MET A 76 -16.37 -6.26 -1.59
N GLY A 77 -16.89 -5.03 -1.61
CA GLY A 77 -18.32 -4.83 -1.51
C GLY A 77 -18.71 -4.43 -0.09
N VAL A 78 -18.01 -3.42 0.43
CA VAL A 78 -18.28 -2.95 1.78
C VAL A 78 -18.56 -4.14 2.70
N ARG A 79 -17.49 -4.84 3.04
CA ARG A 79 -17.59 -6.00 3.91
C ARG A 79 -16.44 -6.03 4.90
N PHE A 80 -15.23 -6.06 4.36
CA PHE A 80 -14.03 -6.09 5.18
C PHE A 80 -14.07 -7.26 6.17
N LYS A 81 -12.99 -7.39 6.93
CA LYS A 81 -12.90 -8.47 7.90
C LYS A 81 -12.58 -7.87 9.28
N ARG A 82 -13.51 -7.07 9.78
CA ARG A 82 -13.34 -6.44 11.08
C ARG A 82 -14.69 -5.96 11.61
N SER A 83 -15.37 -5.18 10.79
CA SER A 83 -16.67 -4.64 11.17
C SER A 83 -17.65 -4.78 10.00
N LYS A 84 -18.85 -5.25 10.32
CA LYS A 84 -19.88 -5.42 9.31
C LYS A 84 -20.16 -4.08 8.64
N LYS A 85 -20.55 -3.11 9.45
CA LYS A 85 -20.85 -1.78 8.93
C LYS A 85 -19.57 -0.96 8.88
N ILE A 86 -19.69 0.26 8.39
CA ILE A 86 -18.55 1.16 8.28
C ILE A 86 -17.53 0.56 7.30
N MET A 87 -17.27 1.31 6.24
CA MET A 87 -16.34 0.87 5.23
C MET A 87 -15.01 0.45 5.87
N PRO A 88 -14.09 -0.08 5.00
CA PRO A 88 -12.79 -0.52 5.46
C PRO A 88 -11.87 0.67 5.75
N ALA A 89 -11.52 0.81 7.01
CA ALA A 89 -10.65 1.90 7.43
C ALA A 89 -9.25 1.69 6.85
N GLY A 90 -8.67 0.55 7.19
CA GLY A 90 -7.35 0.21 6.71
C GLY A 90 -7.17 0.61 5.24
N LEU A 91 -8.14 0.20 4.43
CA LEU A 91 -8.11 0.51 3.01
C LEU A 91 -7.86 2.00 2.82
N VAL A 92 -8.65 2.80 3.53
CA VAL A 92 -8.52 4.24 3.45
C VAL A 92 -7.10 4.65 3.86
N ALA A 93 -6.55 3.89 4.79
CA ALA A 93 -5.21 4.17 5.28
C ALA A 93 -4.20 3.85 4.18
N GLY A 94 -4.57 2.90 3.34
CA GLY A 94 -3.71 2.49 2.24
C GLY A 94 -3.73 3.53 1.11
N LEU A 95 -4.95 3.89 0.71
CA LEU A 95 -5.12 4.87 -0.35
C LEU A 95 -4.41 6.17 0.04
N SER A 96 -4.60 6.55 1.30
CA SER A 96 -4.00 7.76 1.82
C SER A 96 -2.47 7.65 1.77
N LEU A 97 -1.97 6.62 2.43
CA LEU A 97 -0.53 6.38 2.47
C LEU A 97 0.06 6.59 1.06
N MET A 98 -0.63 6.03 0.08
CA MET A 98 -0.19 6.15 -1.30
C MET A 98 -0.14 7.62 -1.74
N MET A 99 -1.28 8.28 -1.60
CA MET A 99 -1.38 9.68 -1.97
C MET A 99 -0.25 10.50 -1.35
N ILE A 100 -0.13 10.37 -0.03
CA ILE A 100 0.89 11.09 0.70
C ILE A 100 2.25 10.85 0.03
N LEU A 101 2.59 9.58 -0.10
CA LEU A 101 3.85 9.21 -0.72
C LEU A 101 3.96 9.87 -2.10
N ARG A 102 2.80 10.07 -2.71
CA ARG A 102 2.75 10.69 -4.02
C ARG A 102 3.09 12.18 -3.92
N LEU A 103 2.65 12.79 -2.84
CA LEU A 103 2.91 14.19 -2.61
C LEU A 103 4.38 14.50 -2.88
N VAL A 104 5.22 14.07 -1.94
CA VAL A 104 6.65 14.29 -2.07
C VAL A 104 7.11 13.82 -3.46
N LEU A 105 6.53 12.72 -3.89
CA LEU A 105 6.87 12.16 -5.19
C LEU A 105 7.01 13.29 -6.21
N LEU A 106 5.99 14.12 -6.25
CA LEU A 106 5.98 15.25 -7.17
C LEU A 106 7.37 15.88 -7.22
N LEU A 107 7.90 16.16 -6.04
CA LEU A 107 9.22 16.75 -5.93
C LEU A 107 10.25 15.82 -6.55
N LEU A 108 10.34 14.62 -5.99
CA LEU A 108 11.28 13.62 -6.48
C LEU A 108 11.28 13.66 -8.02
N MET A 10 12.55 -21.62 24.25
CA MET A 10 11.92 -20.49 24.90
C MET A 10 12.97 -19.56 25.51
N ASP A 11 12.78 -18.27 25.29
CA ASP A 11 13.69 -17.27 25.82
C ASP A 11 13.04 -15.90 25.73
N LEU A 12 13.65 -14.94 26.43
CA LEU A 12 13.14 -13.59 26.44
C LEU A 12 14.19 -12.64 25.84
N ILE A 13 13.71 -11.50 25.35
CA ILE A 13 14.59 -10.52 24.76
C ILE A 13 13.90 -9.16 24.75
N GLY A 14 14.71 -8.12 24.86
CA GLY A 14 14.19 -6.76 24.86
C GLY A 14 13.57 -6.41 23.50
N PHE A 15 13.10 -5.16 23.42
CA PHE A 15 12.49 -4.69 22.18
C PHE A 15 13.55 -4.37 21.12
N GLY A 16 14.53 -3.58 21.53
CA GLY A 16 15.60 -3.19 20.63
C GLY A 16 15.99 -4.36 19.72
N TYR A 17 16.33 -5.48 20.36
CA TYR A 17 16.73 -6.66 19.61
C TYR A 17 15.72 -6.97 18.50
N ALA A 18 14.46 -6.99 18.87
CA ALA A 18 13.40 -7.26 17.92
C ALA A 18 13.48 -6.25 16.77
N ALA A 19 13.86 -5.04 17.12
CA ALA A 19 13.97 -3.97 16.14
C ALA A 19 15.17 -4.25 15.24
N LEU A 20 16.17 -4.91 15.81
CA LEU A 20 17.37 -5.25 15.08
C LEU A 20 17.05 -6.31 14.03
N VAL A 21 16.71 -7.50 14.52
CA VAL A 21 16.39 -8.61 13.65
C VAL A 21 15.35 -8.15 12.62
N THR A 22 14.35 -7.44 13.12
CA THR A 22 13.28 -6.93 12.26
C THR A 22 13.88 -6.13 11.09
N PHE A 23 14.43 -4.98 11.43
CA PHE A 23 15.04 -4.12 10.43
C PHE A 23 15.91 -4.93 9.47
N GLY A 24 16.61 -5.90 10.02
CA GLY A 24 17.49 -6.74 9.23
C GLY A 24 16.68 -7.54 8.20
N SER A 25 16.09 -8.63 8.66
CA SER A 25 15.30 -9.48 7.79
C SER A 25 14.47 -8.62 6.83
N ILE A 26 13.78 -7.65 7.41
CA ILE A 26 12.94 -6.76 6.62
C ILE A 26 13.75 -6.24 5.43
N PHE A 27 14.92 -5.70 5.73
CA PHE A 27 15.79 -5.15 4.70
C PHE A 27 16.17 -6.24 3.69
N GLY A 28 16.25 -7.47 4.19
CA GLY A 28 16.60 -8.59 3.34
C GLY A 28 15.41 -9.02 2.46
N TYR A 29 14.22 -8.66 2.92
CA TYR A 29 13.01 -8.99 2.20
C TYR A 29 11.77 -8.58 2.99
N LYS A 30 11.54 -9.27 4.09
CA LYS A 30 10.40 -8.99 4.94
C LYS A 30 10.48 -9.84 6.21
N ARG A 31 9.35 -9.98 6.87
CA ARG A 31 9.29 -10.75 8.10
C ARG A 31 8.49 -12.03 7.88
N ARG A 32 7.33 -11.88 7.27
CA ARG A 32 6.47 -13.01 6.99
C ARG A 32 5.06 -12.54 6.66
N GLY A 33 4.70 -12.66 5.39
CA GLY A 33 3.38 -12.24 4.94
C GLY A 33 2.98 -10.91 5.57
N GLY A 34 1.70 -10.80 5.89
CA GLY A 34 1.17 -9.59 6.49
C GLY A 34 -0.30 -9.39 6.13
N VAL A 35 -1.11 -10.37 6.51
CA VAL A 35 -2.53 -10.32 6.25
C VAL A 35 -2.76 -10.34 4.73
N PRO A 36 -3.84 -11.06 4.33
CA PRO A 36 -4.18 -11.17 2.91
C PRO A 36 -4.80 -9.89 2.39
N SER A 37 -5.24 -9.93 1.14
CA SER A 37 -5.87 -8.77 0.52
C SER A 37 -4.82 -7.69 0.28
N LEU A 38 -4.21 -7.23 1.36
CA LEU A 38 -3.20 -6.19 1.27
C LEU A 38 -2.28 -6.48 0.10
N ILE A 39 -1.80 -7.71 0.05
CA ILE A 39 -0.90 -8.14 -1.02
C ILE A 39 -1.51 -7.74 -2.36
N ALA A 40 -2.77 -8.11 -2.55
CA ALA A 40 -3.46 -7.79 -3.78
C ALA A 40 -3.42 -6.28 -4.02
N GLY A 41 -3.52 -5.54 -2.92
CA GLY A 41 -3.48 -4.09 -3.01
C GLY A 41 -2.09 -3.59 -3.42
N LEU A 42 -1.09 -4.38 -3.04
CA LEU A 42 0.29 -4.02 -3.36
C LEU A 42 0.52 -4.24 -4.86
N PHE A 43 0.19 -5.43 -5.31
CA PHE A 43 0.36 -5.78 -6.72
C PHE A 43 -0.38 -4.79 -7.62
N VAL A 44 -1.62 -4.52 -7.25
CA VAL A 44 -2.44 -3.59 -8.01
C VAL A 44 -1.79 -2.21 -8.03
N GLY A 45 -1.68 -1.63 -6.83
CA GLY A 45 -1.07 -0.32 -6.70
C GLY A 45 0.22 -0.22 -7.52
N CYS A 46 1.00 -1.29 -7.45
CA CYS A 46 2.25 -1.33 -8.19
C CYS A 46 1.95 -1.19 -9.68
N LEU A 47 1.20 -2.14 -10.19
CA LEU A 47 0.84 -2.13 -11.60
C LEU A 47 0.50 -0.70 -12.03
N ALA A 48 -0.20 -0.01 -11.14
CA ALA A 48 -0.58 1.37 -11.40
C ALA A 48 0.67 2.22 -11.60
N GLY A 49 1.45 2.34 -10.52
CA GLY A 49 2.67 3.12 -10.57
C GLY A 49 3.57 2.65 -11.72
N TYR A 50 4.07 1.44 -11.58
CA TYR A 50 4.95 0.88 -12.60
C TYR A 50 4.49 1.29 -13.99
N GLY A 51 3.26 0.95 -14.32
CA GLY A 51 2.70 1.28 -15.62
C GLY A 51 2.85 2.77 -15.92
N ALA A 52 2.43 3.58 -14.96
CA ALA A 52 2.51 5.02 -15.11
C ALA A 52 3.95 5.40 -15.47
N TYR A 53 4.88 4.61 -14.98
CA TYR A 53 6.29 4.85 -15.26
C TYR A 53 6.71 4.26 -16.61
N ARG A 54 6.02 3.19 -16.98
CA ARG A 54 6.31 2.53 -18.24
C ARG A 54 6.10 3.49 -19.42
N VAL A 55 5.15 4.39 -19.23
CA VAL A 55 4.84 5.38 -20.26
C VAL A 55 4.25 4.67 -21.48
N SER A 56 3.22 3.87 -21.22
CA SER A 56 2.57 3.13 -22.29
C SER A 56 1.19 3.74 -22.56
N ASN A 57 0.48 4.04 -21.48
CA ASN A 57 -0.85 4.61 -21.59
C ASN A 57 -0.73 6.13 -21.73
N ASP A 58 0.35 6.66 -21.20
CA ASP A 58 0.61 8.10 -21.25
C ASP A 58 -0.63 8.84 -20.74
N LYS A 59 -0.75 8.88 -19.42
CA LYS A 59 -1.87 9.55 -18.80
C LYS A 59 -1.41 10.90 -18.22
N ARG A 60 -2.24 11.47 -17.38
CA ARG A 60 -1.93 12.75 -16.76
C ARG A 60 -1.84 12.59 -15.23
N ASP A 61 -2.99 12.34 -14.63
CA ASP A 61 -3.05 12.16 -13.19
C ASP A 61 -3.14 10.68 -12.86
N VAL A 62 -2.89 10.37 -11.59
CA VAL A 62 -2.93 8.99 -11.14
C VAL A 62 -4.38 8.58 -10.88
N LYS A 63 -5.13 8.49 -11.97
CA LYS A 63 -6.54 8.11 -11.88
C LYS A 63 -6.63 6.60 -11.66
N VAL A 64 -5.72 5.88 -12.31
CA VAL A 64 -5.70 4.43 -12.20
C VAL A 64 -5.96 4.03 -10.74
N SER A 65 -5.10 4.54 -9.86
CA SER A 65 -5.23 4.26 -8.44
C SER A 65 -6.68 4.42 -8.00
N LEU A 66 -7.27 5.53 -8.42
CA LEU A 66 -8.66 5.81 -8.07
C LEU A 66 -9.54 4.64 -8.49
N PHE A 67 -9.26 4.15 -9.70
CA PHE A 67 -10.03 3.03 -10.23
C PHE A 67 -9.69 1.73 -9.49
N THR A 68 -8.52 1.72 -8.88
CA THR A 68 -8.07 0.55 -8.14
C THR A 68 -8.84 0.44 -6.82
N ALA A 69 -8.84 1.53 -6.07
CA ALA A 69 -9.53 1.57 -4.79
C ALA A 69 -11.03 1.35 -5.02
N PHE A 70 -11.57 2.12 -5.96
CA PHE A 70 -12.98 2.01 -6.29
C PHE A 70 -13.37 0.57 -6.65
N PHE A 71 -12.61 0.01 -7.57
CA PHE A 71 -12.85 -1.35 -8.02
C PHE A 71 -12.64 -2.34 -6.87
N LEU A 72 -11.63 -2.05 -6.06
CA LEU A 72 -11.31 -2.91 -4.93
C LEU A 72 -12.55 -3.03 -4.02
N ALA A 73 -12.83 -1.95 -3.31
CA ALA A 73 -13.97 -1.91 -2.41
C ALA A 73 -15.18 -2.52 -3.12
N THR A 74 -15.37 -2.11 -4.36
CA THR A 74 -16.48 -2.59 -5.16
C THR A 74 -16.57 -4.11 -5.08
N ILE A 75 -15.43 -4.75 -5.28
CA ILE A 75 -15.36 -6.21 -5.24
C ILE A 75 -15.54 -6.68 -3.79
N MET A 76 -15.12 -5.81 -2.87
CA MET A 76 -15.23 -6.13 -1.45
C MET A 76 -16.69 -6.33 -1.04
N GLY A 77 -17.53 -5.40 -1.48
CA GLY A 77 -18.95 -5.45 -1.16
C GLY A 77 -19.55 -4.06 -1.11
N VAL A 78 -19.65 -3.54 0.10
CA VAL A 78 -20.21 -2.21 0.31
C VAL A 78 -19.08 -1.18 0.35
N ARG A 79 -19.46 0.07 0.14
CA ARG A 79 -18.49 1.15 0.16
C ARG A 79 -18.82 2.17 1.25
N PHE A 80 -19.75 1.77 2.11
CA PHE A 80 -20.17 2.62 3.21
C PHE A 80 -20.26 1.83 4.52
N LYS A 81 -19.11 1.40 5.01
CA LYS A 81 -19.06 0.64 6.24
C LYS A 81 -17.60 0.48 6.67
N ARG A 82 -17.32 0.94 7.88
CA ARG A 82 -15.97 0.85 8.42
C ARG A 82 -15.98 0.10 9.75
N SER A 83 -15.94 -1.22 9.64
CA SER A 83 -15.95 -2.07 10.82
C SER A 83 -16.12 -3.54 10.42
N LYS A 84 -15.01 -4.11 9.96
CA LYS A 84 -15.03 -5.50 9.54
C LYS A 84 -13.72 -5.82 8.80
N LYS A 85 -13.53 -7.10 8.54
CA LYS A 85 -12.32 -7.55 7.84
C LYS A 85 -11.12 -6.82 8.43
N ILE A 86 -11.16 -6.60 9.73
CA ILE A 86 -10.07 -5.92 10.41
C ILE A 86 -10.08 -4.44 10.03
N MET A 87 -11.28 -3.88 10.04
CA MET A 87 -11.45 -2.47 9.70
C MET A 87 -10.96 -2.18 8.29
N PRO A 88 -11.93 -1.95 7.37
CA PRO A 88 -11.60 -1.67 5.98
C PRO A 88 -11.07 -0.24 5.83
N ALA A 89 -11.40 0.59 6.81
CA ALA A 89 -10.98 1.97 6.80
C ALA A 89 -9.47 2.04 6.54
N GLY A 90 -8.72 1.29 7.35
CA GLY A 90 -7.28 1.25 7.22
C GLY A 90 -6.86 1.21 5.74
N LEU A 91 -7.47 0.29 5.01
CA LEU A 91 -7.18 0.14 3.59
C LEU A 91 -7.27 1.51 2.91
N VAL A 92 -8.39 2.18 3.16
CA VAL A 92 -8.61 3.50 2.58
C VAL A 92 -7.46 4.44 3.00
N ALA A 93 -6.98 4.22 4.22
CA ALA A 93 -5.90 5.04 4.75
C ALA A 93 -4.61 4.72 3.98
N GLY A 94 -4.52 3.49 3.52
CA GLY A 94 -3.36 3.04 2.78
C GLY A 94 -3.33 3.67 1.37
N LEU A 95 -4.49 3.62 0.72
CA LEU A 95 -4.61 4.17 -0.62
C LEU A 95 -4.33 5.68 -0.56
N SER A 96 -4.92 6.33 0.43
CA SER A 96 -4.75 7.76 0.59
C SER A 96 -3.26 8.08 0.77
N LEU A 97 -2.68 7.52 1.81
CA LEU A 97 -1.28 7.74 2.10
C LEU A 97 -0.46 7.58 0.81
N MET A 98 -0.76 6.52 0.10
CA MET A 98 -0.06 6.23 -1.14
C MET A 98 -0.15 7.43 -2.10
N MET A 99 -1.37 7.91 -2.28
CA MET A 99 -1.59 9.05 -3.16
C MET A 99 -0.72 10.24 -2.76
N ILE A 100 -0.85 10.63 -1.49
CA ILE A 100 -0.08 11.75 -0.97
C ILE A 100 1.40 11.56 -1.33
N LEU A 101 1.94 10.43 -0.88
CA LEU A 101 3.34 10.13 -1.14
C LEU A 101 3.60 10.22 -2.64
N ARG A 102 2.55 9.92 -3.41
CA ARG A 102 2.65 9.97 -4.87
C ARG A 102 2.83 11.41 -5.35
N LEU A 103 2.11 12.30 -4.68
CA LEU A 103 2.19 13.72 -5.03
C LEU A 103 3.65 14.17 -5.02
N VAL A 104 4.32 13.88 -3.91
CA VAL A 104 5.71 14.25 -3.75
C VAL A 104 6.57 13.39 -4.68
N LEU A 105 6.09 12.18 -4.92
CA LEU A 105 6.81 11.24 -5.77
C LEU A 105 7.11 11.92 -7.11
N LEU A 106 6.16 12.73 -7.56
CA LEU A 106 6.32 13.44 -8.81
C LEU A 106 7.74 13.98 -8.91
N LEU A 107 8.20 14.58 -7.82
CA LEU A 107 9.54 15.13 -7.78
C LEU A 107 10.57 14.00 -7.84
N LEU A 108 10.39 13.04 -6.94
CA LEU A 108 11.30 11.90 -6.88
C LEU A 108 11.52 11.36 -8.30
N MET A 10 10.54 0.93 27.27
CA MET A 10 10.64 -0.53 27.27
C MET A 10 12.10 -0.97 27.29
N ASP A 11 12.84 -0.49 26.31
CA ASP A 11 14.25 -0.83 26.20
C ASP A 11 15.02 0.38 25.63
N LEU A 12 15.95 0.86 26.44
CA LEU A 12 16.76 2.01 26.04
C LEU A 12 18.15 1.53 25.62
N ILE A 13 18.31 1.35 24.31
CA ILE A 13 19.59 0.89 23.77
C ILE A 13 19.90 1.66 22.49
N GLY A 14 21.14 1.53 22.05
CA GLY A 14 21.58 2.20 20.85
C GLY A 14 20.54 2.06 19.73
N PHE A 15 19.82 3.15 19.49
CA PHE A 15 18.80 3.15 18.46
C PHE A 15 19.42 3.05 17.07
N GLY A 16 20.27 4.02 16.76
CA GLY A 16 20.94 4.05 15.47
C GLY A 16 21.31 2.64 15.01
N TYR A 17 22.04 1.94 15.88
CA TYR A 17 22.46 0.59 15.56
C TYR A 17 21.28 -0.24 15.04
N ALA A 18 20.19 -0.21 15.79
CA ALA A 18 19.00 -0.95 15.42
C ALA A 18 18.55 -0.51 14.02
N ALA A 19 18.72 0.78 13.75
CA ALA A 19 18.33 1.35 12.48
C ALA A 19 19.26 0.80 11.39
N LEU A 20 20.48 0.49 11.79
CA LEU A 20 21.46 -0.04 10.86
C LEU A 20 21.07 -1.47 10.46
N VAL A 21 20.86 -2.28 11.48
CA VAL A 21 20.48 -3.67 11.27
C VAL A 21 19.25 -3.73 10.35
N THR A 22 18.24 -2.96 10.73
CA THR A 22 17.01 -2.92 9.96
C THR A 22 17.31 -2.59 8.50
N PHE A 23 17.97 -1.44 8.30
CA PHE A 23 18.32 -1.02 6.96
C PHE A 23 18.88 -2.18 6.13
N GLY A 24 19.95 -2.76 6.63
CA GLY A 24 20.58 -3.88 5.96
C GLY A 24 19.60 -5.04 5.79
N SER A 25 19.22 -5.62 6.92
CA SER A 25 18.29 -6.73 6.91
C SER A 25 17.22 -6.52 5.84
N ILE A 26 16.42 -5.49 6.04
CA ILE A 26 15.36 -5.15 5.10
C ILE A 26 15.90 -5.23 3.68
N PHE A 27 17.07 -4.63 3.49
CA PHE A 27 17.72 -4.61 2.18
C PHE A 27 17.80 -6.02 1.60
N GLY A 28 18.21 -6.96 2.45
CA GLY A 28 18.33 -8.34 2.03
C GLY A 28 16.97 -9.03 2.00
N TYR A 29 16.02 -8.44 2.70
CA TYR A 29 14.67 -8.97 2.75
C TYR A 29 14.68 -10.42 3.23
N LYS A 30 14.23 -10.61 4.47
CA LYS A 30 14.18 -11.94 5.05
C LYS A 30 13.43 -11.88 6.38
N ARG A 31 12.16 -11.49 6.30
CA ARG A 31 11.33 -11.39 7.48
C ARG A 31 10.19 -12.39 7.41
N ARG A 32 9.36 -12.37 8.44
CA ARG A 32 8.22 -13.27 8.52
C ARG A 32 7.13 -12.68 9.41
N GLY A 33 6.35 -11.77 8.82
CA GLY A 33 5.27 -11.13 9.56
C GLY A 33 3.91 -11.60 9.04
N GLY A 34 3.70 -11.40 7.75
CA GLY A 34 2.44 -11.80 7.12
C GLY A 34 1.43 -10.67 7.19
N VAL A 35 1.46 -9.83 6.16
CA VAL A 35 0.55 -8.70 6.08
C VAL A 35 -0.40 -8.90 4.90
N PRO A 36 -1.59 -9.48 5.21
CA PRO A 36 -2.60 -9.74 4.18
C PRO A 36 -3.29 -8.44 3.77
N SER A 37 -3.73 -8.42 2.52
CA SER A 37 -4.42 -7.26 1.99
C SER A 37 -3.41 -6.24 1.47
N LEU A 38 -2.62 -5.72 2.40
CA LEU A 38 -1.60 -4.73 2.05
C LEU A 38 -0.89 -5.17 0.77
N ILE A 39 -0.42 -6.41 0.79
CA ILE A 39 0.27 -6.95 -0.36
C ILE A 39 -0.56 -6.71 -1.62
N ALA A 40 -1.83 -7.05 -1.53
CA ALA A 40 -2.74 -6.87 -2.66
C ALA A 40 -2.69 -5.41 -3.11
N GLY A 41 -2.58 -4.51 -2.13
CA GLY A 41 -2.53 -3.09 -2.42
C GLY A 41 -1.20 -2.73 -3.08
N LEU A 42 -0.17 -3.49 -2.75
CA LEU A 42 1.16 -3.24 -3.30
C LEU A 42 1.16 -3.64 -4.78
N PHE A 43 0.94 -4.92 -5.02
CA PHE A 43 0.91 -5.43 -6.38
C PHE A 43 -0.04 -4.62 -7.26
N VAL A 44 -1.23 -4.39 -6.71
CA VAL A 44 -2.25 -3.63 -7.43
C VAL A 44 -1.71 -2.23 -7.74
N GLY A 45 -1.57 -1.44 -6.70
CA GLY A 45 -1.07 -0.08 -6.85
C GLY A 45 0.07 -0.02 -7.86
N CYS A 46 1.01 -0.94 -7.69
CA CYS A 46 2.16 -1.01 -8.59
C CYS A 46 1.64 -1.14 -10.02
N LEU A 47 1.07 -2.29 -10.31
CA LEU A 47 0.53 -2.54 -11.63
C LEU A 47 -0.17 -1.29 -12.15
N ALA A 48 -0.84 -0.61 -11.24
CA ALA A 48 -1.56 0.60 -11.57
C ALA A 48 -0.58 1.62 -12.16
N GLY A 49 0.15 2.26 -11.27
CA GLY A 49 1.13 3.27 -11.67
C GLY A 49 2.11 2.68 -12.70
N TYR A 50 2.91 1.74 -12.25
CA TYR A 50 3.88 1.10 -13.11
C TYR A 50 3.28 0.78 -14.48
N GLY A 51 2.20 0.00 -14.45
CA GLY A 51 1.52 -0.38 -15.66
C GLY A 51 1.23 0.84 -16.55
N ALA A 52 0.60 1.84 -15.93
CA ALA A 52 0.26 3.05 -16.64
C ALA A 52 1.52 3.63 -17.28
N TYR A 53 2.65 3.39 -16.63
CA TYR A 53 3.93 3.89 -17.12
C TYR A 53 4.44 3.01 -18.27
N ARG A 54 4.07 1.74 -18.20
CA ARG A 54 4.49 0.79 -19.22
C ARG A 54 3.57 0.89 -20.43
N VAL A 55 2.32 0.52 -20.23
CA VAL A 55 1.34 0.55 -21.31
C VAL A 55 1.18 1.99 -21.80
N SER A 56 0.95 2.89 -20.85
CA SER A 56 0.79 4.29 -21.17
C SER A 56 -0.29 4.46 -22.24
N ASN A 57 -1.47 4.88 -21.80
CA ASN A 57 -2.58 5.08 -22.71
C ASN A 57 -3.81 5.52 -21.91
N ASP A 58 -3.62 6.61 -21.16
CA ASP A 58 -4.70 7.14 -20.35
C ASP A 58 -4.12 8.17 -19.36
N LYS A 59 -3.31 7.66 -18.44
CA LYS A 59 -2.69 8.51 -17.44
C LYS A 59 -1.60 7.72 -16.71
N ARG A 60 -1.12 8.31 -15.62
CA ARG A 60 -0.08 7.67 -14.83
C ARG A 60 0.39 8.63 -13.73
N ASP A 61 -0.53 8.99 -12.85
CA ASP A 61 -0.22 9.89 -11.76
C ASP A 61 -1.50 10.19 -10.98
N VAL A 62 -1.62 9.54 -9.83
CA VAL A 62 -2.78 9.74 -8.97
C VAL A 62 -4.00 9.10 -9.63
N LYS A 63 -4.32 9.59 -10.82
CA LYS A 63 -5.46 9.08 -11.56
C LYS A 63 -5.51 7.57 -11.43
N VAL A 64 -4.43 6.93 -11.85
CA VAL A 64 -4.33 5.48 -11.79
C VAL A 64 -4.91 5.00 -10.46
N SER A 65 -4.31 5.47 -9.38
CA SER A 65 -4.76 5.11 -8.05
C SER A 65 -6.28 5.22 -7.95
N LEU A 66 -6.79 6.34 -8.46
CA LEU A 66 -8.22 6.58 -8.44
C LEU A 66 -8.96 5.40 -9.08
N PHE A 67 -8.40 4.94 -10.19
CA PHE A 67 -8.98 3.81 -10.90
C PHE A 67 -8.77 2.51 -10.13
N THR A 68 -7.74 2.50 -9.31
CA THR A 68 -7.42 1.33 -8.51
C THR A 68 -8.43 1.16 -7.38
N ALA A 69 -8.65 2.24 -6.66
CA ALA A 69 -9.59 2.23 -5.55
C ALA A 69 -11.00 2.02 -6.08
N PHE A 70 -11.27 2.67 -7.21
CA PHE A 70 -12.58 2.55 -7.84
C PHE A 70 -12.91 1.11 -8.19
N PHE A 71 -12.02 0.51 -8.99
CA PHE A 71 -12.19 -0.87 -9.40
C PHE A 71 -12.25 -1.80 -8.20
N LEU A 72 -11.36 -1.54 -7.24
CA LEU A 72 -11.29 -2.35 -6.04
C LEU A 72 -12.65 -2.32 -5.34
N ALA A 73 -12.93 -1.22 -4.68
CA ALA A 73 -14.19 -1.06 -3.97
C ALA A 73 -15.33 -1.55 -4.86
N THR A 74 -15.26 -1.16 -6.13
CA THR A 74 -16.28 -1.55 -7.08
C THR A 74 -16.57 -3.05 -6.98
N ILE A 75 -15.50 -3.82 -6.99
CA ILE A 75 -15.61 -5.27 -6.90
C ILE A 75 -16.05 -5.65 -5.48
N MET A 76 -15.68 -4.81 -4.53
CA MET A 76 -16.03 -5.05 -3.15
C MET A 76 -17.53 -4.83 -2.91
N GLY A 77 -17.99 -3.64 -3.27
CA GLY A 77 -19.40 -3.30 -3.11
C GLY A 77 -19.58 -1.78 -3.03
N VAL A 78 -19.68 -1.30 -1.81
CA VAL A 78 -19.86 0.13 -1.57
C VAL A 78 -18.65 0.68 -0.82
N ARG A 79 -18.08 1.74 -1.37
CA ARG A 79 -16.92 2.37 -0.76
C ARG A 79 -17.08 2.41 0.76
N PHE A 80 -18.09 3.15 1.20
CA PHE A 80 -18.35 3.28 2.61
C PHE A 80 -19.11 2.06 3.15
N LYS A 81 -19.00 1.86 4.46
CA LYS A 81 -19.66 0.74 5.10
C LYS A 81 -19.44 0.82 6.61
N ARG A 82 -18.19 0.64 7.01
CA ARG A 82 -17.85 0.69 8.41
C ARG A 82 -18.39 -0.54 9.15
N SER A 83 -17.58 -1.07 10.05
CA SER A 83 -17.96 -2.24 10.82
C SER A 83 -17.32 -2.19 12.21
N LYS A 84 -17.80 -3.07 13.08
CA LYS A 84 -17.28 -3.14 14.43
C LYS A 84 -16.79 -4.56 14.72
N LYS A 85 -15.91 -5.03 13.86
CA LYS A 85 -15.37 -6.37 14.01
C LYS A 85 -14.06 -6.48 13.22
N ILE A 86 -14.20 -6.48 11.90
CA ILE A 86 -13.05 -6.58 11.03
C ILE A 86 -12.62 -5.18 10.59
N MET A 87 -13.62 -4.33 10.36
CA MET A 87 -13.36 -2.97 9.94
C MET A 87 -12.17 -2.90 8.98
N PRO A 88 -12.46 -3.13 7.68
CA PRO A 88 -11.42 -3.11 6.66
C PRO A 88 -11.02 -1.67 6.34
N ALA A 89 -10.64 -0.95 7.39
CA ALA A 89 -10.22 0.44 7.23
C ALA A 89 -8.87 0.48 6.51
N GLY A 90 -8.01 -0.46 6.87
CA GLY A 90 -6.69 -0.54 6.28
C GLY A 90 -6.73 -0.14 4.80
N LEU A 91 -7.74 -0.65 4.11
CA LEU A 91 -7.90 -0.36 2.69
C LEU A 91 -7.73 1.14 2.47
N VAL A 92 -8.60 1.90 3.10
CA VAL A 92 -8.56 3.35 2.98
C VAL A 92 -7.21 3.86 3.47
N ALA A 93 -6.64 3.12 4.42
CA ALA A 93 -5.36 3.49 4.99
C ALA A 93 -4.28 3.39 3.90
N GLY A 94 -4.48 2.45 3.00
CA GLY A 94 -3.55 2.25 1.90
C GLY A 94 -3.71 3.32 0.82
N LEU A 95 -4.95 3.47 0.37
CA LEU A 95 -5.26 4.45 -0.65
C LEU A 95 -4.67 5.80 -0.26
N SER A 96 -4.89 6.16 1.00
CA SER A 96 -4.38 7.43 1.51
C SER A 96 -2.86 7.41 1.52
N LEU A 97 -2.31 6.45 2.25
CA LEU A 97 -0.87 6.31 2.35
C LEU A 97 -0.24 6.55 0.98
N MET A 98 -0.88 5.96 -0.03
CA MET A 98 -0.38 6.09 -1.39
C MET A 98 -0.44 7.56 -1.84
N MET A 99 -1.62 8.13 -1.77
CA MET A 99 -1.82 9.51 -2.17
C MET A 99 -0.79 10.42 -1.51
N ILE A 100 -0.71 10.33 -0.19
CA ILE A 100 0.23 11.13 0.57
C ILE A 100 1.62 10.98 -0.03
N LEU A 101 2.06 9.74 -0.15
CA LEU A 101 3.37 9.45 -0.71
C LEU A 101 3.49 10.10 -2.08
N ARG A 102 2.35 10.22 -2.74
CA ARG A 102 2.31 10.82 -4.06
C ARG A 102 2.52 12.34 -3.97
N LEU A 103 1.99 12.90 -2.89
CA LEU A 103 2.11 14.33 -2.67
C LEU A 103 3.58 14.74 -2.80
N VAL A 104 4.45 13.89 -2.27
CA VAL A 104 5.87 14.16 -2.32
C VAL A 104 6.42 13.74 -3.69
N LEU A 105 6.12 12.51 -4.07
CA LEU A 105 6.56 11.99 -5.34
C LEU A 105 6.26 13.00 -6.45
N LEU A 106 5.15 13.71 -6.26
CA LEU A 106 4.74 14.71 -7.22
C LEU A 106 5.96 15.54 -7.64
N LEU A 107 6.62 16.11 -6.65
CA LEU A 107 7.79 16.93 -6.91
C LEU A 107 8.83 16.09 -7.66
N LEU A 108 9.13 14.93 -7.10
CA LEU A 108 10.10 14.03 -7.70
C LEU A 108 9.82 13.91 -9.21
N MET A 10 14.68 -5.88 22.77
CA MET A 10 13.60 -4.94 22.93
C MET A 10 13.54 -4.40 24.37
N ASP A 11 13.14 -3.14 24.47
CA ASP A 11 13.03 -2.50 25.78
C ASP A 11 14.42 -2.42 26.41
N LEU A 12 14.85 -1.19 26.66
CA LEU A 12 16.16 -0.98 27.27
C LEU A 12 17.22 -1.78 26.50
N ILE A 13 17.58 -1.26 25.35
CA ILE A 13 18.58 -1.92 24.52
C ILE A 13 18.95 -1.00 23.35
N GLY A 14 20.21 -1.05 22.99
CA GLY A 14 20.71 -0.23 21.89
C GLY A 14 19.75 -0.27 20.69
N PHE A 15 18.90 0.75 20.64
CA PHE A 15 17.92 0.84 19.57
C PHE A 15 18.61 0.78 18.20
N GLY A 16 19.54 1.70 17.99
CA GLY A 16 20.28 1.76 16.74
C GLY A 16 20.56 0.35 16.20
N TYR A 17 21.21 -0.44 17.03
CA TYR A 17 21.54 -1.80 16.65
C TYR A 17 20.33 -2.52 16.06
N ALA A 18 19.22 -2.44 16.78
CA ALA A 18 17.98 -3.07 16.34
C ALA A 18 17.62 -2.54 14.96
N ALA A 19 17.88 -1.26 14.75
CA ALA A 19 17.59 -0.64 13.47
C ALA A 19 18.52 -1.19 12.41
N LEU A 20 19.71 -1.58 12.84
CA LEU A 20 20.71 -2.13 11.94
C LEU A 20 20.26 -3.51 11.47
N VAL A 21 19.73 -4.28 12.42
CA VAL A 21 19.26 -5.62 12.13
C VAL A 21 18.11 -5.54 11.13
N THR A 22 17.13 -4.71 11.47
CA THR A 22 15.96 -4.53 10.62
C THR A 22 16.40 -4.16 9.20
N PHE A 23 17.27 -3.17 9.11
CA PHE A 23 17.76 -2.71 7.83
C PHE A 23 18.32 -3.88 7.01
N GLY A 24 19.28 -4.57 7.61
CA GLY A 24 19.90 -5.70 6.95
C GLY A 24 18.87 -6.80 6.64
N SER A 25 18.37 -7.41 7.71
CA SER A 25 17.38 -8.47 7.57
C SER A 25 16.38 -8.11 6.48
N ILE A 26 15.74 -6.97 6.66
CA ILE A 26 14.75 -6.50 5.70
C ILE A 26 15.34 -6.58 4.29
N PHE A 27 16.56 -6.08 4.16
CA PHE A 27 17.24 -6.09 2.88
C PHE A 27 17.30 -7.51 2.31
N GLY A 28 17.52 -8.47 3.20
CA GLY A 28 17.60 -9.87 2.80
C GLY A 28 16.20 -10.46 2.59
N TYR A 29 15.22 -9.79 3.18
CA TYR A 29 13.84 -10.24 3.08
C TYR A 29 13.70 -11.69 3.54
N LYS A 30 13.16 -11.84 4.74
CA LYS A 30 12.96 -13.16 5.31
C LYS A 30 12.00 -13.06 6.51
N ARG A 31 10.77 -13.50 6.28
CA ARG A 31 9.76 -13.46 7.32
C ARG A 31 9.42 -12.01 7.67
N ARG A 32 8.16 -11.81 8.08
CA ARG A 32 7.70 -10.49 8.44
C ARG A 32 6.29 -10.57 9.02
N GLY A 33 5.38 -11.09 8.21
CA GLY A 33 3.99 -11.23 8.63
C GLY A 33 3.39 -12.54 8.12
N GLY A 34 2.41 -12.40 7.23
CA GLY A 34 1.75 -13.57 6.66
C GLY A 34 0.31 -13.66 7.14
N VAL A 35 -0.59 -13.15 6.30
CA VAL A 35 -2.01 -13.17 6.62
C VAL A 35 -2.74 -12.17 5.72
N PRO A 36 -2.22 -10.92 5.70
CA PRO A 36 -2.81 -9.87 4.89
C PRO A 36 -2.48 -10.07 3.40
N SER A 37 -2.91 -9.11 2.61
CA SER A 37 -2.66 -9.16 1.18
C SER A 37 -1.90 -7.91 0.73
N LEU A 38 -1.18 -7.32 1.67
CA LEU A 38 -0.41 -6.12 1.38
C LEU A 38 0.28 -6.28 0.02
N ILE A 39 0.98 -7.39 -0.13
CA ILE A 39 1.69 -7.67 -1.37
C ILE A 39 0.74 -7.43 -2.55
N ALA A 40 -0.43 -8.03 -2.45
CA ALA A 40 -1.43 -7.90 -3.50
C ALA A 40 -1.69 -6.42 -3.76
N GLY A 41 -1.72 -5.66 -2.68
CA GLY A 41 -1.96 -4.23 -2.78
C GLY A 41 -0.79 -3.52 -3.47
N LEU A 42 0.39 -4.10 -3.29
CA LEU A 42 1.59 -3.53 -3.88
C LEU A 42 1.59 -3.80 -5.38
N PHE A 43 1.49 -5.08 -5.73
CA PHE A 43 1.48 -5.48 -7.12
C PHE A 43 0.39 -4.72 -7.90
N VAL A 44 -0.76 -4.58 -7.25
CA VAL A 44 -1.88 -3.89 -7.87
C VAL A 44 -1.51 -2.42 -8.07
N GLY A 45 -1.37 -1.72 -6.96
CA GLY A 45 -1.02 -0.31 -7.00
C GLY A 45 0.07 -0.04 -8.05
N CYS A 46 1.08 -0.89 -8.04
CA CYS A 46 2.17 -0.76 -8.97
C CYS A 46 1.60 -0.77 -10.39
N LEU A 47 1.06 -1.92 -10.76
CA LEU A 47 0.47 -2.07 -12.08
C LEU A 47 -0.24 -0.77 -12.48
N ALA A 48 -0.97 -0.22 -11.52
CA ALA A 48 -1.69 1.02 -11.76
C ALA A 48 -0.72 2.09 -12.24
N GLY A 49 0.15 2.50 -11.33
CA GLY A 49 1.14 3.52 -11.65
C GLY A 49 2.09 3.04 -12.75
N TYR A 50 2.96 2.11 -12.37
CA TYR A 50 3.92 1.57 -13.30
C TYR A 50 3.30 1.35 -14.68
N GLY A 51 2.20 0.60 -14.69
CA GLY A 51 1.50 0.30 -15.92
C GLY A 51 1.22 1.58 -16.71
N ALA A 52 0.58 2.52 -16.03
CA ALA A 52 0.24 3.80 -16.65
C ALA A 52 1.51 4.42 -17.24
N TYR A 53 2.64 4.12 -16.61
CA TYR A 53 3.91 4.63 -17.05
C TYR A 53 4.45 3.84 -18.25
N ARG A 54 4.08 2.56 -18.27
CA ARG A 54 4.52 1.69 -19.34
C ARG A 54 3.50 1.70 -20.48
N VAL A 55 2.34 1.11 -20.20
CA VAL A 55 1.27 1.04 -21.18
C VAL A 55 0.35 2.25 -21.01
N SER A 56 0.95 3.43 -21.16
CA SER A 56 0.20 4.67 -21.03
C SER A 56 -1.18 4.51 -21.66
N ASN A 57 -2.17 5.11 -21.01
CA ASN A 57 -3.54 5.04 -21.49
C ASN A 57 -4.28 6.30 -21.07
N ASP A 58 -4.12 6.65 -19.80
CA ASP A 58 -4.78 7.82 -19.25
C ASP A 58 -4.29 8.06 -17.81
N LYS A 59 -3.43 9.06 -17.68
CA LYS A 59 -2.88 9.39 -16.37
C LYS A 59 -2.95 10.91 -16.17
N ARG A 60 -3.71 11.30 -15.16
CA ARG A 60 -3.87 12.71 -14.85
C ARG A 60 -2.96 13.10 -13.69
N ASP A 61 -3.20 12.48 -12.55
CA ASP A 61 -2.41 12.76 -11.36
C ASP A 61 -2.17 11.46 -10.59
N VAL A 62 -3.27 10.86 -10.14
CA VAL A 62 -3.19 9.62 -9.40
C VAL A 62 -4.61 9.12 -9.10
N LYS A 63 -5.48 9.27 -10.09
CA LYS A 63 -6.87 8.85 -9.95
C LYS A 63 -6.94 7.33 -10.06
N VAL A 64 -6.08 6.78 -10.92
CA VAL A 64 -6.04 5.35 -11.13
C VAL A 64 -6.16 4.64 -9.78
N SER A 65 -5.25 4.99 -8.88
CA SER A 65 -5.24 4.40 -7.55
C SER A 65 -6.67 4.40 -6.97
N LEU A 66 -7.32 5.54 -7.07
CA LEU A 66 -8.67 5.69 -6.57
C LEU A 66 -9.56 4.61 -7.20
N PHE A 67 -9.37 4.42 -8.49
CA PHE A 67 -10.13 3.43 -9.22
C PHE A 67 -9.72 2.01 -8.84
N THR A 68 -8.50 1.90 -8.34
CA THR A 68 -7.97 0.61 -7.92
C THR A 68 -8.59 0.18 -6.60
N ALA A 69 -8.61 1.10 -5.66
CA ALA A 69 -9.18 0.83 -4.34
C ALA A 69 -10.68 0.59 -4.49
N PHE A 70 -11.32 1.46 -5.25
CA PHE A 70 -12.75 1.35 -5.47
C PHE A 70 -13.11 0.00 -6.12
N PHE A 71 -12.38 -0.31 -7.18
CA PHE A 71 -12.61 -1.56 -7.89
C PHE A 71 -12.37 -2.76 -6.99
N LEU A 72 -11.18 -2.79 -6.39
CA LEU A 72 -10.81 -3.88 -5.49
C LEU A 72 -11.96 -4.15 -4.53
N ALA A 73 -12.33 -3.10 -3.79
CA ALA A 73 -13.41 -3.21 -2.84
C ALA A 73 -14.64 -3.84 -3.51
N THR A 74 -15.01 -3.26 -4.64
CA THR A 74 -16.15 -3.75 -5.39
C THR A 74 -15.99 -5.25 -5.69
N ILE A 75 -14.75 -5.65 -5.87
CA ILE A 75 -14.44 -7.04 -6.17
C ILE A 75 -14.53 -7.86 -4.88
N MET A 76 -14.24 -7.19 -3.77
CA MET A 76 -14.29 -7.84 -2.48
C MET A 76 -15.71 -7.87 -1.92
N GLY A 77 -16.18 -6.70 -1.53
CA GLY A 77 -17.52 -6.56 -0.99
C GLY A 77 -17.48 -6.47 0.54
N VAL A 78 -17.73 -7.60 1.17
CA VAL A 78 -17.72 -7.65 2.63
C VAL A 78 -17.05 -8.96 3.08
N ARG A 79 -15.74 -9.01 2.89
CA ARG A 79 -14.98 -10.19 3.27
C ARG A 79 -13.48 -9.92 3.14
N PHE A 80 -13.08 -8.75 3.63
CA PHE A 80 -11.69 -8.35 3.56
C PHE A 80 -11.43 -7.13 4.45
N LYS A 81 -12.03 -7.14 5.63
CA LYS A 81 -11.86 -6.05 6.57
C LYS A 81 -12.28 -6.52 7.96
N ARG A 82 -12.11 -5.64 8.93
CA ARG A 82 -12.46 -5.94 10.30
C ARG A 82 -13.89 -5.48 10.61
N SER A 83 -14.30 -4.44 9.90
CA SER A 83 -15.63 -3.89 10.09
C SER A 83 -15.74 -2.54 9.40
N LYS A 84 -16.75 -2.41 8.56
CA LYS A 84 -16.98 -1.17 7.83
C LYS A 84 -18.39 -1.18 7.24
N LYS A 85 -18.87 0.01 6.92
CA LYS A 85 -20.20 0.15 6.35
C LYS A 85 -20.07 0.51 4.87
N ILE A 86 -19.40 1.63 4.62
CA ILE A 86 -19.20 2.09 3.25
C ILE A 86 -17.84 1.61 2.75
N MET A 87 -16.79 1.99 3.47
CA MET A 87 -15.45 1.60 3.10
C MET A 87 -14.62 1.23 4.33
N PRO A 88 -13.60 0.36 4.12
CA PRO A 88 -12.75 -0.07 5.20
C PRO A 88 -11.75 1.03 5.58
N ALA A 89 -11.41 1.05 6.86
CA ALA A 89 -10.47 2.04 7.36
C ALA A 89 -9.07 1.74 6.83
N GLY A 90 -8.59 0.56 7.17
CA GLY A 90 -7.26 0.13 6.72
C GLY A 90 -7.02 0.55 5.27
N LEU A 91 -7.94 0.18 4.40
CA LEU A 91 -7.84 0.51 3.00
C LEU A 91 -7.52 2.01 2.85
N VAL A 92 -8.31 2.81 3.55
CA VAL A 92 -8.14 4.25 3.51
C VAL A 92 -6.71 4.61 3.93
N ALA A 93 -6.21 3.83 4.89
CA ALA A 93 -4.86 4.05 5.38
C ALA A 93 -3.86 3.71 4.28
N GLY A 94 -4.23 2.76 3.45
CA GLY A 94 -3.38 2.33 2.36
C GLY A 94 -3.34 3.38 1.25
N LEU A 95 -4.50 3.63 0.67
CA LEU A 95 -4.62 4.60 -0.41
C LEU A 95 -3.96 5.91 0.04
N SER A 96 -4.20 6.25 1.30
CA SER A 96 -3.64 7.48 1.85
C SER A 96 -2.12 7.43 1.81
N LEU A 97 -1.56 6.48 2.55
CA LEU A 97 -0.12 6.32 2.61
C LEU A 97 0.46 6.52 1.21
N MET A 98 -0.24 5.97 0.23
CA MET A 98 0.20 6.08 -1.16
C MET A 98 0.20 7.54 -1.61
N MET A 99 -0.93 8.19 -1.40
CA MET A 99 -1.07 9.59 -1.78
C MET A 99 0.03 10.45 -1.16
N ILE A 100 0.14 10.35 0.16
CA ILE A 100 1.14 11.12 0.89
C ILE A 100 2.50 10.91 0.22
N LEU A 101 2.91 9.65 0.16
CA LEU A 101 4.18 9.31 -0.44
C LEU A 101 4.26 9.90 -1.86
N ARG A 102 3.09 10.03 -2.47
CA ARG A 102 3.01 10.58 -3.81
C ARG A 102 3.35 12.07 -3.79
N LEU A 103 2.90 12.74 -2.74
CA LEU A 103 3.15 14.16 -2.59
C LEU A 103 4.61 14.46 -2.92
N VAL A 104 5.49 13.87 -2.12
CA VAL A 104 6.92 14.06 -2.33
C VAL A 104 7.32 13.50 -3.69
N LEU A 105 6.80 12.31 -3.97
CA LEU A 105 7.09 11.64 -5.24
C LEU A 105 7.09 12.68 -6.37
N LEU A 106 6.21 13.66 -6.22
CA LEU A 106 6.09 14.71 -7.21
C LEU A 106 7.49 15.21 -7.59
N LEU A 107 8.26 15.54 -6.56
CA LEU A 107 9.60 16.04 -6.78
C LEU A 107 10.38 15.04 -7.65
N LEU A 108 10.25 13.77 -7.28
CA LEU A 108 10.93 12.71 -8.02
C LEU A 108 10.66 12.88 -9.52
N MET A 10 5.01 -4.89 29.80
CA MET A 10 5.91 -5.29 28.75
C MET A 10 7.28 -4.61 28.89
N ASP A 11 8.26 -5.41 29.30
CA ASP A 11 9.61 -4.90 29.49
C ASP A 11 10.40 -5.06 28.19
N LEU A 12 10.84 -3.93 27.66
CA LEU A 12 11.61 -3.93 26.42
C LEU A 12 12.89 -3.11 26.62
N ILE A 13 12.70 -1.82 26.85
CA ILE A 13 13.82 -0.93 27.06
C ILE A 13 14.92 -1.25 26.04
N GLY A 14 14.52 -1.33 24.79
CA GLY A 14 15.45 -1.63 23.72
C GLY A 14 14.77 -1.54 22.35
N PHE A 15 14.66 -0.32 21.86
CA PHE A 15 14.04 -0.08 20.56
C PHE A 15 15.06 -0.18 19.44
N GLY A 16 16.12 0.60 19.56
CA GLY A 16 17.17 0.61 18.56
C GLY A 16 17.42 -0.80 18.01
N TYR A 17 17.71 -1.71 18.92
CA TYR A 17 17.96 -3.09 18.54
C TYR A 17 16.87 -3.60 17.59
N ALA A 18 15.64 -3.40 17.99
CA ALA A 18 14.51 -3.82 17.18
C ALA A 18 14.61 -3.20 15.79
N ALA A 19 15.08 -1.96 15.77
CA ALA A 19 15.23 -1.24 14.51
C ALA A 19 16.36 -1.87 13.69
N LEU A 20 17.31 -2.45 14.41
CA LEU A 20 18.45 -3.09 13.76
C LEU A 20 17.98 -4.40 13.12
N VAL A 21 17.22 -5.17 13.89
CA VAL A 21 16.71 -6.43 13.42
C VAL A 21 15.87 -6.20 12.15
N THR A 22 14.81 -5.42 12.32
CA THR A 22 13.93 -5.11 11.21
C THR A 22 14.73 -4.59 10.01
N PHE A 23 15.58 -3.61 10.28
CA PHE A 23 16.41 -3.03 9.25
C PHE A 23 17.05 -4.11 8.38
N GLY A 24 17.89 -4.92 9.02
CA GLY A 24 18.57 -6.00 8.32
C GLY A 24 17.57 -6.99 7.72
N SER A 25 16.78 -7.60 8.59
CA SER A 25 15.78 -8.56 8.17
C SER A 25 15.13 -8.08 6.87
N ILE A 26 14.40 -6.98 6.98
CA ILE A 26 13.73 -6.42 5.82
C ILE A 26 14.70 -6.35 4.65
N PHE A 27 15.91 -5.91 4.94
CA PHE A 27 16.94 -5.79 3.92
C PHE A 27 17.07 -7.09 3.13
N GLY A 28 17.05 -8.20 3.86
CA GLY A 28 17.17 -9.51 3.25
C GLY A 28 15.82 -9.98 2.69
N TYR A 29 14.76 -9.36 3.20
CA TYR A 29 13.41 -9.71 2.77
C TYR A 29 13.09 -11.17 3.10
N LYS A 30 11.92 -11.36 3.69
CA LYS A 30 11.47 -12.69 4.06
C LYS A 30 10.40 -13.16 3.07
N ARG A 31 9.87 -14.33 3.35
CA ARG A 31 8.82 -14.91 2.50
C ARG A 31 7.50 -14.18 2.72
N ARG A 32 7.23 -13.87 3.98
CA ARG A 32 5.99 -13.18 4.33
C ARG A 32 5.67 -13.40 5.81
N GLY A 33 4.53 -12.86 6.22
CA GLY A 33 4.09 -12.98 7.59
C GLY A 33 3.93 -11.60 8.25
N GLY A 34 2.80 -10.97 7.94
CA GLY A 34 2.51 -9.66 8.48
C GLY A 34 1.17 -9.13 7.97
N VAL A 35 1.10 -8.95 6.66
CA VAL A 35 -0.12 -8.46 6.05
C VAL A 35 -0.19 -8.99 4.60
N PRO A 36 -0.89 -10.14 4.46
CA PRO A 36 -1.05 -10.74 3.15
C PRO A 36 -2.07 -9.98 2.30
N SER A 37 -2.61 -8.93 2.90
CA SER A 37 -3.60 -8.11 2.20
C SER A 37 -2.93 -6.85 1.66
N LEU A 38 -2.43 -6.02 2.57
CA LEU A 38 -1.77 -4.79 2.17
C LEU A 38 -0.86 -5.06 0.98
N ILE A 39 -0.04 -6.09 1.11
CA ILE A 39 0.88 -6.47 0.05
C ILE A 39 0.12 -6.54 -1.28
N ALA A 40 -0.99 -7.28 -1.25
CA ALA A 40 -1.80 -7.44 -2.43
C ALA A 40 -2.22 -6.06 -2.96
N GLY A 41 -2.46 -5.15 -2.01
CA GLY A 41 -2.86 -3.80 -2.37
C GLY A 41 -1.70 -3.04 -3.01
N LEU A 42 -0.49 -3.41 -2.61
CA LEU A 42 0.71 -2.77 -3.14
C LEU A 42 0.97 -3.30 -4.55
N PHE A 43 0.77 -4.60 -4.71
CA PHE A 43 0.99 -5.23 -6.00
C PHE A 43 0.02 -4.69 -7.05
N VAL A 44 -1.24 -4.59 -6.66
CA VAL A 44 -2.27 -4.10 -7.56
C VAL A 44 -2.00 -2.62 -7.84
N GLY A 45 -1.79 -1.87 -6.78
CA GLY A 45 -1.52 -0.44 -6.92
C GLY A 45 -0.33 -0.19 -7.85
N CYS A 46 0.64 -1.07 -7.76
CA CYS A 46 1.83 -0.96 -8.59
C CYS A 46 1.44 -1.22 -10.03
N LEU A 47 0.95 -2.43 -10.28
CA LEU A 47 0.53 -2.81 -11.61
C LEU A 47 -0.18 -1.62 -12.28
N ALA A 48 -1.14 -1.07 -11.55
CA ALA A 48 -1.90 0.06 -12.06
C ALA A 48 -0.93 1.18 -12.46
N GLY A 49 -0.23 1.70 -11.47
CA GLY A 49 0.71 2.78 -11.70
C GLY A 49 1.81 2.33 -12.68
N TYR A 50 2.76 1.58 -12.14
CA TYR A 50 3.87 1.08 -12.95
C TYR A 50 3.38 0.66 -14.34
N GLY A 51 2.47 -0.30 -14.34
CA GLY A 51 1.91 -0.80 -15.59
C GLY A 51 1.44 0.35 -16.48
N ALA A 52 0.63 1.21 -15.89
CA ALA A 52 0.09 2.35 -16.61
C ALA A 52 1.25 3.13 -17.25
N TYR A 53 2.38 3.11 -16.56
CA TYR A 53 3.56 3.82 -17.05
C TYR A 53 4.25 3.01 -18.15
N ARG A 54 4.13 1.69 -18.05
CA ARG A 54 4.74 0.80 -19.02
C ARG A 54 3.94 0.81 -20.32
N VAL A 55 2.62 0.68 -20.17
CA VAL A 55 1.74 0.66 -21.32
C VAL A 55 1.49 2.10 -21.78
N SER A 56 1.50 3.01 -20.82
CA SER A 56 1.28 4.42 -21.12
C SER A 56 0.19 4.56 -22.17
N ASN A 57 -1.04 4.65 -21.71
CA ASN A 57 -2.18 4.79 -22.60
C ASN A 57 -3.41 5.23 -21.79
N ASP A 58 -3.58 4.59 -20.64
CA ASP A 58 -4.70 4.90 -19.78
C ASP A 58 -4.18 5.51 -18.47
N LYS A 59 -4.33 6.83 -18.37
CA LYS A 59 -3.88 7.54 -17.19
C LYS A 59 -2.37 7.36 -17.03
N ARG A 60 -1.86 7.91 -15.95
CA ARG A 60 -0.42 7.81 -15.66
C ARG A 60 -0.21 7.57 -14.17
N ASP A 61 -0.72 8.50 -13.37
CA ASP A 61 -0.57 8.40 -11.92
C ASP A 61 -1.68 9.21 -11.25
N VAL A 62 -1.72 9.13 -9.93
CA VAL A 62 -2.71 9.85 -9.16
C VAL A 62 -4.09 9.28 -9.47
N LYS A 63 -4.65 9.74 -10.59
CA LYS A 63 -5.97 9.28 -11.01
C LYS A 63 -6.02 7.75 -10.94
N VAL A 64 -5.00 7.13 -11.52
CA VAL A 64 -4.92 5.67 -11.54
C VAL A 64 -5.33 5.14 -10.16
N SER A 65 -4.60 5.59 -9.14
CA SER A 65 -4.88 5.16 -7.79
C SER A 65 -6.37 5.27 -7.49
N LEU A 66 -6.94 6.41 -7.88
CA LEU A 66 -8.35 6.65 -7.67
C LEU A 66 -9.17 5.50 -8.28
N PHE A 67 -8.75 5.09 -9.46
CA PHE A 67 -9.42 4.00 -10.16
C PHE A 67 -9.13 2.66 -9.49
N THR A 68 -8.01 2.62 -8.78
CA THR A 68 -7.60 1.40 -8.09
C THR A 68 -8.48 1.18 -6.85
N ALA A 69 -8.40 2.14 -5.94
CA ALA A 69 -9.17 2.05 -4.71
C ALA A 69 -10.66 1.98 -5.06
N PHE A 70 -11.04 2.78 -6.04
CA PHE A 70 -12.44 2.82 -6.47
C PHE A 70 -12.89 1.45 -6.96
N PHE A 71 -12.11 0.87 -7.86
CA PHE A 71 -12.43 -0.43 -8.41
C PHE A 71 -12.35 -1.52 -7.33
N LEU A 72 -11.41 -1.33 -6.42
CA LEU A 72 -11.22 -2.27 -5.33
C LEU A 72 -12.50 -2.33 -4.50
N ALA A 73 -12.74 -1.25 -3.76
CA ALA A 73 -13.92 -1.18 -2.91
C ALA A 73 -15.15 -1.61 -3.71
N THR A 74 -15.25 -1.06 -4.92
CA THR A 74 -16.37 -1.38 -5.79
C THR A 74 -16.53 -2.89 -5.91
N ILE A 75 -15.41 -3.57 -6.04
CA ILE A 75 -15.41 -5.03 -6.16
C ILE A 75 -15.78 -5.64 -4.82
N MET A 76 -15.42 -4.94 -3.76
CA MET A 76 -15.71 -5.41 -2.42
C MET A 76 -17.18 -5.19 -2.06
N GLY A 77 -17.58 -3.92 -2.07
CA GLY A 77 -18.95 -3.57 -1.75
C GLY A 77 -19.57 -2.75 -2.88
N VAL A 78 -20.04 -1.56 -2.52
CA VAL A 78 -20.66 -0.67 -3.49
C VAL A 78 -20.00 0.70 -3.40
N ARG A 79 -20.57 1.53 -2.53
CA ARG A 79 -20.05 2.89 -2.35
C ARG A 79 -20.67 3.52 -1.10
N PHE A 80 -20.04 3.23 0.04
CA PHE A 80 -20.52 3.77 1.31
C PHE A 80 -19.56 3.41 2.44
N LYS A 81 -20.08 3.46 3.65
CA LYS A 81 -19.28 3.15 4.83
C LYS A 81 -19.63 1.74 5.33
N ARG A 82 -18.58 0.97 5.58
CA ARG A 82 -18.76 -0.39 6.06
C ARG A 82 -18.40 -0.49 7.54
N SER A 83 -18.48 -1.71 8.06
CA SER A 83 -18.17 -1.95 9.46
C SER A 83 -18.75 -3.28 9.91
N LYS A 84 -18.20 -4.36 9.35
CA LYS A 84 -18.66 -5.70 9.68
C LYS A 84 -17.71 -6.72 9.05
N LYS A 85 -16.64 -7.01 9.78
CA LYS A 85 -15.65 -7.97 9.30
C LYS A 85 -14.97 -7.42 8.05
N ILE A 86 -13.79 -7.94 7.79
CA ILE A 86 -13.02 -7.51 6.62
C ILE A 86 -13.16 -5.99 6.46
N MET A 87 -12.79 -5.28 7.51
CA MET A 87 -12.87 -3.83 7.50
C MET A 87 -12.11 -3.25 6.31
N PRO A 88 -12.88 -2.59 5.40
CA PRO A 88 -12.29 -1.99 4.21
C PRO A 88 -11.54 -0.71 4.56
N ALA A 89 -11.81 -0.22 5.76
CA ALA A 89 -11.17 1.01 6.23
C ALA A 89 -9.69 0.98 5.84
N GLY A 90 -9.01 -0.05 6.29
CA GLY A 90 -7.60 -0.21 5.99
C GLY A 90 -7.28 0.21 4.55
N LEU A 91 -8.03 -0.38 3.63
CA LEU A 91 -7.85 -0.09 2.21
C LEU A 91 -7.79 1.43 2.02
N VAL A 92 -8.77 2.12 2.59
CA VAL A 92 -8.83 3.56 2.49
C VAL A 92 -7.53 4.16 3.04
N ALA A 93 -7.05 3.56 4.12
CA ALA A 93 -5.82 4.02 4.75
C ALA A 93 -4.65 3.84 3.77
N GLY A 94 -4.78 2.82 2.93
CA GLY A 94 -3.74 2.53 1.95
C GLY A 94 -3.72 3.60 0.84
N LEU A 95 -4.89 3.81 0.26
CA LEU A 95 -5.02 4.80 -0.80
C LEU A 95 -4.48 6.14 -0.32
N SER A 96 -4.87 6.50 0.90
CA SER A 96 -4.43 7.75 1.48
C SER A 96 -2.91 7.79 1.56
N LEU A 97 -2.37 6.84 2.31
CA LEU A 97 -0.93 6.75 2.47
C LEU A 97 -0.25 7.02 1.12
N MET A 98 -0.77 6.37 0.10
CA MET A 98 -0.22 6.53 -1.24
C MET A 98 -0.23 7.99 -1.66
N MET A 99 -1.42 8.56 -1.70
CA MET A 99 -1.58 9.96 -2.09
C MET A 99 -0.51 10.83 -1.44
N ILE A 100 -0.44 10.74 -0.12
CA ILE A 100 0.53 11.52 0.63
C ILE A 100 1.92 11.28 0.05
N LEU A 101 2.27 10.02 -0.10
CA LEU A 101 3.56 9.65 -0.64
C LEU A 101 3.74 10.29 -2.01
N ARG A 102 2.61 10.48 -2.69
CA ARG A 102 2.63 11.08 -4.01
C ARG A 102 2.84 12.60 -3.90
N LEU A 103 2.36 13.14 -2.79
CA LEU A 103 2.50 14.57 -2.55
C LEU A 103 3.97 14.96 -2.60
N VAL A 104 4.82 14.04 -2.15
CA VAL A 104 6.24 14.27 -2.13
C VAL A 104 6.85 13.79 -3.45
N LEU A 105 6.49 12.58 -3.83
CA LEU A 105 6.99 11.99 -5.06
C LEU A 105 6.93 13.05 -6.17
N LEU A 106 5.86 13.81 -6.17
CA LEU A 106 5.66 14.85 -7.16
C LEU A 106 6.98 15.62 -7.34
N LEU A 107 7.54 16.06 -6.23
CA LEU A 107 8.78 16.80 -6.25
C LEU A 107 9.93 15.85 -6.62
N LEU A 108 9.93 14.70 -5.97
CA LEU A 108 10.96 13.70 -6.22
C LEU A 108 11.23 13.61 -7.72
N MET A 10 -0.06 -10.37 22.71
CA MET A 10 -1.09 -9.36 22.88
C MET A 10 -0.47 -8.01 23.24
N ASP A 11 0.30 -8.02 24.32
CA ASP A 11 0.94 -6.80 24.79
C ASP A 11 1.53 -6.06 23.60
N LEU A 12 1.78 -4.78 23.80
CA LEU A 12 2.34 -3.94 22.76
C LEU A 12 3.27 -2.90 23.39
N ILE A 13 4.35 -3.40 23.98
CA ILE A 13 5.32 -2.53 24.63
C ILE A 13 6.73 -2.98 24.24
N GLY A 14 7.07 -4.18 24.68
CA GLY A 14 8.38 -4.73 24.39
C GLY A 14 8.74 -4.54 22.92
N PHE A 15 9.83 -3.80 22.70
CA PHE A 15 10.29 -3.53 21.35
C PHE A 15 10.90 -4.79 20.71
N GLY A 16 11.72 -5.48 21.51
CA GLY A 16 12.37 -6.68 21.04
C GLY A 16 11.43 -7.50 20.14
N TYR A 17 10.28 -7.84 20.69
CA TYR A 17 9.30 -8.61 19.95
C TYR A 17 9.06 -8.02 18.57
N ALA A 18 8.84 -6.71 18.56
CA ALA A 18 8.59 -6.00 17.31
C ALA A 18 9.76 -6.24 16.36
N ALA A 19 10.95 -6.31 16.93
CA ALA A 19 12.16 -6.54 16.14
C ALA A 19 12.16 -7.99 15.64
N LEU A 20 11.55 -8.85 16.43
CA LEU A 20 11.48 -10.26 16.08
C LEU A 20 10.63 -10.43 14.81
N VAL A 21 9.39 -9.99 14.92
CA VAL A 21 8.46 -10.08 13.80
C VAL A 21 9.09 -9.40 12.57
N THR A 22 9.51 -8.17 12.77
CA THR A 22 10.13 -7.41 11.70
C THR A 22 11.28 -8.20 11.07
N PHE A 23 12.40 -8.21 11.78
CA PHE A 23 13.58 -8.92 11.30
C PHE A 23 13.19 -10.26 10.69
N GLY A 24 12.21 -10.90 11.31
CA GLY A 24 11.74 -12.20 10.85
C GLY A 24 11.09 -12.07 9.46
N SER A 25 9.81 -11.76 9.46
CA SER A 25 9.06 -11.61 8.23
C SER A 25 9.94 -10.92 7.18
N ILE A 26 10.54 -9.81 7.58
CA ILE A 26 11.40 -9.05 6.68
C ILE A 26 12.38 -10.00 6.01
N PHE A 27 13.10 -10.74 6.84
CA PHE A 27 14.09 -11.69 6.34
C PHE A 27 13.43 -12.73 5.41
N GLY A 28 12.16 -13.00 5.69
CA GLY A 28 11.41 -13.95 4.89
C GLY A 28 10.97 -13.33 3.57
N TYR A 29 10.87 -12.01 3.56
CA TYR A 29 10.47 -11.29 2.38
C TYR A 29 9.40 -12.07 1.59
N LYS A 30 8.57 -12.79 2.34
CA LYS A 30 7.52 -13.58 1.74
C LYS A 30 6.66 -14.20 2.83
N ARG A 31 5.73 -15.05 2.41
CA ARG A 31 4.84 -15.71 3.35
C ARG A 31 3.99 -14.67 4.09
N ARG A 32 3.36 -13.81 3.32
CA ARG A 32 2.52 -12.77 3.89
C ARG A 32 3.27 -12.03 5.00
N GLY A 33 2.57 -11.09 5.62
CA GLY A 33 3.15 -10.31 6.69
C GLY A 33 2.07 -9.68 7.57
N GLY A 34 1.24 -10.55 8.14
CA GLY A 34 0.16 -10.09 9.00
C GLY A 34 -1.00 -9.53 8.17
N VAL A 35 -0.67 -8.56 7.33
CA VAL A 35 -1.66 -7.94 6.47
C VAL A 35 -2.53 -9.02 5.83
N PRO A 36 -3.77 -8.62 5.45
CA PRO A 36 -4.71 -9.55 4.82
C PRO A 36 -4.31 -9.82 3.38
N SER A 37 -4.47 -8.80 2.55
CA SER A 37 -4.14 -8.91 1.13
C SER A 37 -3.39 -7.66 0.67
N LEU A 38 -2.92 -6.90 1.64
CA LEU A 38 -2.19 -5.68 1.35
C LEU A 38 -1.23 -5.93 0.17
N ILE A 39 -0.42 -6.98 0.33
CA ILE A 39 0.54 -7.34 -0.70
C ILE A 39 -0.17 -7.36 -2.06
N ALA A 40 -1.29 -8.05 -2.11
CA ALA A 40 -2.07 -8.16 -3.33
C ALA A 40 -2.37 -6.75 -3.86
N GLY A 41 -2.68 -5.85 -2.93
CA GLY A 41 -2.98 -4.48 -3.29
C GLY A 41 -1.75 -3.77 -3.84
N LEU A 42 -0.58 -4.20 -3.35
CA LEU A 42 0.67 -3.61 -3.78
C LEU A 42 0.94 -4.00 -5.23
N PHE A 43 1.01 -5.31 -5.45
CA PHE A 43 1.27 -5.83 -6.79
C PHE A 43 0.30 -5.22 -7.80
N VAL A 44 -0.98 -5.33 -7.49
CA VAL A 44 -2.01 -4.80 -8.37
C VAL A 44 -1.82 -3.29 -8.53
N GLY A 45 -1.39 -2.68 -7.43
CA GLY A 45 -1.16 -1.24 -7.44
C GLY A 45 -0.12 -0.85 -8.49
N CYS A 46 1.14 -1.16 -8.18
CA CYS A 46 2.22 -0.85 -9.09
C CYS A 46 1.85 -1.35 -10.48
N LEU A 47 1.04 -2.39 -10.51
CA LEU A 47 0.59 -2.98 -11.76
C LEU A 47 -0.14 -1.90 -12.57
N ALA A 48 -1.23 -1.41 -12.00
CA ALA A 48 -2.03 -0.41 -12.66
C ALA A 48 -1.19 0.85 -12.86
N GLY A 49 -0.57 1.30 -11.77
CA GLY A 49 0.26 2.49 -11.81
C GLY A 49 1.39 2.33 -12.83
N TYR A 50 2.43 1.63 -12.42
CA TYR A 50 3.58 1.40 -13.28
C TYR A 50 3.12 0.94 -14.67
N GLY A 51 2.35 -0.13 -14.68
CA GLY A 51 1.84 -0.68 -15.92
C GLY A 51 1.25 0.42 -16.81
N ALA A 52 0.34 1.17 -16.22
CA ALA A 52 -0.31 2.25 -16.94
C ALA A 52 0.75 3.18 -17.53
N TYR A 53 1.82 3.36 -16.77
CA TYR A 53 2.92 4.21 -17.21
C TYR A 53 3.76 3.52 -18.28
N ARG A 54 3.77 2.20 -18.22
CA ARG A 54 4.53 1.40 -19.17
C ARG A 54 3.72 1.21 -20.45
N VAL A 55 2.51 0.71 -20.28
CA VAL A 55 1.63 0.47 -21.41
C VAL A 55 1.35 1.79 -22.12
N SER A 56 1.49 2.88 -21.37
CA SER A 56 1.25 4.20 -21.91
C SER A 56 1.74 5.27 -20.93
N ASN A 57 1.62 6.52 -21.34
CA ASN A 57 2.05 7.62 -20.51
C ASN A 57 3.55 7.50 -20.24
N ASP A 58 4.12 8.60 -19.77
CA ASP A 58 5.55 8.62 -19.46
C ASP A 58 5.74 9.09 -18.02
N LYS A 59 5.12 10.22 -17.70
CA LYS A 59 5.22 10.78 -16.37
C LYS A 59 3.85 11.32 -15.95
N ARG A 60 3.66 11.39 -14.64
CA ARG A 60 2.40 11.89 -14.09
C ARG A 60 1.33 10.81 -14.17
N ASP A 61 0.59 10.68 -13.07
CA ASP A 61 -0.47 9.70 -12.99
C ASP A 61 -0.88 9.51 -11.53
N VAL A 62 -1.98 10.17 -11.17
CA VAL A 62 -2.48 10.09 -9.81
C VAL A 62 -3.89 9.50 -9.83
N LYS A 63 -4.74 10.10 -10.65
CA LYS A 63 -6.12 9.65 -10.78
C LYS A 63 -6.16 8.13 -10.81
N VAL A 64 -5.21 7.56 -11.54
CA VAL A 64 -5.12 6.11 -11.65
C VAL A 64 -5.37 5.48 -10.28
N SER A 65 -4.61 5.94 -9.30
CA SER A 65 -4.76 5.43 -7.95
C SER A 65 -6.23 5.39 -7.55
N LEU A 66 -6.91 6.51 -7.78
CA LEU A 66 -8.31 6.61 -7.44
C LEU A 66 -9.09 5.50 -8.16
N PHE A 67 -8.68 5.24 -9.40
CA PHE A 67 -9.32 4.20 -10.20
C PHE A 67 -9.01 2.82 -9.64
N THR A 68 -7.87 2.72 -8.97
CA THR A 68 -7.45 1.46 -8.38
C THR A 68 -8.29 1.14 -7.14
N ALA A 69 -8.40 2.13 -6.27
CA ALA A 69 -9.16 1.97 -5.05
C ALA A 69 -10.62 1.69 -5.40
N PHE A 70 -11.11 2.42 -6.38
CA PHE A 70 -12.49 2.27 -6.82
C PHE A 70 -12.74 0.85 -7.35
N PHE A 71 -11.89 0.44 -8.29
CA PHE A 71 -12.01 -0.88 -8.88
C PHE A 71 -11.91 -1.97 -7.81
N LEU A 72 -10.92 -1.81 -6.94
CA LEU A 72 -10.70 -2.76 -5.87
C LEU A 72 -11.96 -2.86 -5.01
N ALA A 73 -12.37 -1.71 -4.49
CA ALA A 73 -13.56 -1.64 -3.65
C ALA A 73 -14.72 -2.35 -4.35
N THR A 74 -14.97 -1.92 -5.58
CA THR A 74 -16.05 -2.50 -6.37
C THR A 74 -15.85 -4.01 -6.50
N ILE A 75 -14.59 -4.42 -6.48
CA ILE A 75 -14.25 -5.82 -6.59
C ILE A 75 -14.55 -6.53 -5.26
N MET A 76 -14.41 -5.76 -4.19
CA MET A 76 -14.65 -6.29 -2.85
C MET A 76 -16.12 -6.18 -2.48
N GLY A 77 -16.59 -4.94 -2.43
CA GLY A 77 -17.98 -4.67 -2.09
C GLY A 77 -18.07 -3.83 -0.81
N VAL A 78 -17.78 -2.54 -0.97
CA VAL A 78 -17.84 -1.63 0.16
C VAL A 78 -17.92 -0.19 -0.37
N ARG A 79 -19.05 0.45 -0.07
CA ARG A 79 -19.27 1.82 -0.50
C ARG A 79 -18.12 2.71 -0.03
N PHE A 80 -17.61 2.41 1.15
CA PHE A 80 -16.52 3.18 1.73
C PHE A 80 -16.16 2.67 3.12
N LYS A 81 -17.10 2.87 4.05
CA LYS A 81 -16.89 2.44 5.42
C LYS A 81 -18.21 2.54 6.18
N ARG A 82 -18.18 2.08 7.42
CA ARG A 82 -19.36 2.12 8.27
C ARG A 82 -19.15 1.27 9.53
N SER A 83 -18.77 0.03 9.30
CA SER A 83 -18.52 -0.89 10.41
C SER A 83 -17.21 -0.53 11.10
N LYS A 84 -16.72 -1.48 11.89
CA LYS A 84 -15.48 -1.27 12.62
C LYS A 84 -14.67 -2.57 12.61
N LYS A 85 -13.96 -2.80 13.71
CA LYS A 85 -13.15 -3.99 13.84
C LYS A 85 -12.43 -4.27 12.53
N ILE A 86 -11.25 -3.70 12.40
CA ILE A 86 -10.46 -3.87 11.19
C ILE A 86 -11.16 -3.20 10.01
N MET A 87 -11.99 -3.98 9.34
CA MET A 87 -12.73 -3.48 8.19
C MET A 87 -11.79 -3.13 7.05
N PRO A 88 -12.40 -2.93 5.84
CA PRO A 88 -11.63 -2.60 4.66
C PRO A 88 -11.18 -1.14 4.69
N ALA A 89 -11.87 -0.37 5.52
CA ALA A 89 -11.57 1.05 5.66
C ALA A 89 -10.05 1.23 5.69
N GLY A 90 -9.41 0.44 6.54
CA GLY A 90 -7.96 0.50 6.68
C GLY A 90 -7.28 0.68 5.32
N LEU A 91 -7.62 -0.22 4.41
CA LEU A 91 -7.05 -0.18 3.07
C LEU A 91 -7.14 1.25 2.52
N VAL A 92 -8.33 1.82 2.64
CA VAL A 92 -8.57 3.17 2.17
C VAL A 92 -7.57 4.12 2.85
N ALA A 93 -7.35 3.88 4.13
CA ALA A 93 -6.43 4.70 4.90
C ALA A 93 -5.02 4.54 4.33
N GLY A 94 -4.77 3.35 3.79
CA GLY A 94 -3.46 3.06 3.22
C GLY A 94 -3.28 3.79 1.88
N LEU A 95 -4.28 3.63 1.02
CA LEU A 95 -4.24 4.26 -0.29
C LEU A 95 -4.04 5.77 -0.12
N SER A 96 -4.71 6.31 0.89
CA SER A 96 -4.62 7.74 1.17
C SER A 96 -3.20 8.09 1.60
N LEU A 97 -2.73 7.40 2.64
CA LEU A 97 -1.39 7.63 3.15
C LEU A 97 -0.39 7.63 1.99
N MET A 98 -0.60 6.69 1.08
CA MET A 98 0.27 6.56 -0.08
C MET A 98 0.17 7.79 -0.98
N MET A 99 -1.07 8.21 -1.19
CA MET A 99 -1.32 9.36 -2.05
C MET A 99 -0.57 10.60 -1.53
N ILE A 100 -0.93 11.01 -0.32
CA ILE A 100 -0.31 12.18 0.29
C ILE A 100 1.21 12.02 0.23
N LEU A 101 1.68 10.83 0.60
CA LEU A 101 3.10 10.54 0.59
C LEU A 101 3.67 10.87 -0.79
N ARG A 102 2.89 10.55 -1.82
CA ARG A 102 3.29 10.80 -3.18
C ARG A 102 3.24 12.29 -3.48
N LEU A 103 2.33 12.97 -2.80
CA LEU A 103 2.17 14.41 -2.99
C LEU A 103 3.55 15.08 -2.99
N VAL A 104 4.37 14.67 -2.03
CA VAL A 104 5.71 15.21 -1.92
C VAL A 104 6.67 14.38 -2.77
N LEU A 105 6.53 13.07 -2.66
CA LEU A 105 7.38 12.17 -3.41
C LEU A 105 7.58 12.72 -4.83
N LEU A 106 6.57 13.44 -5.30
CA LEU A 106 6.61 14.03 -6.63
C LEU A 106 8.02 14.56 -6.88
N LEU A 107 8.64 15.08 -5.83
CA LEU A 107 9.98 15.63 -5.93
C LEU A 107 10.94 14.53 -6.39
N LEU A 108 10.92 13.42 -5.66
CA LEU A 108 11.79 12.30 -5.99
C LEU A 108 11.68 12.01 -7.49
N MET A 10 8.72 2.97 23.48
CA MET A 10 8.43 1.55 23.56
C MET A 10 9.66 0.77 24.01
N ASP A 11 9.48 0.04 25.10
CA ASP A 11 10.57 -0.76 25.65
C ASP A 11 11.75 0.15 26.00
N LEU A 12 12.59 -0.33 26.90
CA LEU A 12 13.75 0.42 27.33
C LEU A 12 15.02 -0.36 26.99
N ILE A 13 15.23 -0.54 25.69
CA ILE A 13 16.39 -1.28 25.23
C ILE A 13 17.00 -0.53 24.03
N GLY A 14 18.30 -0.71 23.87
CA GLY A 14 19.02 -0.07 22.78
C GLY A 14 18.20 -0.10 21.49
N PHE A 15 17.65 1.06 21.16
CA PHE A 15 16.83 1.18 19.95
C PHE A 15 17.70 1.09 18.70
N GLY A 16 18.74 1.92 18.68
CA GLY A 16 19.65 1.94 17.55
C GLY A 16 19.86 0.53 16.98
N TYR A 17 20.34 -0.35 17.84
CA TYR A 17 20.59 -1.73 17.45
C TYR A 17 19.40 -2.31 16.69
N ALA A 18 18.22 -2.11 17.27
CA ALA A 18 17.00 -2.62 16.66
C ALA A 18 16.88 -2.06 15.23
N ALA A 19 17.27 -0.80 15.09
CA ALA A 19 17.21 -0.14 13.80
C ALA A 19 18.26 -0.77 12.87
N LEU A 20 19.33 -1.24 13.47
CA LEU A 20 20.41 -1.86 12.71
C LEU A 20 19.89 -3.15 12.07
N VAL A 21 19.31 -4.00 12.91
CA VAL A 21 18.77 -5.27 12.44
C VAL A 21 17.72 -5.01 11.37
N THR A 22 16.69 -4.27 11.77
CA THR A 22 15.60 -3.94 10.85
C THR A 22 16.16 -3.56 9.49
N PHE A 23 17.04 -2.58 9.49
CA PHE A 23 17.66 -2.11 8.26
C PHE A 23 18.25 -3.28 7.47
N GLY A 24 19.03 -4.08 8.17
CA GLY A 24 19.67 -5.23 7.55
C GLY A 24 18.62 -6.24 7.04
N SER A 25 18.01 -6.93 7.99
CA SER A 25 16.99 -7.92 7.66
C SER A 25 16.13 -7.40 6.51
N ILE A 26 15.60 -6.20 6.70
CA ILE A 26 14.75 -5.58 5.69
C ILE A 26 15.45 -5.67 4.33
N PHE A 27 16.68 -5.19 4.30
CA PHE A 27 17.45 -5.20 3.07
C PHE A 27 17.55 -6.61 2.50
N GLY A 28 17.54 -7.59 3.40
CA GLY A 28 17.63 -8.98 2.99
C GLY A 28 16.27 -9.50 2.54
N TYR A 29 15.23 -8.87 3.05
CA TYR A 29 13.87 -9.25 2.70
C TYR A 29 13.68 -10.76 2.86
N LYS A 30 13.07 -11.13 3.98
CA LYS A 30 12.81 -12.53 4.27
C LYS A 30 11.31 -12.76 4.39
N ARG A 31 10.73 -13.31 3.34
CA ARG A 31 9.31 -13.58 3.32
C ARG A 31 8.52 -12.28 3.29
N ARG A 32 8.38 -11.73 2.08
CA ARG A 32 7.65 -10.49 1.90
C ARG A 32 6.35 -10.52 2.69
N GLY A 33 5.61 -11.61 2.52
CA GLY A 33 4.33 -11.78 3.20
C GLY A 33 3.57 -12.98 2.65
N GLY A 34 2.40 -12.69 2.11
CA GLY A 34 1.56 -13.74 1.54
C GLY A 34 0.57 -14.27 2.59
N VAL A 35 -0.60 -13.67 2.61
CA VAL A 35 -1.63 -14.06 3.55
C VAL A 35 -2.69 -12.96 3.64
N PRO A 36 -2.20 -11.71 3.90
CA PRO A 36 -3.09 -10.57 4.02
C PRO A 36 -3.59 -10.13 2.64
N SER A 37 -4.24 -8.97 2.63
CA SER A 37 -4.78 -8.43 1.39
C SER A 37 -4.00 -7.17 1.00
N LEU A 38 -3.63 -6.40 2.01
CA LEU A 38 -2.90 -5.17 1.80
C LEU A 38 -1.82 -5.41 0.73
N ILE A 39 -1.04 -6.45 0.94
CA ILE A 39 0.02 -6.80 0.01
C ILE A 39 -0.54 -6.80 -1.41
N ALA A 40 -1.64 -7.51 -1.58
CA ALA A 40 -2.29 -7.60 -2.88
C ALA A 40 -2.58 -6.20 -3.40
N GLY A 41 -2.97 -5.33 -2.47
CA GLY A 41 -3.28 -3.96 -2.83
C GLY A 41 -2.02 -3.20 -3.27
N LEU A 42 -0.90 -3.62 -2.71
CA LEU A 42 0.37 -3.00 -3.03
C LEU A 42 0.79 -3.40 -4.45
N PHE A 43 0.66 -4.69 -4.72
CA PHE A 43 1.02 -5.22 -6.03
C PHE A 43 0.18 -4.56 -7.13
N VAL A 44 -1.13 -4.58 -6.93
CA VAL A 44 -2.05 -3.99 -7.89
C VAL A 44 -1.75 -2.51 -8.03
N GLY A 45 -1.50 -1.88 -6.88
CA GLY A 45 -1.19 -0.46 -6.87
C GLY A 45 -0.03 -0.13 -7.80
N CYS A 46 1.02 -0.92 -7.68
CA CYS A 46 2.21 -0.72 -8.50
C CYS A 46 1.81 -0.90 -9.97
N LEU A 47 1.34 -2.10 -10.28
CA LEU A 47 0.92 -2.41 -11.63
C LEU A 47 0.21 -1.19 -12.24
N ALA A 48 -0.68 -0.62 -11.44
CA ALA A 48 -1.43 0.55 -11.88
C ALA A 48 -0.45 1.67 -12.25
N GLY A 49 0.24 2.17 -11.25
CA GLY A 49 1.20 3.24 -11.45
C GLY A 49 2.29 2.81 -12.45
N TYR A 50 3.19 1.98 -11.96
CA TYR A 50 4.28 1.49 -12.80
C TYR A 50 3.80 1.20 -14.23
N GLY A 51 2.78 0.37 -14.31
CA GLY A 51 2.21 0.00 -15.60
C GLY A 51 1.87 1.25 -16.42
N ALA A 52 1.09 2.12 -15.80
CA ALA A 52 0.69 3.36 -16.46
C ALA A 52 1.92 4.06 -17.02
N TYR A 53 3.03 3.87 -16.34
CA TYR A 53 4.28 4.48 -16.76
C TYR A 53 4.96 3.64 -17.83
N ARG A 54 4.78 2.33 -17.73
CA ARG A 54 5.37 1.41 -18.69
C ARG A 54 4.40 1.17 -19.85
N VAL A 55 3.38 0.37 -19.56
CA VAL A 55 2.38 0.04 -20.57
C VAL A 55 1.55 1.29 -20.89
N SER A 56 2.02 2.03 -21.89
CA SER A 56 1.35 3.25 -22.30
C SER A 56 1.67 4.38 -21.33
N ASN A 57 1.20 5.58 -21.68
CA ASN A 57 1.44 6.74 -20.86
C ASN A 57 0.11 7.19 -20.23
N ASP A 58 0.23 7.90 -19.12
CA ASP A 58 -0.93 8.39 -18.41
C ASP A 58 -0.49 9.26 -17.23
N LYS A 59 0.24 10.32 -17.56
CA LYS A 59 0.74 11.24 -16.54
C LYS A 59 1.77 10.51 -15.68
N ARG A 60 1.27 9.66 -14.80
CA ARG A 60 2.14 8.90 -13.91
C ARG A 60 1.31 7.96 -13.04
N ASP A 61 0.55 8.55 -12.13
CA ASP A 61 -0.29 7.77 -11.24
C ASP A 61 -0.96 8.71 -10.23
N VAL A 62 -2.21 9.04 -10.53
CA VAL A 62 -2.97 9.93 -9.67
C VAL A 62 -4.43 9.45 -9.61
N LYS A 63 -5.09 9.57 -10.76
CA LYS A 63 -6.49 9.16 -10.85
C LYS A 63 -6.56 7.63 -10.83
N VAL A 64 -5.66 7.01 -11.58
CA VAL A 64 -5.62 5.56 -11.65
C VAL A 64 -5.80 4.97 -10.25
N SER A 65 -5.00 5.47 -9.33
CA SER A 65 -5.07 5.01 -7.95
C SER A 65 -6.51 5.04 -7.46
N LEU A 66 -7.17 6.15 -7.71
CA LEU A 66 -8.56 6.31 -7.31
C LEU A 66 -9.40 5.19 -7.92
N PHE A 67 -9.06 4.85 -9.16
CA PHE A 67 -9.78 3.81 -9.86
C PHE A 67 -9.37 2.43 -9.34
N THR A 68 -8.21 2.38 -8.72
CA THR A 68 -7.70 1.12 -8.17
C THR A 68 -8.43 0.78 -6.87
N ALA A 69 -8.60 1.80 -6.03
CA ALA A 69 -9.28 1.63 -4.76
C ALA A 69 -10.78 1.52 -4.99
N PHE A 70 -11.24 2.24 -6.01
CA PHE A 70 -12.65 2.25 -6.35
C PHE A 70 -13.10 0.87 -6.85
N PHE A 71 -12.38 0.38 -7.85
CA PHE A 71 -12.68 -0.91 -8.44
C PHE A 71 -12.40 -2.05 -7.44
N LEU A 72 -11.20 -2.00 -6.88
CA LEU A 72 -10.79 -3.01 -5.91
C LEU A 72 -11.81 -3.07 -4.77
N ALA A 73 -12.01 -1.92 -4.14
CA ALA A 73 -12.95 -1.83 -3.04
C ALA A 73 -14.29 -2.41 -3.47
N THR A 74 -14.77 -1.93 -4.61
CA THR A 74 -16.04 -2.38 -5.15
C THR A 74 -16.04 -3.90 -5.31
N ILE A 75 -14.85 -4.43 -5.57
CA ILE A 75 -14.69 -5.86 -5.75
C ILE A 75 -14.73 -6.55 -4.38
N MET A 76 -14.27 -5.81 -3.37
CA MET A 76 -14.24 -6.35 -2.02
C MET A 76 -15.59 -6.13 -1.32
N GLY A 77 -15.99 -4.87 -1.24
CA GLY A 77 -17.24 -4.52 -0.61
C GLY A 77 -17.53 -3.02 -0.74
N VAL A 78 -18.81 -2.70 -0.86
CA VAL A 78 -19.23 -1.32 -1.00
C VAL A 78 -20.56 -1.11 -0.27
N ARG A 79 -20.55 -1.44 1.01
CA ARG A 79 -21.74 -1.31 1.83
C ARG A 79 -21.36 -1.15 3.30
N PHE A 80 -20.59 -2.10 3.78
CA PHE A 80 -20.14 -2.09 5.17
C PHE A 80 -18.80 -1.36 5.32
N LYS A 81 -18.89 -0.06 5.51
CA LYS A 81 -17.71 0.76 5.66
C LYS A 81 -17.44 1.00 7.15
N ARG A 82 -18.22 1.92 7.71
CA ARG A 82 -18.07 2.26 9.12
C ARG A 82 -18.43 1.05 9.99
N SER A 83 -17.47 0.64 10.81
CA SER A 83 -17.67 -0.50 11.69
C SER A 83 -16.47 -0.64 12.62
N LYS A 84 -16.62 -1.56 13.58
CA LYS A 84 -15.56 -1.80 14.55
C LYS A 84 -14.68 -2.96 14.05
N LYS A 85 -14.36 -2.91 12.76
CA LYS A 85 -13.53 -3.94 12.17
C LYS A 85 -12.50 -3.27 11.24
N ILE A 86 -11.44 -4.02 10.97
CA ILE A 86 -10.38 -3.53 10.10
C ILE A 86 -10.48 -4.22 8.74
N MET A 87 -10.59 -3.41 7.71
CA MET A 87 -10.69 -3.93 6.36
C MET A 87 -11.18 -2.85 5.39
N PRO A 88 -12.33 -2.22 5.76
CA PRO A 88 -12.91 -1.17 4.94
C PRO A 88 -12.11 0.12 5.06
N ALA A 89 -11.97 0.58 6.30
CA ALA A 89 -11.25 1.80 6.57
C ALA A 89 -9.81 1.66 6.04
N GLY A 90 -9.19 0.55 6.39
CA GLY A 90 -7.83 0.28 5.97
C GLY A 90 -7.61 0.70 4.51
N LEU A 91 -8.51 0.25 3.65
CA LEU A 91 -8.43 0.58 2.24
C LEU A 91 -8.23 2.09 2.08
N VAL A 92 -9.09 2.83 2.77
CA VAL A 92 -9.03 4.29 2.71
C VAL A 92 -7.64 4.74 3.16
N ALA A 93 -7.10 4.04 4.14
CA ALA A 93 -5.80 4.36 4.68
C ALA A 93 -4.73 4.11 3.61
N GLY A 94 -5.03 3.14 2.74
CA GLY A 94 -4.12 2.79 1.67
C GLY A 94 -4.12 3.87 0.58
N LEU A 95 -5.31 4.24 0.15
CA LEU A 95 -5.46 5.24 -0.88
C LEU A 95 -4.76 6.53 -0.43
N SER A 96 -5.04 6.91 0.81
CA SER A 96 -4.45 8.11 1.38
C SER A 96 -2.92 8.01 1.37
N LEU A 97 -2.43 6.95 2.01
CA LEU A 97 -1.01 6.71 2.09
C LEU A 97 -0.37 6.98 0.73
N MET A 98 -0.98 6.41 -0.30
CA MET A 98 -0.50 6.59 -1.66
C MET A 98 -0.54 8.06 -2.07
N MET A 99 -1.66 8.70 -1.77
CA MET A 99 -1.83 10.10 -2.11
C MET A 99 -0.66 10.94 -1.60
N ILE A 100 -0.47 10.91 -0.30
CA ILE A 100 0.61 11.66 0.32
C ILE A 100 1.93 11.29 -0.35
N LEU A 101 2.14 9.99 -0.51
CA LEU A 101 3.35 9.49 -1.12
C LEU A 101 3.51 10.12 -2.51
N ARG A 102 2.37 10.39 -3.13
CA ARG A 102 2.36 10.99 -4.45
C ARG A 102 2.66 12.50 -4.35
N LEU A 103 2.25 13.07 -3.22
CA LEU A 103 2.46 14.48 -2.99
C LEU A 103 3.96 14.79 -3.05
N VAL A 104 4.69 14.21 -2.12
CA VAL A 104 6.13 14.41 -2.06
C VAL A 104 6.74 14.06 -3.41
N LEU A 105 6.19 13.04 -4.03
CA LEU A 105 6.67 12.59 -5.33
C LEU A 105 6.95 13.81 -6.21
N LEU A 106 5.97 14.71 -6.23
CA LEU A 106 6.09 15.92 -7.03
C LEU A 106 7.52 16.46 -6.92
N LEU A 107 8.08 16.31 -5.73
CA LEU A 107 9.43 16.78 -5.49
C LEU A 107 10.42 15.90 -6.25
N LEU A 108 10.28 14.60 -6.06
CA LEU A 108 11.14 13.63 -6.72
C LEU A 108 11.19 13.95 -8.22
N MET A 10 14.94 13.70 20.31
CA MET A 10 15.33 12.41 19.79
C MET A 10 16.48 12.54 18.79
N ASP A 11 17.69 12.26 19.30
CA ASP A 11 18.87 12.34 18.48
C ASP A 11 19.84 11.21 18.86
N LEU A 12 20.12 10.35 17.90
CA LEU A 12 21.02 9.24 18.12
C LEU A 12 21.31 8.54 16.79
N ILE A 13 22.57 8.56 16.41
CA ILE A 13 22.99 7.94 15.16
C ILE A 13 23.87 6.73 15.47
N GLY A 14 23.91 5.80 14.53
CA GLY A 14 24.71 4.60 14.69
C GLY A 14 24.63 3.72 13.44
N PHE A 15 25.80 3.32 12.97
CA PHE A 15 25.87 2.47 11.78
C PHE A 15 25.41 1.06 12.09
N GLY A 16 26.04 0.47 13.10
CA GLY A 16 25.70 -0.89 13.50
C GLY A 16 24.20 -1.14 13.39
N TYR A 17 23.43 -0.30 14.08
CA TYR A 17 21.99 -0.42 14.05
C TYR A 17 21.47 -0.56 12.62
N ALA A 18 21.93 0.33 11.76
CA ALA A 18 21.53 0.31 10.36
C ALA A 18 21.85 -1.06 9.76
N ALA A 19 22.97 -1.61 10.19
CA ALA A 19 23.40 -2.92 9.71
C ALA A 19 22.46 -3.99 10.25
N LEU A 20 21.91 -3.72 11.43
CA LEU A 20 21.00 -4.65 12.06
C LEU A 20 19.66 -4.63 11.31
N VAL A 21 19.03 -3.48 11.32
CA VAL A 21 17.74 -3.33 10.64
C VAL A 21 17.85 -3.89 9.23
N THR A 22 18.96 -3.56 8.57
CA THR A 22 19.19 -4.03 7.22
C THR A 22 19.23 -5.56 7.18
N PHE A 23 20.24 -6.11 7.84
CA PHE A 23 20.39 -7.56 7.89
C PHE A 23 19.04 -8.26 8.09
N GLY A 24 18.22 -7.63 8.92
CA GLY A 24 16.90 -8.17 9.20
C GLY A 24 16.01 -8.12 7.97
N SER A 25 15.71 -6.90 7.54
CA SER A 25 14.86 -6.70 6.38
C SER A 25 15.20 -7.72 5.30
N ILE A 26 16.45 -7.66 4.84
CA ILE A 26 16.92 -8.58 3.81
C ILE A 26 16.55 -10.01 4.21
N PHE A 27 16.81 -10.33 5.47
CA PHE A 27 16.51 -11.66 5.98
C PHE A 27 15.06 -12.04 5.68
N GLY A 28 14.18 -11.07 5.82
CA GLY A 28 12.76 -11.30 5.57
C GLY A 28 12.46 -11.25 4.07
N TYR A 29 13.35 -10.59 3.35
CA TYR A 29 13.18 -10.45 1.91
C TYR A 29 13.55 -11.75 1.19
N LYS A 30 12.75 -12.77 1.44
CA LYS A 30 12.98 -14.08 0.84
C LYS A 30 11.64 -14.67 0.37
N ARG A 31 10.69 -14.69 1.29
CA ARG A 31 9.38 -15.21 0.99
C ARG A 31 8.37 -14.07 0.84
N ARG A 32 8.19 -13.33 1.93
CA ARG A 32 7.26 -12.22 1.94
C ARG A 32 5.82 -12.73 1.94
N GLY A 33 5.16 -12.57 3.09
CA GLY A 33 3.79 -13.01 3.23
C GLY A 33 3.28 -12.75 4.65
N GLY A 34 2.48 -11.71 4.79
CA GLY A 34 1.93 -11.35 6.08
C GLY A 34 0.40 -11.27 6.02
N VAL A 35 -0.12 -10.24 6.66
CA VAL A 35 -1.57 -10.04 6.69
C VAL A 35 -2.10 -10.01 5.25
N PRO A 36 -3.30 -10.64 5.07
CA PRO A 36 -3.93 -10.69 3.76
C PRO A 36 -4.53 -9.33 3.39
N SER A 37 -3.70 -8.49 2.81
CA SER A 37 -4.14 -7.16 2.41
C SER A 37 -2.97 -6.39 1.78
N LEU A 38 -1.96 -6.16 2.60
CA LEU A 38 -0.78 -5.44 2.14
C LEU A 38 -0.40 -5.92 0.74
N ILE A 39 -0.29 -7.24 0.61
CA ILE A 39 0.07 -7.83 -0.66
C ILE A 39 -0.82 -7.25 -1.76
N ALA A 40 -2.13 -7.28 -1.50
CA ALA A 40 -3.09 -6.75 -2.45
C ALA A 40 -2.73 -5.31 -2.81
N GLY A 41 -2.25 -4.59 -1.80
CA GLY A 41 -1.87 -3.20 -2.00
C GLY A 41 -0.60 -3.10 -2.85
N LEU A 42 0.23 -4.13 -2.75
CA LEU A 42 1.47 -4.17 -3.50
C LEU A 42 1.16 -4.37 -4.98
N PHE A 43 0.56 -5.52 -5.27
CA PHE A 43 0.20 -5.85 -6.64
C PHE A 43 -0.61 -4.72 -7.28
N VAL A 44 -1.58 -4.23 -6.54
CA VAL A 44 -2.43 -3.16 -7.02
C VAL A 44 -1.58 -1.89 -7.20
N GLY A 45 -1.24 -1.28 -6.08
CA GLY A 45 -0.44 -0.07 -6.10
C GLY A 45 0.64 -0.14 -7.19
N CYS A 46 1.16 -1.34 -7.39
CA CYS A 46 2.19 -1.55 -8.39
C CYS A 46 1.59 -1.25 -9.76
N LEU A 47 0.66 -2.11 -10.18
CA LEU A 47 0.01 -1.95 -11.47
C LEU A 47 -0.29 -0.47 -11.69
N ALA A 48 -0.64 0.21 -10.61
CA ALA A 48 -0.95 1.62 -10.67
C ALA A 48 0.28 2.39 -11.18
N GLY A 49 1.31 2.40 -10.36
CA GLY A 49 2.54 3.09 -10.70
C GLY A 49 3.16 2.50 -11.97
N TYR A 50 3.62 1.27 -11.84
CA TYR A 50 4.23 0.58 -12.97
C TYR A 50 3.44 0.83 -14.26
N GLY A 51 2.17 0.49 -14.21
CA GLY A 51 1.30 0.66 -15.35
C GLY A 51 1.43 2.08 -15.93
N ALA A 52 1.24 3.05 -15.06
CA ALA A 52 1.33 4.45 -15.47
C ALA A 52 2.68 4.68 -16.16
N TYR A 53 3.68 3.94 -15.71
CA TYR A 53 5.01 4.05 -16.27
C TYR A 53 5.10 3.34 -17.62
N ARG A 54 4.30 2.29 -17.75
CA ARG A 54 4.28 1.51 -18.99
C ARG A 54 3.78 2.38 -20.15
N VAL A 55 2.88 3.28 -19.82
CA VAL A 55 2.31 4.17 -20.82
C VAL A 55 1.86 3.36 -22.03
N SER A 56 0.71 2.73 -21.89
CA SER A 56 0.16 1.91 -22.96
C SER A 56 -1.36 2.12 -23.06
N ASN A 57 -2.03 1.79 -21.96
CA ASN A 57 -3.47 1.93 -21.91
C ASN A 57 -3.83 3.33 -21.39
N ASP A 58 -3.34 3.62 -20.20
CA ASP A 58 -3.59 4.91 -19.57
C ASP A 58 -2.26 5.61 -19.33
N LYS A 59 -2.34 6.94 -19.25
CA LYS A 59 -1.15 7.75 -19.02
C LYS A 59 -1.49 8.89 -18.06
N ARG A 60 -1.94 8.51 -16.88
CA ARG A 60 -2.30 9.49 -15.86
C ARG A 60 -2.09 8.91 -14.46
N ASP A 61 -0.84 8.98 -14.01
CA ASP A 61 -0.49 8.46 -12.70
C ASP A 61 -1.43 9.07 -11.65
N VAL A 62 -1.44 8.46 -10.49
CA VAL A 62 -2.29 8.94 -9.40
C VAL A 62 -3.75 8.57 -9.69
N LYS A 63 -4.30 9.26 -10.68
CA LYS A 63 -5.68 9.02 -11.07
C LYS A 63 -5.93 7.52 -11.16
N VAL A 64 -5.02 6.84 -11.84
CA VAL A 64 -5.13 5.40 -12.00
C VAL A 64 -5.59 4.77 -10.69
N SER A 65 -4.80 5.01 -9.65
CA SER A 65 -5.11 4.48 -8.33
C SER A 65 -6.58 4.75 -8.00
N LEU A 66 -7.00 5.98 -8.23
CA LEU A 66 -8.37 6.37 -7.97
C LEU A 66 -9.32 5.40 -8.68
N PHE A 67 -8.97 5.07 -9.92
CA PHE A 67 -9.78 4.16 -10.71
C PHE A 67 -9.69 2.73 -10.17
N THR A 68 -8.57 2.46 -9.51
CA THR A 68 -8.34 1.14 -8.94
C THR A 68 -9.21 0.94 -7.68
N ALA A 69 -9.28 1.99 -6.89
CA ALA A 69 -10.05 1.95 -5.65
C ALA A 69 -11.54 1.93 -6.01
N PHE A 70 -11.89 2.71 -7.02
CA PHE A 70 -13.28 2.79 -7.46
C PHE A 70 -13.76 1.43 -7.97
N PHE A 71 -13.01 0.88 -8.90
CA PHE A 71 -13.35 -0.41 -9.47
C PHE A 71 -13.26 -1.53 -8.43
N LEU A 72 -12.04 -1.75 -7.96
CA LEU A 72 -11.81 -2.78 -6.96
C LEU A 72 -12.92 -2.73 -5.91
N ALA A 73 -13.09 -1.55 -5.32
CA ALA A 73 -14.11 -1.36 -4.31
C ALA A 73 -15.45 -1.86 -4.85
N THR A 74 -15.78 -1.39 -6.05
CA THR A 74 -17.03 -1.79 -6.68
C THR A 74 -17.14 -3.31 -6.77
N ILE A 75 -15.98 -3.95 -6.88
CA ILE A 75 -15.93 -5.40 -6.95
C ILE A 75 -16.10 -6.00 -5.56
N MET A 76 -15.64 -5.24 -4.57
CA MET A 76 -15.74 -5.68 -3.19
C MET A 76 -17.13 -5.42 -2.62
N GLY A 77 -17.50 -4.14 -2.62
CA GLY A 77 -18.80 -3.74 -2.11
C GLY A 77 -19.32 -2.50 -2.84
N VAL A 78 -19.80 -1.55 -2.05
CA VAL A 78 -20.32 -0.31 -2.59
C VAL A 78 -19.80 0.88 -1.78
N ARG A 79 -19.95 0.75 -0.47
CA ARG A 79 -19.50 1.80 0.43
C ARG A 79 -18.20 1.38 1.12
N PHE A 80 -17.33 0.74 0.35
CA PHE A 80 -16.05 0.28 0.86
C PHE A 80 -16.23 -0.43 2.20
N LYS A 81 -17.30 -1.21 2.28
CA LYS A 81 -17.59 -1.96 3.49
C LYS A 81 -17.84 -0.98 4.64
N ARG A 82 -17.98 -1.53 5.83
CA ARG A 82 -18.23 -0.72 7.02
C ARG A 82 -18.45 -1.61 8.24
N SER A 83 -17.64 -1.38 9.27
CA SER A 83 -17.74 -2.16 10.48
C SER A 83 -16.62 -1.75 11.46
N LYS A 84 -16.55 -2.47 12.56
CA LYS A 84 -15.55 -2.19 13.57
C LYS A 84 -14.17 -2.56 13.02
N LYS A 85 -13.19 -2.57 13.91
CA LYS A 85 -11.83 -2.90 13.53
C LYS A 85 -11.37 -1.95 12.42
N ILE A 86 -10.13 -2.14 11.99
CA ILE A 86 -9.57 -1.31 10.93
C ILE A 86 -9.16 -2.20 9.76
N MET A 87 -9.86 -3.31 9.63
CA MET A 87 -9.58 -4.25 8.55
C MET A 87 -10.09 -3.71 7.21
N PRO A 88 -11.38 -3.29 7.20
CA PRO A 88 -12.00 -2.76 6.00
C PRO A 88 -11.50 -1.34 5.72
N ALA A 89 -11.53 -0.52 6.76
CA ALA A 89 -11.10 0.86 6.65
C ALA A 89 -9.59 0.89 6.37
N GLY A 90 -8.88 0.02 7.07
CA GLY A 90 -7.43 -0.06 6.92
C GLY A 90 -7.03 0.08 5.45
N LEU A 91 -7.66 -0.73 4.60
CA LEU A 91 -7.38 -0.70 3.18
C LEU A 91 -7.41 0.75 2.69
N VAL A 92 -8.48 1.44 3.04
CA VAL A 92 -8.65 2.83 2.65
C VAL A 92 -7.46 3.64 3.15
N ALA A 93 -7.01 3.29 4.35
CA ALA A 93 -5.88 3.98 4.95
C ALA A 93 -4.63 3.72 4.11
N GLY A 94 -4.60 2.55 3.49
CA GLY A 94 -3.46 2.17 2.67
C GLY A 94 -3.42 3.00 1.38
N LEU A 95 -4.53 2.94 0.65
CA LEU A 95 -4.63 3.68 -0.60
C LEU A 95 -4.27 5.14 -0.35
N SER A 96 -4.82 5.68 0.73
CA SER A 96 -4.57 7.07 1.08
C SER A 96 -3.06 7.30 1.25
N LEU A 97 -2.47 6.51 2.13
CA LEU A 97 -1.05 6.61 2.40
C LEU A 97 -0.29 6.68 1.06
N MET A 98 -0.72 5.84 0.13
CA MET A 98 -0.10 5.80 -1.18
C MET A 98 -0.30 7.12 -1.93
N MET A 99 -1.55 7.57 -1.94
CA MET A 99 -1.89 8.81 -2.62
C MET A 99 -0.99 9.96 -2.15
N ILE A 100 -1.14 10.30 -0.87
CA ILE A 100 -0.34 11.37 -0.29
C ILE A 100 1.13 11.15 -0.63
N LEU A 101 1.57 9.92 -0.43
CA LEU A 101 2.95 9.57 -0.71
C LEU A 101 3.31 10.00 -2.14
N ARG A 102 2.35 9.80 -3.04
CA ARG A 102 2.56 10.16 -4.43
C ARG A 102 2.53 11.68 -4.60
N LEU A 103 1.78 12.33 -3.72
CA LEU A 103 1.66 13.77 -3.75
C LEU A 103 3.06 14.39 -3.88
N VAL A 104 3.97 13.89 -3.07
CA VAL A 104 5.34 14.38 -3.09
C VAL A 104 6.09 13.73 -4.24
N LEU A 105 5.85 12.44 -4.41
CA LEU A 105 6.50 11.68 -5.47
C LEU A 105 6.44 12.49 -6.77
N LEU A 106 5.38 13.27 -6.90
CA LEU A 106 5.19 14.09 -8.09
C LEU A 106 6.50 14.82 -8.40
N LEU A 107 7.17 15.25 -7.34
CA LEU A 107 8.42 15.96 -7.49
C LEU A 107 9.50 15.00 -8.00
N LEU A 108 9.43 13.77 -7.50
CA LEU A 108 10.38 12.75 -7.91
C LEU A 108 10.17 12.39 -9.38
N MET A 10 6.49 0.86 25.55
CA MET A 10 6.87 -0.24 26.41
C MET A 10 8.20 -0.86 25.95
N ASP A 11 8.81 -1.63 26.83
CA ASP A 11 10.07 -2.29 26.53
C ASP A 11 11.07 -1.24 26.05
N LEU A 12 11.84 -0.72 27.01
CA LEU A 12 12.83 0.28 26.70
C LEU A 12 14.22 -0.26 27.06
N ILE A 13 14.87 -0.84 26.06
CA ILE A 13 16.19 -1.39 26.25
C ILE A 13 16.91 -1.48 24.91
N GLY A 14 17.81 -0.52 24.70
CA GLY A 14 18.57 -0.46 23.47
C GLY A 14 17.64 -0.47 22.25
N PHE A 15 16.88 0.60 22.13
CA PHE A 15 15.95 0.74 21.01
C PHE A 15 16.69 0.81 19.68
N GLY A 16 17.57 1.78 19.59
CA GLY A 16 18.36 1.97 18.37
C GLY A 16 18.74 0.62 17.76
N TYR A 17 19.40 -0.20 18.57
CA TYR A 17 19.82 -1.51 18.11
C TYR A 17 18.67 -2.26 17.42
N ALA A 18 17.53 -2.28 18.10
CA ALA A 18 16.36 -2.94 17.57
C ALA A 18 16.02 -2.36 16.20
N ALA A 19 16.23 -1.05 16.08
CA ALA A 19 15.95 -0.36 14.84
C ALA A 19 16.97 -0.80 13.79
N LEU A 20 18.16 -1.14 14.25
CA LEU A 20 19.22 -1.57 13.37
C LEU A 20 18.88 -2.94 12.79
N VAL A 21 18.49 -3.85 13.68
CA VAL A 21 18.13 -5.19 13.27
C VAL A 21 16.97 -5.13 12.28
N THR A 22 15.94 -4.36 12.66
CA THR A 22 14.77 -4.21 11.82
C THR A 22 15.18 -3.75 10.42
N PHE A 23 15.86 -2.62 10.38
CA PHE A 23 16.32 -2.07 9.11
C PHE A 23 17.04 -3.12 8.28
N GLY A 24 18.10 -3.66 8.87
CA GLY A 24 18.89 -4.68 8.19
C GLY A 24 18.01 -5.84 7.71
N SER A 25 17.47 -6.56 8.69
CA SER A 25 16.60 -7.69 8.38
C SER A 25 15.68 -7.35 7.21
N ILE A 26 14.90 -6.30 7.41
CA ILE A 26 13.97 -5.85 6.38
C ILE A 26 14.70 -5.78 5.04
N PHE A 27 15.88 -5.17 5.08
CA PHE A 27 16.68 -5.02 3.87
C PHE A 27 16.93 -6.38 3.21
N GLY A 28 17.17 -7.38 4.06
CA GLY A 28 17.41 -8.72 3.57
C GLY A 28 16.10 -9.42 3.18
N TYR A 29 15.01 -8.90 3.72
CA TYR A 29 13.70 -9.46 3.44
C TYR A 29 13.76 -10.99 3.40
N LYS A 30 13.52 -11.58 4.56
CA LYS A 30 13.54 -13.03 4.67
C LYS A 30 12.17 -13.52 5.16
N ARG A 31 11.36 -13.94 4.20
CA ARG A 31 10.03 -14.44 4.52
C ARG A 31 9.15 -13.30 5.03
N ARG A 32 8.26 -12.83 4.16
CA ARG A 32 7.37 -11.75 4.51
C ARG A 32 6.09 -11.83 3.69
N GLY A 33 4.97 -11.59 4.35
CA GLY A 33 3.68 -11.63 3.68
C GLY A 33 2.63 -12.36 4.54
N GLY A 34 1.39 -12.22 4.14
CA GLY A 34 0.30 -12.86 4.86
C GLY A 34 -1.06 -12.41 4.31
N VAL A 35 -1.51 -11.27 4.80
CA VAL A 35 -2.79 -10.73 4.36
C VAL A 35 -2.95 -10.96 2.86
N PRO A 36 -3.74 -12.03 2.53
CA PRO A 36 -3.99 -12.37 1.14
C PRO A 36 -4.98 -11.41 0.50
N SER A 37 -4.52 -10.18 0.30
CA SER A 37 -5.36 -9.16 -0.30
C SER A 37 -4.55 -7.87 -0.51
N LEU A 38 -4.18 -7.26 0.61
CA LEU A 38 -3.40 -6.03 0.56
C LEU A 38 -2.32 -6.15 -0.51
N ILE A 39 -1.57 -7.24 -0.43
CA ILE A 39 -0.50 -7.49 -1.39
C ILE A 39 -1.05 -7.33 -2.80
N ALA A 40 -2.17 -7.98 -3.05
CA ALA A 40 -2.80 -7.92 -4.36
C ALA A 40 -3.05 -6.45 -4.74
N GLY A 41 -3.39 -5.66 -3.72
CA GLY A 41 -3.66 -4.25 -3.92
C GLY A 41 -2.37 -3.49 -4.23
N LEU A 42 -1.27 -4.00 -3.68
CA LEU A 42 0.02 -3.38 -3.87
C LEU A 42 0.55 -3.75 -5.26
N PHE A 43 0.23 -4.96 -5.67
CA PHE A 43 0.67 -5.45 -6.97
C PHE A 43 -0.05 -4.72 -8.10
N VAL A 44 -1.37 -4.59 -7.95
CA VAL A 44 -2.17 -3.91 -8.94
C VAL A 44 -1.84 -2.41 -8.93
N GLY A 45 -1.79 -1.85 -7.73
CA GLY A 45 -1.48 -0.45 -7.58
C GLY A 45 -0.15 -0.10 -8.25
N CYS A 46 0.86 -0.89 -7.93
CA CYS A 46 2.18 -0.68 -8.49
C CYS A 46 2.10 -0.87 -10.01
N LEU A 47 1.66 -2.06 -10.39
CA LEU A 47 1.53 -2.38 -11.80
C LEU A 47 0.95 -1.18 -12.54
N ALA A 48 -0.10 -0.61 -11.96
CA ALA A 48 -0.75 0.54 -12.55
C ALA A 48 0.26 1.69 -12.68
N GLY A 49 0.70 2.16 -11.52
CA GLY A 49 1.66 3.25 -11.49
C GLY A 49 2.89 2.92 -12.34
N TYR A 50 3.76 2.08 -11.78
CA TYR A 50 4.96 1.69 -12.48
C TYR A 50 4.68 1.41 -13.96
N GLY A 51 3.70 0.55 -14.20
CA GLY A 51 3.33 0.19 -15.55
C GLY A 51 3.18 1.44 -16.43
N ALA A 52 2.22 2.28 -16.03
CA ALA A 52 1.97 3.50 -16.77
C ALA A 52 3.27 4.29 -16.92
N TYR A 53 4.17 4.08 -15.97
CA TYR A 53 5.46 4.76 -15.99
C TYR A 53 6.33 4.22 -17.12
N ARG A 54 6.25 2.91 -17.33
CA ARG A 54 7.03 2.27 -18.38
C ARG A 54 6.24 2.26 -19.69
N VAL A 55 4.94 2.07 -19.56
CA VAL A 55 4.07 2.04 -20.72
C VAL A 55 3.05 3.17 -20.63
N SER A 56 1.86 2.89 -21.14
CA SER A 56 0.79 3.87 -21.11
C SER A 56 -0.50 3.24 -21.66
N ASN A 57 -0.39 2.67 -22.85
CA ASN A 57 -1.54 2.04 -23.48
C ASN A 57 -2.64 3.08 -23.69
N ASP A 58 -3.43 3.29 -22.65
CA ASP A 58 -4.51 4.25 -22.70
C ASP A 58 -5.08 4.46 -21.30
N LYS A 59 -4.34 5.22 -20.51
CA LYS A 59 -4.74 5.51 -19.14
C LYS A 59 -3.78 6.53 -18.53
N ARG A 60 -4.22 7.12 -17.43
CA ARG A 60 -3.40 8.10 -16.74
C ARG A 60 -2.61 7.44 -15.62
N ASP A 61 -1.86 8.27 -14.90
CA ASP A 61 -1.06 7.78 -13.79
C ASP A 61 -1.36 8.60 -12.54
N VAL A 62 -2.64 8.72 -12.24
CA VAL A 62 -3.07 9.48 -11.07
C VAL A 62 -4.42 8.94 -10.60
N LYS A 63 -5.44 9.16 -11.43
CA LYS A 63 -6.77 8.71 -11.11
C LYS A 63 -6.78 7.19 -10.97
N VAL A 64 -5.95 6.55 -11.77
CA VAL A 64 -5.83 5.10 -11.74
C VAL A 64 -5.89 4.62 -10.29
N SER A 65 -5.06 5.24 -9.46
CA SER A 65 -5.00 4.89 -8.05
C SER A 65 -6.41 4.85 -7.46
N LEU A 66 -7.14 5.94 -7.68
CA LEU A 66 -8.50 6.04 -7.18
C LEU A 66 -9.32 4.87 -7.71
N PHE A 67 -9.00 4.46 -8.92
CA PHE A 67 -9.70 3.35 -9.55
C PHE A 67 -9.32 2.01 -8.90
N THR A 68 -8.10 1.97 -8.37
CA THR A 68 -7.61 0.77 -7.71
C THR A 68 -8.29 0.59 -6.36
N ALA A 69 -8.26 1.64 -5.57
CA ALA A 69 -8.88 1.61 -4.25
C ALA A 69 -10.36 1.32 -4.40
N PHE A 70 -10.99 2.06 -5.30
CA PHE A 70 -12.41 1.90 -5.55
C PHE A 70 -12.74 0.45 -5.91
N PHE A 71 -12.02 -0.06 -6.89
CA PHE A 71 -12.23 -1.43 -7.34
C PHE A 71 -11.90 -2.43 -6.23
N LEU A 72 -10.96 -2.04 -5.39
CA LEU A 72 -10.53 -2.89 -4.29
C LEU A 72 -11.72 -3.11 -3.34
N ALA A 73 -12.12 -2.02 -2.69
CA ALA A 73 -13.24 -2.09 -1.76
C ALA A 73 -14.42 -2.80 -2.43
N THR A 74 -14.73 -2.34 -3.64
CA THR A 74 -15.83 -2.92 -4.39
C THR A 74 -15.66 -4.44 -4.49
N ILE A 75 -14.42 -4.86 -4.64
CA ILE A 75 -14.11 -6.27 -4.75
C ILE A 75 -14.26 -6.93 -3.38
N MET A 76 -13.99 -6.14 -2.35
CA MET A 76 -14.09 -6.63 -0.99
C MET A 76 -15.55 -6.71 -0.54
N GLY A 77 -16.16 -5.54 -0.41
CA GLY A 77 -17.55 -5.47 0.01
C GLY A 77 -18.34 -4.49 -0.86
N VAL A 78 -18.72 -3.38 -0.24
CA VAL A 78 -19.49 -2.36 -0.95
C VAL A 78 -18.91 -0.98 -0.60
N ARG A 79 -19.38 0.01 -1.34
CA ARG A 79 -18.93 1.38 -1.12
C ARG A 79 -19.20 1.81 0.33
N PHE A 80 -20.47 1.72 0.71
CA PHE A 80 -20.87 2.10 2.06
C PHE A 80 -19.81 1.66 3.07
N LYS A 81 -19.55 2.56 4.02
CA LYS A 81 -18.57 2.28 5.05
C LYS A 81 -18.89 3.13 6.29
N ARG A 82 -18.92 2.47 7.43
CA ARG A 82 -19.22 3.16 8.68
C ARG A 82 -19.27 2.15 9.83
N SER A 83 -18.17 2.10 10.58
CA SER A 83 -18.08 1.19 11.71
C SER A 83 -16.74 1.38 12.42
N LYS A 84 -16.59 0.65 13.53
CA LYS A 84 -15.36 0.73 14.31
C LYS A 84 -14.74 -0.66 14.41
N LYS A 85 -13.43 -0.70 14.22
CA LYS A 85 -12.70 -1.96 14.29
C LYS A 85 -13.08 -2.81 13.09
N ILE A 86 -14.33 -3.25 13.09
CA ILE A 86 -14.83 -4.08 12.00
C ILE A 86 -15.16 -3.20 10.80
N MET A 87 -14.11 -2.78 10.11
CA MET A 87 -14.27 -1.93 8.94
C MET A 87 -12.95 -1.79 8.17
N PRO A 88 -13.07 -1.81 6.81
CA PRO A 88 -11.90 -1.70 5.96
C PRO A 88 -11.39 -0.25 5.93
N ALA A 89 -11.14 0.27 7.12
CA ALA A 89 -10.65 1.64 7.24
C ALA A 89 -9.21 1.70 6.74
N GLY A 90 -8.37 0.84 7.31
CA GLY A 90 -6.97 0.79 6.93
C GLY A 90 -6.81 0.99 5.42
N LEU A 91 -7.57 0.21 4.67
CA LEU A 91 -7.52 0.28 3.22
C LEU A 91 -7.52 1.76 2.79
N VAL A 92 -8.53 2.47 3.26
CA VAL A 92 -8.67 3.89 2.94
C VAL A 92 -7.40 4.63 3.37
N ALA A 93 -6.88 4.23 4.53
CA ALA A 93 -5.68 4.84 5.06
C ALA A 93 -4.52 4.59 4.10
N GLY A 94 -4.60 3.47 3.41
CA GLY A 94 -3.56 3.10 2.45
C GLY A 94 -3.62 3.99 1.21
N LEU A 95 -4.78 3.97 0.58
CA LEU A 95 -4.99 4.77 -0.63
C LEU A 95 -4.53 6.20 -0.38
N SER A 96 -4.95 6.73 0.76
CA SER A 96 -4.58 8.08 1.14
C SER A 96 -3.06 8.22 1.22
N LEU A 97 -2.48 7.43 2.11
CA LEU A 97 -1.04 7.45 2.28
C LEU A 97 -0.35 7.48 0.92
N MET A 98 -0.92 6.73 -0.01
CA MET A 98 -0.38 6.66 -1.36
C MET A 98 -0.44 8.03 -2.05
N MET A 99 -1.63 8.61 -2.02
CA MET A 99 -1.84 9.91 -2.63
C MET A 99 -0.83 10.94 -2.09
N ILE A 100 -0.80 11.06 -0.78
CA ILE A 100 0.11 11.99 -0.13
C ILE A 100 1.52 11.77 -0.67
N LEU A 101 1.99 10.54 -0.54
CA LEU A 101 3.32 10.19 -1.01
C LEU A 101 3.46 10.58 -2.48
N ARG A 102 2.33 10.55 -3.18
CA ARG A 102 2.32 10.91 -4.58
C ARG A 102 2.53 12.41 -4.76
N LEU A 103 1.97 13.17 -3.82
CA LEU A 103 2.09 14.62 -3.85
C LEU A 103 3.57 15.00 -3.98
N VAL A 104 4.29 14.76 -2.89
CA VAL A 104 5.71 15.08 -2.85
C VAL A 104 6.40 14.43 -4.07
N LEU A 105 6.10 13.16 -4.26
CA LEU A 105 6.68 12.41 -5.36
C LEU A 105 6.72 13.29 -6.60
N LEU A 106 5.70 14.13 -6.73
CA LEU A 106 5.61 15.05 -7.87
C LEU A 106 6.95 15.76 -8.04
N LEU A 107 7.45 16.30 -6.93
CA LEU A 107 8.71 17.02 -6.95
C LEU A 107 9.81 16.10 -7.49
N LEU A 108 9.85 14.90 -6.93
CA LEU A 108 10.85 13.92 -7.34
C LEU A 108 10.92 13.89 -8.86
N MET A 10 5.36 -12.42 30.26
CA MET A 10 6.07 -11.96 29.09
C MET A 10 7.51 -11.56 29.43
N ASP A 11 8.28 -11.27 28.40
CA ASP A 11 9.67 -10.87 28.59
C ASP A 11 9.93 -9.56 27.85
N LEU A 12 10.76 -8.73 28.44
CA LEU A 12 11.10 -7.44 27.85
C LEU A 12 12.60 -7.20 27.98
N ILE A 13 13.23 -6.93 26.85
CA ILE A 13 14.66 -6.68 26.83
C ILE A 13 14.94 -5.41 26.01
N GLY A 14 14.08 -4.43 26.21
CA GLY A 14 14.22 -3.16 25.51
C GLY A 14 13.49 -3.20 24.16
N PHE A 15 12.93 -2.05 23.81
CA PHE A 15 12.20 -1.94 22.55
C PHE A 15 13.13 -1.51 21.42
N GLY A 16 13.81 -0.39 21.65
CA GLY A 16 14.74 0.13 20.66
C GLY A 16 15.46 -1.01 19.93
N TYR A 17 16.15 -1.82 20.71
CA TYR A 17 16.88 -2.95 20.15
C TYR A 17 16.04 -3.71 19.13
N ALA A 18 14.83 -4.04 19.56
CA ALA A 18 13.91 -4.77 18.70
C ALA A 18 13.71 -4.00 17.39
N ALA A 19 13.63 -2.68 17.53
CA ALA A 19 13.44 -1.81 16.38
C ALA A 19 14.68 -1.89 15.48
N LEU A 20 15.81 -2.12 16.12
CA LEU A 20 17.07 -2.22 15.39
C LEU A 20 17.09 -3.53 14.61
N VAL A 21 16.90 -4.62 15.32
CA VAL A 21 16.90 -5.94 14.69
C VAL A 21 16.00 -5.91 13.46
N THR A 22 14.75 -5.49 13.68
CA THR A 22 13.78 -5.41 12.60
C THR A 22 14.35 -4.58 11.45
N PHE A 23 14.66 -3.33 11.74
CA PHE A 23 15.21 -2.43 10.75
C PHE A 23 16.16 -3.16 9.81
N GLY A 24 17.13 -3.83 10.41
CA GLY A 24 18.11 -4.58 9.63
C GLY A 24 17.46 -5.74 8.88
N SER A 25 16.85 -6.63 9.66
CA SER A 25 16.18 -7.78 9.08
C SER A 25 15.45 -7.38 7.80
N ILE A 26 14.50 -6.48 7.96
CA ILE A 26 13.72 -6.00 6.83
C ILE A 26 14.67 -5.49 5.74
N PHE A 27 15.69 -4.76 6.18
CA PHE A 27 16.67 -4.22 5.25
C PHE A 27 17.21 -5.32 4.33
N GLY A 28 17.36 -6.50 4.89
CA GLY A 28 17.87 -7.63 4.13
C GLY A 28 16.74 -8.41 3.47
N TYR A 29 15.53 -8.20 4.01
CA TYR A 29 14.36 -8.88 3.47
C TYR A 29 14.62 -10.37 3.29
N LYS A 30 14.16 -11.15 4.27
CA LYS A 30 14.34 -12.59 4.23
C LYS A 30 12.99 -13.25 3.93
N ARG A 31 12.02 -12.96 4.79
CA ARG A 31 10.70 -13.52 4.63
C ARG A 31 9.68 -12.73 5.46
N ARG A 32 8.64 -12.25 4.77
CA ARG A 32 7.60 -11.48 5.43
C ARG A 32 6.43 -11.25 4.48
N GLY A 33 5.24 -11.19 5.06
CA GLY A 33 4.04 -10.97 4.28
C GLY A 33 3.41 -9.62 4.61
N GLY A 34 2.11 -9.66 4.89
CA GLY A 34 1.38 -8.45 5.22
C GLY A 34 -0.12 -8.65 5.07
N VAL A 35 -0.63 -9.60 5.85
CA VAL A 35 -2.05 -9.91 5.82
C VAL A 35 -2.42 -10.43 4.42
N PRO A 36 -3.35 -11.43 4.41
CA PRO A 36 -3.80 -12.02 3.17
C PRO A 36 -4.75 -11.08 2.43
N SER A 37 -4.21 -9.94 2.03
CA SER A 37 -4.99 -8.95 1.31
C SER A 37 -4.12 -7.75 0.94
N LEU A 38 -3.65 -7.06 1.97
CA LEU A 38 -2.81 -5.90 1.77
C LEU A 38 -1.79 -6.19 0.66
N ILE A 39 -1.11 -7.32 0.83
CA ILE A 39 -0.11 -7.73 -0.15
C ILE A 39 -0.71 -7.66 -1.55
N ALA A 40 -1.89 -8.26 -1.69
CA ALA A 40 -2.58 -8.27 -2.97
C ALA A 40 -2.75 -6.84 -3.47
N GLY A 41 -3.00 -5.94 -2.52
CA GLY A 41 -3.18 -4.54 -2.85
C GLY A 41 -1.86 -3.89 -3.28
N LEU A 42 -0.78 -4.43 -2.73
CA LEU A 42 0.55 -3.91 -3.05
C LEU A 42 0.94 -4.36 -4.46
N PHE A 43 0.59 -5.60 -4.77
CA PHE A 43 0.89 -6.16 -6.07
C PHE A 43 0.05 -5.50 -7.17
N VAL A 44 -1.26 -5.65 -7.04
CA VAL A 44 -2.18 -5.08 -8.00
C VAL A 44 -1.98 -3.56 -8.05
N GLY A 45 -1.99 -2.95 -6.87
CA GLY A 45 -1.82 -1.52 -6.76
C GLY A 45 -0.58 -1.06 -7.52
N CYS A 46 0.54 -1.71 -7.22
CA CYS A 46 1.80 -1.37 -7.86
C CYS A 46 1.61 -1.53 -9.38
N LEU A 47 1.23 -2.73 -9.77
CA LEU A 47 1.02 -3.03 -11.18
C LEU A 47 0.32 -1.83 -11.85
N ALA A 48 -0.72 -1.36 -11.19
CA ALA A 48 -1.47 -0.23 -11.71
C ALA A 48 -0.54 0.97 -11.89
N GLY A 49 0.08 1.36 -10.77
CA GLY A 49 1.00 2.48 -10.79
C GLY A 49 2.13 2.25 -11.81
N TYR A 50 3.07 1.41 -11.42
CA TYR A 50 4.20 1.10 -12.28
C TYR A 50 3.76 1.02 -13.75
N GLY A 51 2.83 0.11 -14.02
CA GLY A 51 2.33 -0.06 -15.36
C GLY A 51 1.94 1.27 -15.99
N ALA A 52 1.03 1.97 -15.32
CA ALA A 52 0.58 3.26 -15.79
C ALA A 52 1.78 4.17 -16.05
N TYR A 53 2.83 3.93 -15.27
CA TYR A 53 4.05 4.72 -15.39
C TYR A 53 4.80 4.36 -16.67
N ARG A 54 4.75 3.08 -17.02
CA ARG A 54 5.41 2.60 -18.21
C ARG A 54 5.18 3.55 -19.38
N VAL A 55 3.97 3.47 -19.93
CA VAL A 55 3.60 4.32 -21.06
C VAL A 55 2.22 3.92 -21.56
N SER A 56 2.00 2.61 -21.63
CA SER A 56 0.73 2.09 -22.10
C SER A 56 -0.37 2.42 -21.08
N ASN A 57 -0.77 3.67 -21.07
CA ASN A 57 -1.81 4.13 -20.16
C ASN A 57 -1.81 5.66 -20.10
N ASP A 58 -2.92 6.23 -20.55
CA ASP A 58 -3.06 7.68 -20.57
C ASP A 58 -2.97 8.20 -19.13
N LYS A 59 -3.55 7.43 -18.22
CA LYS A 59 -3.55 7.82 -16.81
C LYS A 59 -2.29 7.26 -16.15
N ARG A 60 -1.92 7.89 -15.04
CA ARG A 60 -0.75 7.47 -14.29
C ARG A 60 -0.42 8.49 -13.20
N ASP A 61 -0.73 9.74 -13.50
CA ASP A 61 -0.47 10.81 -12.55
C ASP A 61 -0.87 10.36 -11.15
N VAL A 62 -2.10 9.88 -11.04
CA VAL A 62 -2.61 9.42 -9.76
C VAL A 62 -4.01 8.83 -9.95
N LYS A 63 -4.77 9.48 -10.82
CA LYS A 63 -6.12 9.04 -11.11
C LYS A 63 -6.16 7.51 -11.10
N VAL A 64 -5.13 6.92 -11.68
CA VAL A 64 -5.03 5.47 -11.76
C VAL A 64 -5.47 4.87 -10.42
N SER A 65 -4.79 5.27 -9.37
CA SER A 65 -5.10 4.78 -8.03
C SER A 65 -6.60 4.88 -7.79
N LEU A 66 -7.15 6.03 -8.15
CA LEU A 66 -8.57 6.26 -7.96
C LEU A 66 -9.36 5.15 -8.63
N PHE A 67 -8.91 4.77 -9.82
CA PHE A 67 -9.56 3.71 -10.57
C PHE A 67 -9.28 2.35 -9.95
N THR A 68 -8.18 2.28 -9.21
CA THR A 68 -7.78 1.04 -8.57
C THR A 68 -8.68 0.77 -7.36
N ALA A 69 -8.87 1.80 -6.55
CA ALA A 69 -9.69 1.69 -5.36
C ALA A 69 -11.16 1.55 -5.77
N PHE A 70 -11.52 2.27 -6.82
CA PHE A 70 -12.88 2.23 -7.33
C PHE A 70 -13.24 0.84 -7.84
N PHE A 71 -12.34 0.29 -8.65
CA PHE A 71 -12.56 -1.03 -9.22
C PHE A 71 -12.60 -2.10 -8.11
N LEU A 72 -11.64 -2.00 -7.21
CA LEU A 72 -11.56 -2.94 -6.10
C LEU A 72 -12.88 -2.92 -5.33
N ALA A 73 -13.23 -1.74 -4.85
CA ALA A 73 -14.46 -1.57 -4.09
C ALA A 73 -15.63 -2.18 -4.88
N THR A 74 -15.72 -1.77 -6.14
CA THR A 74 -16.79 -2.26 -7.00
C THR A 74 -16.76 -3.78 -7.06
N ILE A 75 -15.56 -4.34 -6.92
CA ILE A 75 -15.39 -5.78 -6.96
C ILE A 75 -15.84 -6.38 -5.63
N MET A 76 -15.70 -5.58 -4.57
CA MET A 76 -16.10 -6.02 -3.25
C MET A 76 -17.60 -5.80 -3.02
N GLY A 77 -18.03 -4.57 -3.24
CA GLY A 77 -19.42 -4.22 -3.06
C GLY A 77 -19.63 -3.36 -1.83
N VAL A 78 -19.27 -3.93 -0.68
CA VAL A 78 -19.41 -3.23 0.59
C VAL A 78 -18.10 -3.30 1.35
N ARG A 79 -17.74 -2.19 1.98
CA ARG A 79 -16.51 -2.13 2.75
C ARG A 79 -16.56 -3.10 3.93
N PHE A 80 -16.34 -4.36 3.60
CA PHE A 80 -16.35 -5.41 4.61
C PHE A 80 -17.75 -5.56 5.22
N LYS A 81 -18.14 -4.57 6.01
CA LYS A 81 -19.44 -4.59 6.66
C LYS A 81 -19.66 -3.25 7.37
N ARG A 82 -19.41 -2.18 6.64
CA ARG A 82 -19.59 -0.85 7.20
C ARG A 82 -19.12 -0.82 8.65
N SER A 83 -17.81 -0.69 8.82
CA SER A 83 -17.24 -0.64 10.16
C SER A 83 -15.72 -0.45 10.06
N LYS A 84 -15.09 -0.39 11.22
CA LYS A 84 -13.65 -0.21 11.28
C LYS A 84 -13.06 -1.22 12.28
N LYS A 85 -13.12 -2.48 11.89
CA LYS A 85 -12.59 -3.54 12.73
C LYS A 85 -11.14 -3.83 12.34
N ILE A 86 -10.38 -2.75 12.20
CA ILE A 86 -8.98 -2.87 11.84
C ILE A 86 -8.84 -3.83 10.66
N MET A 87 -8.98 -3.27 9.47
CA MET A 87 -8.88 -4.08 8.25
C MET A 87 -9.44 -3.32 7.05
N PRO A 88 -10.70 -2.83 7.22
CA PRO A 88 -11.36 -2.07 6.16
C PRO A 88 -10.78 -0.66 6.03
N ALA A 89 -11.07 0.14 7.04
CA ALA A 89 -10.60 1.52 7.07
C ALA A 89 -9.13 1.54 6.62
N GLY A 90 -8.36 0.59 7.13
CA GLY A 90 -6.96 0.50 6.78
C GLY A 90 -6.73 0.78 5.30
N LEU A 91 -7.48 0.07 4.48
CA LEU A 91 -7.38 0.22 3.04
C LEU A 91 -7.44 1.71 2.69
N VAL A 92 -8.44 2.37 3.24
CA VAL A 92 -8.62 3.79 3.00
C VAL A 92 -7.36 4.54 3.42
N ALA A 93 -6.76 4.08 4.49
CA ALA A 93 -5.55 4.70 5.01
C ALA A 93 -4.41 4.47 4.01
N GLY A 94 -4.50 3.36 3.29
CA GLY A 94 -3.49 3.03 2.30
C GLY A 94 -3.59 3.95 1.08
N LEU A 95 -4.80 4.11 0.60
CA LEU A 95 -5.05 4.96 -0.56
C LEU A 95 -4.59 6.39 -0.24
N SER A 96 -5.04 6.88 0.90
CA SER A 96 -4.68 8.22 1.33
C SER A 96 -3.17 8.37 1.38
N LEU A 97 -2.53 7.43 2.08
CA LEU A 97 -1.09 7.45 2.21
C LEU A 97 -0.46 7.57 0.82
N MET A 98 -0.95 6.74 -0.09
CA MET A 98 -0.43 6.75 -1.45
C MET A 98 -0.50 8.14 -2.05
N MET A 99 -1.67 8.76 -1.94
CA MET A 99 -1.87 10.10 -2.47
C MET A 99 -0.81 11.07 -1.93
N ILE A 100 -0.74 11.14 -0.61
CA ILE A 100 0.22 12.02 0.04
C ILE A 100 1.62 11.75 -0.54
N LEU A 101 2.00 10.49 -0.51
CA LEU A 101 3.31 10.10 -1.01
C LEU A 101 3.44 10.54 -2.47
N ARG A 102 2.29 10.60 -3.14
CA ARG A 102 2.26 11.01 -4.54
C ARG A 102 2.46 12.52 -4.65
N LEU A 103 2.01 13.23 -3.62
CA LEU A 103 2.12 14.67 -3.60
C LEU A 103 3.60 15.06 -3.76
N VAL A 104 4.45 14.32 -3.06
CA VAL A 104 5.87 14.58 -3.13
C VAL A 104 6.45 13.96 -4.41
N LEU A 105 6.08 12.71 -4.63
CA LEU A 105 6.55 12.00 -5.80
C LEU A 105 6.42 12.91 -7.03
N LEU A 106 5.37 13.71 -7.02
CA LEU A 106 5.13 14.63 -8.13
C LEU A 106 6.44 15.29 -8.54
N LEU A 107 7.19 15.72 -7.54
CA LEU A 107 8.47 16.36 -7.79
C LEU A 107 9.54 15.30 -8.04
N LEU A 108 9.56 14.31 -7.15
CA LEU A 108 10.52 13.22 -7.27
C LEU A 108 10.64 12.80 -8.73
N MET A 10 20.88 -12.28 24.79
CA MET A 10 19.72 -11.55 24.30
C MET A 10 18.93 -10.94 25.46
N ASP A 11 19.61 -10.12 26.25
CA ASP A 11 18.98 -9.47 27.39
C ASP A 11 18.93 -7.96 27.15
N LEU A 12 20.10 -7.39 26.90
CA LEU A 12 20.20 -5.96 26.65
C LEU A 12 20.65 -5.73 25.21
N ILE A 13 20.00 -4.79 24.55
CA ILE A 13 20.31 -4.47 23.17
C ILE A 13 19.75 -3.09 22.83
N GLY A 14 20.62 -2.24 22.32
CA GLY A 14 20.22 -0.88 21.96
C GLY A 14 19.17 -0.92 20.83
N PHE A 15 18.78 0.28 20.41
CA PHE A 15 17.78 0.40 19.35
C PHE A 15 18.46 0.40 17.97
N GLY A 16 19.35 1.35 17.78
CA GLY A 16 20.06 1.47 16.51
C GLY A 16 20.38 0.09 15.94
N TYR A 17 21.07 -0.71 16.73
CA TYR A 17 21.44 -2.05 16.31
C TYR A 17 20.24 -2.78 15.70
N ALA A 18 19.13 -2.77 16.44
CA ALA A 18 17.92 -3.42 15.98
C ALA A 18 17.53 -2.86 14.62
N ALA A 19 17.74 -1.56 14.46
CA ALA A 19 17.41 -0.89 13.22
C ALA A 19 18.34 -1.41 12.11
N LEU A 20 19.55 -1.76 12.51
CA LEU A 20 20.53 -2.27 11.57
C LEU A 20 20.08 -3.63 11.05
N VAL A 21 19.83 -4.54 11.98
CA VAL A 21 19.38 -5.88 11.63
C VAL A 21 18.17 -5.79 10.71
N THR A 22 17.11 -5.19 11.23
CA THR A 22 15.89 -5.04 10.46
C THR A 22 16.20 -4.53 9.05
N PHE A 23 17.01 -3.48 9.01
CA PHE A 23 17.39 -2.88 7.74
C PHE A 23 17.90 -3.95 6.76
N GLY A 24 18.82 -4.77 7.25
CA GLY A 24 19.39 -5.83 6.45
C GLY A 24 18.35 -6.92 6.15
N SER A 25 17.88 -7.53 7.22
CA SER A 25 16.88 -8.59 7.09
C SER A 25 15.85 -8.21 6.02
N ILE A 26 15.20 -7.08 6.24
CA ILE A 26 14.20 -6.60 5.30
C ILE A 26 14.82 -6.50 3.91
N PHE A 27 16.03 -5.96 3.88
CA PHE A 27 16.74 -5.80 2.62
C PHE A 27 16.82 -7.13 1.87
N GLY A 28 16.91 -8.20 2.63
CA GLY A 28 17.01 -9.53 2.04
C GLY A 28 15.61 -10.13 1.85
N TYR A 29 14.65 -9.59 2.58
CA TYR A 29 13.29 -10.06 2.51
C TYR A 29 13.22 -11.58 2.69
N LYS A 30 12.88 -11.99 3.90
CA LYS A 30 12.78 -13.40 4.21
C LYS A 30 11.77 -13.61 5.33
N ARG A 31 11.64 -14.86 5.76
CA ARG A 31 10.71 -15.19 6.82
C ARG A 31 9.28 -15.17 6.30
N ARG A 32 8.78 -13.97 6.08
CA ARG A 32 7.42 -13.79 5.59
C ARG A 32 7.13 -12.31 5.34
N GLY A 33 6.06 -12.07 4.59
CA GLY A 33 5.66 -10.71 4.27
C GLY A 33 4.49 -10.26 5.13
N GLY A 34 3.53 -11.16 5.28
CA GLY A 34 2.35 -10.87 6.08
C GLY A 34 1.39 -9.95 5.33
N VAL A 35 0.59 -9.23 6.10
CA VAL A 35 -0.37 -8.31 5.52
C VAL A 35 -1.01 -8.95 4.29
N PRO A 36 -2.10 -9.71 4.54
CA PRO A 36 -2.81 -10.38 3.45
C PRO A 36 -3.64 -9.38 2.64
N SER A 37 -3.94 -9.77 1.41
CA SER A 37 -4.72 -8.92 0.53
C SER A 37 -3.86 -7.77 0.01
N LEU A 38 -3.33 -7.00 0.96
CA LEU A 38 -2.49 -5.87 0.61
C LEU A 38 -1.56 -6.25 -0.53
N ILE A 39 -0.91 -7.40 -0.36
CA ILE A 39 0.01 -7.89 -1.36
C ILE A 39 -0.65 -7.82 -2.74
N ALA A 40 -1.84 -8.40 -2.82
CA ALA A 40 -2.58 -8.40 -4.07
C ALA A 40 -2.79 -6.96 -4.55
N GLY A 41 -2.98 -6.07 -3.58
CA GLY A 41 -3.19 -4.67 -3.88
C GLY A 41 -1.92 -4.04 -4.46
N LEU A 42 -0.78 -4.58 -4.05
CA LEU A 42 0.49 -4.09 -4.51
C LEU A 42 0.76 -4.63 -5.92
N PHE A 43 0.31 -5.85 -6.14
CA PHE A 43 0.50 -6.50 -7.43
C PHE A 43 -0.28 -5.77 -8.52
N VAL A 44 -1.58 -5.65 -8.31
CA VAL A 44 -2.44 -4.97 -9.27
C VAL A 44 -2.10 -3.48 -9.29
N GLY A 45 -2.08 -2.91 -8.09
CA GLY A 45 -1.78 -1.49 -7.95
C GLY A 45 -0.49 -1.13 -8.68
N CYS A 46 0.57 -1.86 -8.34
CA CYS A 46 1.86 -1.62 -8.97
C CYS A 46 1.71 -1.77 -10.47
N LEU A 47 0.99 -2.81 -10.86
CA LEU A 47 0.75 -3.08 -12.27
C LEU A 47 0.35 -1.79 -12.97
N ALA A 48 -0.81 -1.27 -12.57
CA ALA A 48 -1.31 -0.05 -13.16
C ALA A 48 -0.31 1.08 -12.92
N GLY A 49 -0.23 1.51 -11.66
CA GLY A 49 0.69 2.58 -11.30
C GLY A 49 1.99 2.48 -12.10
N TYR A 50 2.85 1.56 -11.68
CA TYR A 50 4.12 1.37 -12.35
C TYR A 50 3.98 1.55 -13.86
N GLY A 51 3.09 0.76 -14.44
CA GLY A 51 2.86 0.82 -15.87
C GLY A 51 2.72 2.26 -16.34
N ALA A 52 1.79 2.97 -15.71
CA ALA A 52 1.55 4.37 -16.04
C ALA A 52 2.87 5.14 -16.00
N TYR A 53 3.69 4.78 -15.04
CA TYR A 53 4.99 5.42 -14.88
C TYR A 53 5.96 4.98 -15.98
N ARG A 54 5.76 3.76 -16.44
CA ARG A 54 6.60 3.20 -17.49
C ARG A 54 6.16 3.72 -18.85
N VAL A 55 4.96 3.34 -19.24
CA VAL A 55 4.41 3.75 -20.52
C VAL A 55 3.05 3.07 -20.74
N SER A 56 2.05 3.89 -21.01
CA SER A 56 0.71 3.37 -21.24
C SER A 56 0.11 2.89 -19.92
N ASN A 57 -1.02 2.20 -20.05
CA ASN A 57 -1.71 1.67 -18.87
C ASN A 57 -2.34 2.83 -18.10
N ASP A 58 -3.50 3.25 -18.57
CA ASP A 58 -4.22 4.34 -17.93
C ASP A 58 -3.57 5.67 -18.31
N LYS A 59 -2.28 5.77 -18.00
CA LYS A 59 -1.53 6.98 -18.31
C LYS A 59 -1.90 8.07 -17.30
N ARG A 60 -1.60 7.79 -16.04
CA ARG A 60 -1.90 8.74 -14.98
C ARG A 60 -1.44 8.18 -13.63
N ASP A 61 -0.84 9.06 -12.84
CA ASP A 61 -0.34 8.67 -11.53
C ASP A 61 -1.00 9.54 -10.46
N VAL A 62 -2.30 9.34 -10.29
CA VAL A 62 -3.06 10.10 -9.31
C VAL A 62 -4.51 9.63 -9.32
N LYS A 63 -5.01 9.40 -10.52
CA LYS A 63 -6.39 8.95 -10.68
C LYS A 63 -6.43 7.42 -10.63
N VAL A 64 -5.51 6.80 -11.35
CA VAL A 64 -5.43 5.36 -11.38
C VAL A 64 -5.65 4.79 -9.98
N SER A 65 -4.88 5.34 -9.04
CA SER A 65 -4.98 4.91 -7.66
C SER A 65 -6.45 4.86 -7.22
N LEU A 66 -7.15 5.95 -7.48
CA LEU A 66 -8.55 6.05 -7.14
C LEU A 66 -9.32 4.91 -7.80
N PHE A 67 -8.92 4.61 -9.03
CA PHE A 67 -9.56 3.55 -9.79
C PHE A 67 -9.22 2.18 -9.21
N THR A 68 -8.08 2.13 -8.54
CA THR A 68 -7.62 0.89 -7.93
C THR A 68 -8.45 0.57 -6.68
N ALA A 69 -8.57 1.57 -5.82
CA ALA A 69 -9.32 1.41 -4.59
C ALA A 69 -10.79 1.14 -4.93
N PHE A 70 -11.28 1.85 -5.94
CA PHE A 70 -12.65 1.69 -6.36
C PHE A 70 -12.91 0.26 -6.85
N PHE A 71 -12.09 -0.17 -7.80
CA PHE A 71 -12.22 -1.50 -8.36
C PHE A 71 -12.07 -2.56 -7.27
N LEU A 72 -11.24 -2.24 -6.29
CA LEU A 72 -11.00 -3.16 -5.18
C LEU A 72 -12.30 -3.39 -4.42
N ALA A 73 -12.80 -2.32 -3.83
CA ALA A 73 -14.04 -2.39 -3.06
C ALA A 73 -15.11 -3.09 -3.90
N THR A 74 -15.32 -2.56 -5.10
CA THR A 74 -16.31 -3.13 -6.00
C THR A 74 -16.01 -4.60 -6.25
N ILE A 75 -14.73 -4.94 -6.20
CA ILE A 75 -14.31 -6.32 -6.43
C ILE A 75 -14.65 -7.15 -5.18
N MET A 76 -14.62 -6.48 -4.05
CA MET A 76 -14.91 -7.15 -2.78
C MET A 76 -16.41 -7.15 -2.50
N GLY A 77 -16.94 -5.95 -2.28
CA GLY A 77 -18.36 -5.80 -2.00
C GLY A 77 -18.58 -5.01 -0.71
N VAL A 78 -17.78 -3.96 -0.55
CA VAL A 78 -17.88 -3.12 0.63
C VAL A 78 -18.65 -1.85 0.28
N ARG A 79 -19.86 -1.76 0.80
CA ARG A 79 -20.71 -0.61 0.55
C ARG A 79 -20.38 0.52 1.53
N PHE A 80 -19.35 1.28 1.20
CA PHE A 80 -18.93 2.38 2.04
C PHE A 80 -19.00 2.00 3.52
N LYS A 81 -17.91 1.42 4.00
CA LYS A 81 -17.83 1.01 5.39
C LYS A 81 -18.83 -0.12 5.64
N ARG A 82 -18.33 -1.20 6.20
CA ARG A 82 -19.16 -2.36 6.49
C ARG A 82 -19.36 -2.50 8.00
N SER A 83 -18.24 -2.59 8.71
CA SER A 83 -18.27 -2.73 10.15
C SER A 83 -18.34 -1.34 10.81
N LYS A 84 -18.76 -1.34 12.07
CA LYS A 84 -18.87 -0.10 12.82
C LYS A 84 -17.59 0.70 12.66
N LYS A 85 -16.46 0.01 12.79
CA LYS A 85 -15.17 0.65 12.67
C LYS A 85 -14.07 -0.38 12.96
N ILE A 86 -12.84 0.01 12.64
CA ILE A 86 -11.70 -0.86 12.86
C ILE A 86 -11.73 -2.00 11.84
N MET A 87 -11.54 -1.64 10.58
CA MET A 87 -11.54 -2.61 9.50
C MET A 87 -11.67 -1.93 8.14
N PRO A 88 -12.71 -1.07 8.03
CA PRO A 88 -12.95 -0.34 6.79
C PRO A 88 -11.95 0.80 6.61
N ALA A 89 -11.66 1.47 7.72
CA ALA A 89 -10.74 2.58 7.70
C ALA A 89 -9.48 2.18 6.91
N GLY A 90 -9.07 0.94 7.12
CA GLY A 90 -7.90 0.41 6.42
C GLY A 90 -7.84 0.92 4.98
N LEU A 91 -8.90 0.64 4.25
CA LEU A 91 -8.98 1.05 2.85
C LEU A 91 -8.62 2.53 2.75
N VAL A 92 -9.25 3.32 3.62
CA VAL A 92 -9.00 4.76 3.64
C VAL A 92 -7.50 5.01 3.84
N ALA A 93 -6.91 4.18 4.68
CA ALA A 93 -5.49 4.31 4.97
C ALA A 93 -4.69 3.97 3.73
N GLY A 94 -5.25 3.10 2.90
CA GLY A 94 -4.61 2.69 1.67
C GLY A 94 -4.58 3.82 0.65
N LEU A 95 -5.77 4.28 0.30
CA LEU A 95 -5.91 5.36 -0.67
C LEU A 95 -5.05 6.55 -0.22
N SER A 96 -5.14 6.84 1.07
CA SER A 96 -4.38 7.95 1.64
C SER A 96 -2.88 7.71 1.43
N LEU A 97 -2.43 6.56 1.88
CA LEU A 97 -1.03 6.20 1.74
C LEU A 97 -0.54 6.55 0.34
N MET A 98 -1.30 6.09 -0.64
CA MET A 98 -0.96 6.34 -2.03
C MET A 98 -0.83 7.84 -2.30
N MET A 99 -1.88 8.57 -1.93
CA MET A 99 -1.90 10.02 -2.12
C MET A 99 -0.59 10.64 -1.64
N ILE A 100 -0.27 10.39 -0.37
CA ILE A 100 0.95 10.92 0.21
C ILE A 100 2.15 10.54 -0.67
N LEU A 101 2.20 9.26 -1.00
CA LEU A 101 3.28 8.74 -1.82
C LEU A 101 3.36 9.55 -3.12
N ARG A 102 2.20 10.05 -3.53
CA ARG A 102 2.13 10.85 -4.75
C ARG A 102 2.55 12.30 -4.46
N LEU A 103 2.31 12.72 -3.24
CA LEU A 103 2.66 14.07 -2.82
C LEU A 103 4.17 14.27 -2.97
N VAL A 104 4.90 13.18 -2.73
CA VAL A 104 6.35 13.22 -2.82
C VAL A 104 6.76 13.07 -4.29
N LEU A 105 5.95 12.33 -5.03
CA LEU A 105 6.22 12.10 -6.44
C LEU A 105 6.41 13.45 -7.14
N LEU A 106 5.49 14.36 -6.87
CA LEU A 106 5.54 15.68 -7.46
C LEU A 106 6.99 16.16 -7.49
N LEU A 107 7.56 16.28 -6.29
CA LEU A 107 8.94 16.72 -6.16
C LEU A 107 9.84 15.90 -7.09
N LEU A 108 9.80 14.59 -6.89
CA LEU A 108 10.59 13.68 -7.69
C LEU A 108 10.31 13.95 -9.17
N MET A 10 12.77 -13.83 28.25
CA MET A 10 11.97 -12.65 28.56
C MET A 10 12.28 -12.14 29.97
N ASP A 11 13.29 -11.30 30.04
CA ASP A 11 13.69 -10.72 31.32
C ASP A 11 14.99 -9.92 31.13
N LEU A 12 14.82 -8.65 30.79
CA LEU A 12 15.96 -7.78 30.58
C LEU A 12 16.78 -8.30 29.39
N ILE A 13 17.11 -7.39 28.49
CA ILE A 13 17.89 -7.73 27.31
C ILE A 13 18.03 -6.51 26.42
N GLY A 14 16.95 -5.73 26.35
CA GLY A 14 16.95 -4.53 25.53
C GLY A 14 15.94 -4.64 24.39
N PHE A 15 14.93 -3.78 24.45
CA PHE A 15 13.89 -3.78 23.43
C PHE A 15 14.33 -2.98 22.21
N GLY A 16 14.67 -1.72 22.45
CA GLY A 16 15.11 -0.85 21.38
C GLY A 16 15.96 -1.61 20.36
N TYR A 17 17.01 -2.23 20.86
CA TYR A 17 17.91 -2.99 20.01
C TYR A 17 17.12 -3.93 19.09
N ALA A 18 16.21 -4.69 19.70
CA ALA A 18 15.39 -5.62 18.96
C ALA A 18 14.64 -4.87 17.86
N ALA A 19 14.25 -3.65 18.19
CA ALA A 19 13.51 -2.81 17.25
C ALA A 19 14.45 -2.38 16.13
N LEU A 20 15.72 -2.26 16.47
CA LEU A 20 16.73 -1.86 15.50
C LEU A 20 16.91 -2.96 14.46
N VAL A 21 17.13 -4.17 14.95
CA VAL A 21 17.32 -5.31 14.08
C VAL A 21 16.00 -5.60 13.34
N THR A 22 14.96 -5.83 14.12
CA THR A 22 13.65 -6.13 13.55
C THR A 22 13.31 -5.11 12.46
N PHE A 23 13.15 -3.87 12.87
CA PHE A 23 12.82 -2.80 11.94
C PHE A 23 13.79 -2.80 10.75
N GLY A 24 15.08 -2.72 11.08
CA GLY A 24 16.10 -2.70 10.05
C GLY A 24 15.87 -3.81 9.02
N SER A 25 16.18 -5.02 9.43
CA SER A 25 16.02 -6.17 8.55
C SER A 25 14.73 -6.03 7.75
N ILE A 26 13.64 -5.74 8.46
CA ILE A 26 12.34 -5.58 7.84
C ILE A 26 12.48 -4.63 6.64
N PHE A 27 13.04 -3.45 6.92
CA PHE A 27 13.22 -2.45 5.89
C PHE A 27 14.08 -3.00 4.74
N GLY A 28 14.95 -3.93 5.09
CA GLY A 28 15.83 -4.54 4.10
C GLY A 28 15.08 -5.56 3.26
N TYR A 29 14.03 -6.12 3.85
CA TYR A 29 13.22 -7.11 3.17
C TYR A 29 12.12 -7.65 4.09
N LYS A 30 12.55 -8.18 5.22
CA LYS A 30 11.61 -8.73 6.20
C LYS A 30 10.38 -7.83 6.27
N ARG A 31 9.27 -8.44 6.69
CA ARG A 31 8.03 -7.71 6.80
C ARG A 31 6.89 -8.65 7.23
N ARG A 32 7.08 -9.26 8.38
CA ARG A 32 6.09 -10.19 8.90
C ARG A 32 4.68 -9.68 8.62
N GLY A 33 3.78 -10.61 8.31
CA GLY A 33 2.41 -10.26 8.02
C GLY A 33 1.74 -11.35 7.18
N GLY A 34 2.35 -11.64 6.03
CA GLY A 34 1.83 -12.65 5.14
C GLY A 34 1.81 -12.15 3.69
N VAL A 35 1.86 -13.11 2.77
CA VAL A 35 1.86 -12.78 1.36
C VAL A 35 0.45 -12.37 0.93
N PRO A 36 -0.53 -13.26 1.27
CA PRO A 36 -1.92 -13.01 0.93
C PRO A 36 -2.53 -11.93 1.84
N SER A 37 -2.82 -10.79 1.24
CA SER A 37 -3.40 -9.68 1.98
C SER A 37 -3.18 -8.37 1.22
N LEU A 38 -3.66 -7.29 1.81
CA LEU A 38 -3.52 -5.98 1.21
C LEU A 38 -2.13 -5.85 0.60
N ILE A 39 -1.14 -6.30 1.36
CA ILE A 39 0.23 -6.24 0.91
C ILE A 39 0.32 -6.77 -0.53
N ALA A 40 -0.14 -8.00 -0.70
CA ALA A 40 -0.11 -8.63 -2.01
C ALA A 40 -0.91 -7.77 -2.99
N GLY A 41 -1.94 -7.12 -2.46
CA GLY A 41 -2.79 -6.27 -3.28
C GLY A 41 -2.02 -5.05 -3.78
N LEU A 42 -1.06 -4.62 -2.97
CA LEU A 42 -0.25 -3.46 -3.31
C LEU A 42 0.82 -3.88 -4.32
N PHE A 43 1.34 -5.08 -4.12
CA PHE A 43 2.37 -5.61 -5.00
C PHE A 43 1.85 -5.74 -6.44
N VAL A 44 0.72 -6.44 -6.56
CA VAL A 44 0.12 -6.65 -7.86
C VAL A 44 -0.44 -5.32 -8.38
N GLY A 45 -1.25 -4.69 -7.53
CA GLY A 45 -1.86 -3.42 -7.90
C GLY A 45 -0.79 -2.44 -8.43
N CYS A 46 0.30 -2.34 -7.70
CA CYS A 46 1.38 -1.46 -8.08
C CYS A 46 1.98 -1.97 -9.40
N LEU A 47 2.10 -3.28 -9.49
CA LEU A 47 2.65 -3.91 -10.67
C LEU A 47 1.97 -3.34 -11.91
N ALA A 48 0.66 -3.56 -11.99
CA ALA A 48 -0.12 -3.08 -13.11
C ALA A 48 0.03 -1.55 -13.20
N GLY A 49 -0.50 -0.87 -12.20
CA GLY A 49 -0.42 0.58 -12.16
C GLY A 49 0.91 1.08 -12.71
N TYR A 50 1.95 0.86 -11.92
CA TYR A 50 3.29 1.28 -12.32
C TYR A 50 3.51 1.06 -13.82
N GLY A 51 3.26 -0.18 -14.24
CA GLY A 51 3.44 -0.54 -15.63
C GLY A 51 2.66 0.42 -16.54
N ALA A 52 1.38 0.57 -16.24
CA ALA A 52 0.52 1.45 -17.02
C ALA A 52 1.16 2.84 -17.10
N TYR A 53 1.90 3.17 -16.04
CA TYR A 53 2.55 4.47 -15.97
C TYR A 53 3.89 4.44 -16.72
N ARG A 54 4.49 3.26 -16.75
CA ARG A 54 5.76 3.08 -17.42
C ARG A 54 5.74 3.76 -18.80
N VAL A 55 4.74 3.39 -19.58
CA VAL A 55 4.60 3.96 -20.91
C VAL A 55 3.60 3.12 -21.71
N SER A 56 2.32 3.32 -21.40
CA SER A 56 1.26 2.60 -22.07
C SER A 56 -0.05 3.36 -21.97
N ASN A 57 -0.56 3.45 -20.74
CA ASN A 57 -1.81 4.15 -20.50
C ASN A 57 -1.79 4.73 -19.08
N ASP A 58 -1.74 6.04 -19.01
CA ASP A 58 -1.71 6.73 -17.73
C ASP A 58 -2.06 8.20 -17.94
N LYS A 59 -1.26 8.84 -18.80
CA LYS A 59 -1.47 10.25 -19.09
C LYS A 59 -1.00 11.09 -17.90
N ARG A 60 -1.61 10.84 -16.75
CA ARG A 60 -1.26 11.56 -15.54
C ARG A 60 -1.48 10.67 -14.31
N ASP A 61 -0.36 10.27 -13.71
CA ASP A 61 -0.43 9.43 -12.53
C ASP A 61 -1.09 10.20 -11.38
N VAL A 62 -2.39 9.97 -11.24
CA VAL A 62 -3.15 10.63 -10.20
C VAL A 62 -4.61 10.16 -10.26
N LYS A 63 -5.10 10.01 -11.48
CA LYS A 63 -6.46 9.56 -11.69
C LYS A 63 -6.51 8.03 -11.62
N VAL A 64 -5.50 7.42 -12.21
CA VAL A 64 -5.41 5.96 -12.23
C VAL A 64 -5.80 5.42 -10.86
N SER A 65 -5.07 5.86 -9.85
CA SER A 65 -5.34 5.42 -8.49
C SER A 65 -6.83 5.56 -8.17
N LEU A 66 -7.38 6.70 -8.57
CA LEU A 66 -8.78 6.98 -8.33
C LEU A 66 -9.63 5.84 -8.92
N PHE A 67 -9.22 5.39 -10.09
CA PHE A 67 -9.92 4.31 -10.77
C PHE A 67 -9.61 2.96 -10.11
N THR A 68 -8.48 2.92 -9.43
CA THR A 68 -8.07 1.70 -8.75
C THR A 68 -8.93 1.46 -7.51
N ALA A 69 -8.96 2.46 -6.64
CA ALA A 69 -9.73 2.37 -5.42
C ALA A 69 -11.23 2.33 -5.77
N PHE A 70 -11.59 3.13 -6.76
CA PHE A 70 -12.97 3.18 -7.20
C PHE A 70 -13.47 1.81 -7.64
N PHE A 71 -12.75 1.22 -8.58
CA PHE A 71 -13.11 -0.09 -9.10
C PHE A 71 -13.05 -1.15 -7.98
N LEU A 72 -12.07 -0.98 -7.10
CA LEU A 72 -11.89 -1.91 -6.00
C LEU A 72 -13.17 -1.95 -5.17
N ALA A 73 -13.52 -0.80 -4.61
CA ALA A 73 -14.71 -0.69 -3.79
C ALA A 73 -15.91 -1.25 -4.56
N THR A 74 -16.06 -0.77 -5.78
CA THR A 74 -17.16 -1.22 -6.64
C THR A 74 -17.14 -2.74 -6.77
N ILE A 75 -15.94 -3.30 -6.68
CA ILE A 75 -15.77 -4.73 -6.80
C ILE A 75 -16.09 -5.38 -5.46
N MET A 76 -15.85 -4.64 -4.39
CA MET A 76 -16.10 -5.13 -3.05
C MET A 76 -17.58 -5.01 -2.70
N GLY A 77 -18.06 -3.76 -2.68
CA GLY A 77 -19.45 -3.50 -2.36
C GLY A 77 -19.56 -2.73 -1.04
N VAL A 78 -20.50 -1.78 -1.03
CA VAL A 78 -20.73 -0.97 0.16
C VAL A 78 -19.55 -0.02 0.35
N ARG A 79 -19.55 1.03 -0.47
CA ARG A 79 -18.50 2.03 -0.39
C ARG A 79 -18.14 2.33 1.06
N PHE A 80 -19.04 3.03 1.73
CA PHE A 80 -18.84 3.39 3.12
C PHE A 80 -18.98 2.17 4.02
N LYS A 81 -17.84 1.71 4.53
CA LYS A 81 -17.81 0.56 5.41
C LYS A 81 -18.78 0.80 6.58
N ARG A 82 -18.72 2.00 7.12
CA ARG A 82 -19.57 2.37 8.24
C ARG A 82 -19.71 1.19 9.20
N SER A 83 -18.59 0.79 9.78
CA SER A 83 -18.57 -0.32 10.71
C SER A 83 -17.21 -0.43 11.38
N LYS A 84 -17.13 0.08 12.60
CA LYS A 84 -15.89 0.04 13.36
C LYS A 84 -14.73 0.36 12.42
N LYS A 85 -14.42 1.65 12.32
CA LYS A 85 -13.34 2.10 11.47
C LYS A 85 -12.00 1.70 12.11
N ILE A 86 -11.33 0.75 11.48
CA ILE A 86 -10.05 0.28 11.97
C ILE A 86 -9.48 -0.75 11.00
N MET A 87 -10.19 -1.87 10.88
CA MET A 87 -9.76 -2.93 9.99
C MET A 87 -10.16 -2.63 8.54
N PRO A 88 -11.47 -2.32 8.36
CA PRO A 88 -11.98 -2.01 7.04
C PRO A 88 -11.56 -0.60 6.61
N ALA A 89 -11.69 0.34 7.53
CA ALA A 89 -11.32 1.71 7.26
C ALA A 89 -9.84 1.78 6.84
N GLY A 90 -9.03 1.08 7.62
CA GLY A 90 -7.60 1.06 7.36
C GLY A 90 -7.32 1.07 5.86
N LEU A 91 -8.09 0.25 5.13
CA LEU A 91 -7.92 0.16 3.69
C LEU A 91 -7.87 1.58 3.10
N VAL A 92 -8.95 2.32 3.32
CA VAL A 92 -9.03 3.68 2.82
C VAL A 92 -7.88 4.51 3.40
N ALA A 93 -7.45 4.11 4.58
CA ALA A 93 -6.35 4.81 5.25
C ALA A 93 -5.06 4.59 4.46
N GLY A 94 -4.96 3.41 3.86
CA GLY A 94 -3.78 3.08 3.07
C GLY A 94 -3.79 3.82 1.73
N LEU A 95 -4.90 3.69 1.04
CA LEU A 95 -5.06 4.33 -0.26
C LEU A 95 -4.71 5.82 -0.12
N SER A 96 -5.30 6.45 0.90
CA SER A 96 -5.06 7.86 1.14
C SER A 96 -3.58 8.10 1.42
N LEU A 97 -3.06 7.34 2.38
CA LEU A 97 -1.66 7.47 2.74
C LEU A 97 -0.80 7.51 1.47
N MET A 98 -1.07 6.57 0.58
CA MET A 98 -0.34 6.48 -0.66
C MET A 98 -0.45 7.79 -1.46
N MET A 99 -1.69 8.18 -1.73
CA MET A 99 -1.94 9.40 -2.46
C MET A 99 -1.15 10.57 -1.88
N ILE A 100 -1.35 10.79 -0.58
CA ILE A 100 -0.67 11.87 0.10
C ILE A 100 0.82 11.82 -0.23
N LEU A 101 1.44 10.72 0.15
CA LEU A 101 2.86 10.55 -0.10
C LEU A 101 3.15 10.79 -1.58
N ARG A 102 2.15 10.51 -2.40
CA ARG A 102 2.28 10.70 -3.83
C ARG A 102 2.43 12.19 -4.17
N LEU A 103 1.64 13.00 -3.48
CA LEU A 103 1.70 14.44 -3.68
C LEU A 103 3.15 14.90 -3.66
N VAL A 104 3.71 14.95 -2.47
CA VAL A 104 5.08 15.38 -2.30
C VAL A 104 5.96 14.68 -3.33
N LEU A 105 5.64 13.41 -3.57
CA LEU A 105 6.38 12.62 -4.53
C LEU A 105 6.57 13.42 -5.81
N LEU A 106 5.55 14.18 -6.15
CA LEU A 106 5.59 15.00 -7.34
C LEU A 106 6.98 15.61 -7.50
N LEU A 107 7.49 16.11 -6.39
CA LEU A 107 8.81 16.73 -6.38
C LEU A 107 9.88 15.64 -6.50
N LEU A 108 9.71 14.59 -5.69
CA LEU A 108 10.65 13.49 -5.69
C LEU A 108 10.88 13.02 -7.13
#